data_3VYK
# 
_entry.id   3VYK 
# 
_audit_conform.dict_name       mmcif_pdbx.dic 
_audit_conform.dict_version    5.399 
_audit_conform.dict_location   http://mmcif.pdb.org/dictionaries/ascii/mmcif_pdbx.dic 
# 
loop_
_database_2.database_id 
_database_2.database_code 
_database_2.pdbx_database_accession 
_database_2.pdbx_DOI 
PDB   3VYK         pdb_00003vyk 10.2210/pdb3vyk/pdb 
RCSB  RCSB095661   ?            ?                   
WWPDB D_1000095661 ?            ?                   
# 
loop_
_pdbx_audit_revision_history.ordinal 
_pdbx_audit_revision_history.data_content_type 
_pdbx_audit_revision_history.major_revision 
_pdbx_audit_revision_history.minor_revision 
_pdbx_audit_revision_history.revision_date 
1 'Structure model' 1 0 2013-10-02 
2 'Structure model' 1 1 2013-10-16 
3 'Structure model' 1 2 2013-12-11 
4 'Structure model' 2 0 2020-07-29 
5 'Structure model' 2 1 2024-11-20 
# 
loop_
_pdbx_audit_revision_details.ordinal 
_pdbx_audit_revision_details.revision_ordinal 
_pdbx_audit_revision_details.data_content_type 
_pdbx_audit_revision_details.provider 
_pdbx_audit_revision_details.type 
_pdbx_audit_revision_details.description 
_pdbx_audit_revision_details.details 
1 1 'Structure model' repository 'Initial release' ?                          ? 
2 4 'Structure model' repository Remediation       'Carbohydrate remediation' ? 
# 
loop_
_pdbx_audit_revision_group.ordinal 
_pdbx_audit_revision_group.revision_ordinal 
_pdbx_audit_revision_group.data_content_type 
_pdbx_audit_revision_group.group 
1  2 'Structure model' 'Database references'  
2  3 'Structure model' 'Database references'  
3  4 'Structure model' 'Atomic model'         
4  4 'Structure model' 'Data collection'      
5  4 'Structure model' 'Database references'  
6  4 'Structure model' 'Derived calculations' 
7  4 'Structure model' 'Structure summary'    
8  5 'Structure model' 'Data collection'      
9  5 'Structure model' 'Database references'  
10 5 'Structure model' 'Structure summary'    
# 
loop_
_pdbx_audit_revision_category.ordinal 
_pdbx_audit_revision_category.revision_ordinal 
_pdbx_audit_revision_category.data_content_type 
_pdbx_audit_revision_category.category 
1  4 'Structure model' atom_site                     
2  4 'Structure model' chem_comp                     
3  4 'Structure model' entity                        
4  4 'Structure model' pdbx_branch_scheme            
5  4 'Structure model' pdbx_chem_comp_identifier     
6  4 'Structure model' pdbx_entity_branch            
7  4 'Structure model' pdbx_entity_branch_descriptor 
8  4 'Structure model' pdbx_entity_branch_link       
9  4 'Structure model' pdbx_entity_branch_list       
10 4 'Structure model' pdbx_entity_nonpoly           
11 4 'Structure model' pdbx_nonpoly_scheme           
12 4 'Structure model' pdbx_struct_assembly_gen      
13 4 'Structure model' pdbx_struct_conn_angle        
14 4 'Structure model' struct_asym                   
15 4 'Structure model' struct_conn                   
16 4 'Structure model' struct_ref_seq_dif            
17 4 'Structure model' struct_site                   
18 4 'Structure model' struct_site_gen               
19 5 'Structure model' chem_comp                     
20 5 'Structure model' chem_comp_atom                
21 5 'Structure model' chem_comp_bond                
22 5 'Structure model' database_2                    
23 5 'Structure model' pdbx_entry_details            
24 5 'Structure model' pdbx_modification_feature     
# 
loop_
_pdbx_audit_revision_item.ordinal 
_pdbx_audit_revision_item.revision_ordinal 
_pdbx_audit_revision_item.data_content_type 
_pdbx_audit_revision_item.item 
1  4 'Structure model' '_atom_site.auth_asym_id'                     
2  4 'Structure model' '_atom_site.auth_seq_id'                      
3  4 'Structure model' '_atom_site.label_asym_id'                    
4  4 'Structure model' '_atom_site.label_entity_id'                  
5  4 'Structure model' '_chem_comp.mon_nstd_flag'                    
6  4 'Structure model' '_chem_comp.name'                             
7  4 'Structure model' '_chem_comp.type'                             
8  4 'Structure model' '_pdbx_struct_assembly_gen.asym_id_list'      
9  4 'Structure model' '_pdbx_struct_conn_angle.ptnr1_auth_asym_id'  
10 4 'Structure model' '_pdbx_struct_conn_angle.ptnr1_auth_comp_id'  
11 4 'Structure model' '_pdbx_struct_conn_angle.ptnr1_auth_seq_id'   
12 4 'Structure model' '_pdbx_struct_conn_angle.ptnr1_label_asym_id' 
13 4 'Structure model' '_pdbx_struct_conn_angle.ptnr1_label_atom_id' 
14 4 'Structure model' '_pdbx_struct_conn_angle.ptnr1_label_comp_id' 
15 4 'Structure model' '_pdbx_struct_conn_angle.ptnr1_label_seq_id'  
16 4 'Structure model' '_pdbx_struct_conn_angle.ptnr2_label_asym_id' 
17 4 'Structure model' '_pdbx_struct_conn_angle.ptnr3_auth_asym_id'  
18 4 'Structure model' '_pdbx_struct_conn_angle.ptnr3_auth_comp_id'  
19 4 'Structure model' '_pdbx_struct_conn_angle.ptnr3_auth_seq_id'   
20 4 'Structure model' '_pdbx_struct_conn_angle.ptnr3_label_asym_id' 
21 4 'Structure model' '_pdbx_struct_conn_angle.ptnr3_label_atom_id' 
22 4 'Structure model' '_pdbx_struct_conn_angle.ptnr3_label_comp_id' 
23 4 'Structure model' '_pdbx_struct_conn_angle.ptnr3_label_seq_id'  
24 4 'Structure model' '_pdbx_struct_conn_angle.value'               
25 4 'Structure model' '_struct_conn.conn_type_id'                   
26 4 'Structure model' '_struct_conn.id'                             
27 4 'Structure model' '_struct_conn.pdbx_dist_value'                
28 4 'Structure model' '_struct_conn.pdbx_leaving_atom_flag'         
29 4 'Structure model' '_struct_conn.ptnr1_auth_asym_id'             
30 4 'Structure model' '_struct_conn.ptnr1_auth_comp_id'             
31 4 'Structure model' '_struct_conn.ptnr1_auth_seq_id'              
32 4 'Structure model' '_struct_conn.ptnr1_label_asym_id'            
33 4 'Structure model' '_struct_conn.ptnr1_label_atom_id'            
34 4 'Structure model' '_struct_conn.ptnr1_label_comp_id'            
35 4 'Structure model' '_struct_conn.ptnr1_label_seq_id'             
36 4 'Structure model' '_struct_conn.ptnr2_auth_asym_id'             
37 4 'Structure model' '_struct_conn.ptnr2_auth_comp_id'             
38 4 'Structure model' '_struct_conn.ptnr2_auth_seq_id'              
39 4 'Structure model' '_struct_conn.ptnr2_label_asym_id'            
40 4 'Structure model' '_struct_conn.ptnr2_label_atom_id'            
41 4 'Structure model' '_struct_conn.ptnr2_label_comp_id'            
42 4 'Structure model' '_struct_ref_seq_dif.details'                 
43 5 'Structure model' '_chem_comp.pdbx_synonyms'                    
44 5 'Structure model' '_database_2.pdbx_DOI'                        
45 5 'Structure model' '_database_2.pdbx_database_accession'         
# 
_pdbx_database_status.status_code                     REL 
_pdbx_database_status.entry_id                        3VYK 
_pdbx_database_status.recvd_initial_deposition_date   2012-09-26 
_pdbx_database_status.deposit_site                    PDBJ 
_pdbx_database_status.process_site                    PDBJ 
_pdbx_database_status.methods_development_category    ? 
_pdbx_database_status.status_code_sf                  REL 
_pdbx_database_status.status_code_mr                  ? 
_pdbx_database_status.SG_entry                        ? 
_pdbx_database_status.status_code_cs                  ? 
_pdbx_database_status.pdb_format_compatible           Y 
_pdbx_database_status.status_code_nmr_data            ? 
# 
_pdbx_database_related.db_name        PDB 
_pdbx_database_related.db_id          3VYJ 
_pdbx_database_related.details        . 
_pdbx_database_related.content_type   unspecified 
# 
loop_
_audit_author.name 
_audit_author.pdbx_ordinal 
'Nagae, M.'     1 
'Yamanaka, K.'  2 
'Hanashima, S.' 3 
'Ikeda, A.'     4 
'Satoh, T.'     5 
'Matsumoto, N.' 6 
'Yamamoto, K.'  7 
'Yamaguchi, Y.' 8 
# 
_citation.id                        primary 
_citation.title                     
;Recognition of Bisecting N-Acetylglucosamine: STRUCTURAL BASIS FOR ASYMMETRIC INTERACTION WITH THE MOUSE LECTIN DENDRITIC CELL INHIBITORY RECEPTOR 2
;
_citation.journal_abbrev            J.Biol.Chem. 
_citation.journal_volume            288 
_citation.page_first                33598 
_citation.page_last                 33610 
_citation.year                      2013 
_citation.journal_id_ASTM           JBCHA3 
_citation.country                   US 
_citation.journal_id_ISSN           0021-9258 
_citation.journal_id_CSD            0071 
_citation.book_publisher            ? 
_citation.pdbx_database_id_PubMed   24108122 
_citation.pdbx_database_id_DOI      10.1074/jbc.M113.513572 
# 
loop_
_citation_author.citation_id 
_citation_author.name 
_citation_author.ordinal 
_citation_author.identifier_ORCID 
primary 'Nagae, M.'            1 ? 
primary 'Yamanaka, K.'         2 ? 
primary 'Hanashima, S.'        3 ? 
primary 'Ikeda, A.'            4 ? 
primary 'Morita-Matsumoto, K.' 5 ? 
primary 'Satoh, T.'            6 ? 
primary 'Matsumoto, N.'        7 ? 
primary 'Yamamoto, K.'         8 ? 
primary 'Yamaguchi, Y.'        9 ? 
# 
loop_
_entity.id 
_entity.type 
_entity.src_method 
_entity.pdbx_description 
_entity.formula_weight 
_entity.pdbx_number_of_molecules 
_entity.pdbx_ec 
_entity.pdbx_mutation 
_entity.pdbx_fragment 
_entity.details 
1 polymer     man 'C-type lectin domain family 4, member a4' 14960.639 1  ? ? 'UNP residues 107-233' ? 
2 branched    man 
;2-acetamido-2-deoxy-beta-D-glucopyranose-(1-2)-alpha-D-mannopyranose-(1-3)-[2-acetamido-2-deoxy-beta-D-glucopyranose-(1-2)-alpha-D-mannopyranose-(1-6)][2-acetamido-2-deoxy-beta-D-glucopyranose-(1-4)]methyl alpha-D-mannopyranoside
;
1128.042  1  ? ? ?                      ? 
3 non-polymer syn 'CALCIUM ION' 40.078    1  ? ? ?                      ? 
4 non-polymer syn 'SULFATE ION' 96.063    2  ? ? ?                      ? 
5 non-polymer syn 1,2-ETHANEDIOL 62.068    1  ? ? ?                      ? 
6 water       nat water 18.015    88 ? ? ?                      ? 
# 
_entity_name_com.entity_id   1 
_entity_name_com.name        'Dendritic cell immunoreceptor-2, Dendritic cell inhibitory receptor 2, MCG1050915, Protein Clec4a4' 
# 
_entity_poly.entity_id                      1 
_entity_poly.type                           'polypeptide(L)' 
_entity_poly.nstd_linkage                   no 
_entity_poly.nstd_monomer                   no 
_entity_poly.pdbx_seq_one_letter_code       
;GSCPKDWKPFVSHCYFILNDSKASWNESEEKCSHMGAHLVVIHSQAEQDFITSNLNTSAGYFIGLLDAGQRQWRWIDQTP
YNKSATFWHKGEPNQDWERCVIINHKTTGWGWNDIPCKDEHNSVCQVKK
;
_entity_poly.pdbx_seq_one_letter_code_can   
;GSCPKDWKPFVSHCYFILNDSKASWNESEEKCSHMGAHLVVIHSQAEQDFITSNLNTSAGYFIGLLDAGQRQWRWIDQTP
YNKSATFWHKGEPNQDWERCVIINHKTTGWGWNDIPCKDEHNSVCQVKK
;
_entity_poly.pdbx_strand_id                 A 
_entity_poly.pdbx_target_identifier         ? 
# 
loop_
_pdbx_entity_nonpoly.entity_id 
_pdbx_entity_nonpoly.name 
_pdbx_entity_nonpoly.comp_id 
3 'CALCIUM ION'  CA  
4 'SULFATE ION'  SO4 
5 1,2-ETHANEDIOL EDO 
6 water          HOH 
# 
loop_
_entity_poly_seq.entity_id 
_entity_poly_seq.num 
_entity_poly_seq.mon_id 
_entity_poly_seq.hetero 
1 1   GLY n 
1 2   SER n 
1 3   CYS n 
1 4   PRO n 
1 5   LYS n 
1 6   ASP n 
1 7   TRP n 
1 8   LYS n 
1 9   PRO n 
1 10  PHE n 
1 11  VAL n 
1 12  SER n 
1 13  HIS n 
1 14  CYS n 
1 15  TYR n 
1 16  PHE n 
1 17  ILE n 
1 18  LEU n 
1 19  ASN n 
1 20  ASP n 
1 21  SER n 
1 22  LYS n 
1 23  ALA n 
1 24  SER n 
1 25  TRP n 
1 26  ASN n 
1 27  GLU n 
1 28  SER n 
1 29  GLU n 
1 30  GLU n 
1 31  LYS n 
1 32  CYS n 
1 33  SER n 
1 34  HIS n 
1 35  MET n 
1 36  GLY n 
1 37  ALA n 
1 38  HIS n 
1 39  LEU n 
1 40  VAL n 
1 41  VAL n 
1 42  ILE n 
1 43  HIS n 
1 44  SER n 
1 45  GLN n 
1 46  ALA n 
1 47  GLU n 
1 48  GLN n 
1 49  ASP n 
1 50  PHE n 
1 51  ILE n 
1 52  THR n 
1 53  SER n 
1 54  ASN n 
1 55  LEU n 
1 56  ASN n 
1 57  THR n 
1 58  SER n 
1 59  ALA n 
1 60  GLY n 
1 61  TYR n 
1 62  PHE n 
1 63  ILE n 
1 64  GLY n 
1 65  LEU n 
1 66  LEU n 
1 67  ASP n 
1 68  ALA n 
1 69  GLY n 
1 70  GLN n 
1 71  ARG n 
1 72  GLN n 
1 73  TRP n 
1 74  ARG n 
1 75  TRP n 
1 76  ILE n 
1 77  ASP n 
1 78  GLN n 
1 79  THR n 
1 80  PRO n 
1 81  TYR n 
1 82  ASN n 
1 83  LYS n 
1 84  SER n 
1 85  ALA n 
1 86  THR n 
1 87  PHE n 
1 88  TRP n 
1 89  HIS n 
1 90  LYS n 
1 91  GLY n 
1 92  GLU n 
1 93  PRO n 
1 94  ASN n 
1 95  GLN n 
1 96  ASP n 
1 97  TRP n 
1 98  GLU n 
1 99  ARG n 
1 100 CYS n 
1 101 VAL n 
1 102 ILE n 
1 103 ILE n 
1 104 ASN n 
1 105 HIS n 
1 106 LYS n 
1 107 THR n 
1 108 THR n 
1 109 GLY n 
1 110 TRP n 
1 111 GLY n 
1 112 TRP n 
1 113 ASN n 
1 114 ASP n 
1 115 ILE n 
1 116 PRO n 
1 117 CYS n 
1 118 LYS n 
1 119 ASP n 
1 120 GLU n 
1 121 HIS n 
1 122 ASN n 
1 123 SER n 
1 124 VAL n 
1 125 CYS n 
1 126 GLN n 
1 127 VAL n 
1 128 LYS n 
1 129 LYS n 
# 
_entity_src_gen.entity_id                          1 
_entity_src_gen.pdbx_src_id                        1 
_entity_src_gen.pdbx_alt_source_flag               sample 
_entity_src_gen.pdbx_seq_type                      ? 
_entity_src_gen.pdbx_beg_seq_num                   ? 
_entity_src_gen.pdbx_end_seq_num                   ? 
_entity_src_gen.gene_src_common_name               mouse 
_entity_src_gen.gene_src_genus                     ? 
_entity_src_gen.pdbx_gene_src_gene                 Dcir2 
_entity_src_gen.gene_src_species                   ? 
_entity_src_gen.gene_src_strain                    ? 
_entity_src_gen.gene_src_tissue                    ? 
_entity_src_gen.gene_src_tissue_fraction           ? 
_entity_src_gen.gene_src_details                   ? 
_entity_src_gen.pdbx_gene_src_fragment             ? 
_entity_src_gen.pdbx_gene_src_scientific_name      'Mus musculus' 
_entity_src_gen.pdbx_gene_src_ncbi_taxonomy_id     10090 
_entity_src_gen.pdbx_gene_src_variant              ? 
_entity_src_gen.pdbx_gene_src_cell_line            ? 
_entity_src_gen.pdbx_gene_src_atcc                 ? 
_entity_src_gen.pdbx_gene_src_organ                ? 
_entity_src_gen.pdbx_gene_src_organelle            ? 
_entity_src_gen.pdbx_gene_src_cell                 ? 
_entity_src_gen.pdbx_gene_src_cellular_location    ? 
_entity_src_gen.host_org_common_name               ? 
_entity_src_gen.pdbx_host_org_scientific_name      'Escherichia coli' 
_entity_src_gen.pdbx_host_org_ncbi_taxonomy_id     562 
_entity_src_gen.host_org_genus                     ? 
_entity_src_gen.pdbx_host_org_gene                 ? 
_entity_src_gen.pdbx_host_org_organ                ? 
_entity_src_gen.host_org_species                   ? 
_entity_src_gen.pdbx_host_org_tissue               ? 
_entity_src_gen.pdbx_host_org_tissue_fraction      ? 
_entity_src_gen.pdbx_host_org_strain               'Rosetta DE3' 
_entity_src_gen.pdbx_host_org_variant              ? 
_entity_src_gen.pdbx_host_org_cell_line            ? 
_entity_src_gen.pdbx_host_org_atcc                 ? 
_entity_src_gen.pdbx_host_org_culture_collection   ? 
_entity_src_gen.pdbx_host_org_cell                 ? 
_entity_src_gen.pdbx_host_org_organelle            ? 
_entity_src_gen.pdbx_host_org_cellular_location    ? 
_entity_src_gen.pdbx_host_org_vector_type          plasmid 
_entity_src_gen.pdbx_host_org_vector               ? 
_entity_src_gen.host_org_details                   ? 
_entity_src_gen.expression_system_id               ? 
_entity_src_gen.plasmid_name                       'pCold vector' 
_entity_src_gen.plasmid_details                    ? 
_entity_src_gen.pdbx_description                   ? 
# 
_pdbx_entity_branch.entity_id   2 
_pdbx_entity_branch.type        oligosaccharide 
# 
loop_
_pdbx_entity_branch_descriptor.ordinal 
_pdbx_entity_branch_descriptor.entity_id 
_pdbx_entity_branch_descriptor.descriptor 
_pdbx_entity_branch_descriptor.type 
_pdbx_entity_branch_descriptor.program 
_pdbx_entity_branch_descriptor.program_version 
1 2 'DGlcpNAcb1-2DManpa1-3[DGlcpNAcb1-2DManpa1-6][DGlcpNAcb1-4]DManp[1Me]a1-OME' 'Glycam Condensed Sequence' GMML       1.0   
2 2 'WURCS=2.0/3,6,5/[a1122h-1a_1-5_1*OC][a1122h-1a_1-5][a2122h-1b_1-5_2*NCC/3=O]/1-2-3-3-2-3/a3-b1_a4-d1_a6-e1_b2-c1_e2-f1' WURCS 
PDB2Glycan 1.1.0 
3 2 
;[][methyl]{[(1+1)][a-D-Manp]{[(3+1)][a-D-Manp]{[(2+1)][b-D-GlcpNAc]{}}[(4+1)][b-D-GlcpNAc]{}[(6+1)][a-D-Manp]{[(2+1)][b-D-GlcpNAc]{}}}}
;
LINUCS                      PDB-CARE   ?     
# 
loop_
_pdbx_entity_branch_link.link_id 
_pdbx_entity_branch_link.entity_id 
_pdbx_entity_branch_link.entity_branch_list_num_1 
_pdbx_entity_branch_link.comp_id_1 
_pdbx_entity_branch_link.atom_id_1 
_pdbx_entity_branch_link.leaving_atom_id_1 
_pdbx_entity_branch_link.entity_branch_list_num_2 
_pdbx_entity_branch_link.comp_id_2 
_pdbx_entity_branch_link.atom_id_2 
_pdbx_entity_branch_link.leaving_atom_id_2 
_pdbx_entity_branch_link.value_order 
_pdbx_entity_branch_link.details 
1 2 2 MAN C1 O1 1 MMA O3 HO3 sing ? 
2 2 3 NAG C1 O1 2 MAN O2 HO2 sing ? 
3 2 4 MAN C1 O1 1 MMA O6 HO6 sing ? 
4 2 5 NAG C1 O1 4 MAN O2 HO2 sing ? 
5 2 6 NAG C1 O1 1 MMA O4 HO4 sing ? 
# 
loop_
_chem_comp.id 
_chem_comp.type 
_chem_comp.mon_nstd_flag 
_chem_comp.name 
_chem_comp.pdbx_synonyms 
_chem_comp.formula 
_chem_comp.formula_weight 
ALA 'L-peptide linking'           y ALANINE                                  ? 'C3 H7 N O2'     89.093  
ARG 'L-peptide linking'           y ARGININE                                 ? 'C6 H15 N4 O2 1' 175.209 
ASN 'L-peptide linking'           y ASPARAGINE                               ? 'C4 H8 N2 O3'    132.118 
ASP 'L-peptide linking'           y 'ASPARTIC ACID'                          ? 'C4 H7 N O4'     133.103 
CA  non-polymer                   . 'CALCIUM ION'                            ? 'Ca 2'           40.078  
CYS 'L-peptide linking'           y CYSTEINE                                 ? 'C3 H7 N O2 S'   121.158 
EDO non-polymer                   . 1,2-ETHANEDIOL                           'ETHYLENE GLYCOL' 'C2 H6 O2'       62.068  
GLN 'L-peptide linking'           y GLUTAMINE                                ? 'C5 H10 N2 O3'   146.144 
GLU 'L-peptide linking'           y 'GLUTAMIC ACID'                          ? 'C5 H9 N O4'     147.129 
GLY 'peptide linking'             y GLYCINE                                  ? 'C2 H5 N O2'     75.067  
HIS 'L-peptide linking'           y HISTIDINE                                ? 'C6 H10 N3 O2 1' 156.162 
HOH non-polymer                   . WATER                                    ? 'H2 O'           18.015  
ILE 'L-peptide linking'           y ISOLEUCINE                               ? 'C6 H13 N O2'    131.173 
LEU 'L-peptide linking'           y LEUCINE                                  ? 'C6 H13 N O2'    131.173 
LYS 'L-peptide linking'           y LYSINE                                   ? 'C6 H15 N2 O2 1' 147.195 
MAN 'D-saccharide, alpha linking' . alpha-D-mannopyranose                    'alpha-D-mannose; D-mannose; mannose' 'C6 H12 O6' 
180.156 
MET 'L-peptide linking'           y METHIONINE                               ? 'C5 H11 N O2 S'  149.211 
MMA D-saccharide                  n 'methyl alpha-D-mannopyranoside'         
'O1-METHYL-MANNOSE; methyl alpha-D-mannoside; methyl D-mannoside; methyl mannoside' 'C7 H14 O6'      194.182 
NAG 'D-saccharide, beta linking'  . 2-acetamido-2-deoxy-beta-D-glucopyranose 
;N-acetyl-beta-D-glucosamine; 2-acetamido-2-deoxy-beta-D-glucose; 2-acetamido-2-deoxy-D-glucose; 2-acetamido-2-deoxy-glucose; N-ACETYL-D-GLUCOSAMINE
;
'C8 H15 N O6'    221.208 
PHE 'L-peptide linking'           y PHENYLALANINE                            ? 'C9 H11 N O2'    165.189 
PRO 'L-peptide linking'           y PROLINE                                  ? 'C5 H9 N O2'     115.130 
SER 'L-peptide linking'           y SERINE                                   ? 'C3 H7 N O3'     105.093 
SO4 non-polymer                   . 'SULFATE ION'                            ? 'O4 S -2'        96.063  
THR 'L-peptide linking'           y THREONINE                                ? 'C4 H9 N O3'     119.119 
TRP 'L-peptide linking'           y TRYPTOPHAN                               ? 'C11 H12 N2 O2'  204.225 
TYR 'L-peptide linking'           y TYROSINE                                 ? 'C9 H11 N O3'    181.189 
VAL 'L-peptide linking'           y VALINE                                   ? 'C5 H11 N O2'    117.146 
# 
loop_
_pdbx_chem_comp_identifier.comp_id 
_pdbx_chem_comp_identifier.type 
_pdbx_chem_comp_identifier.program 
_pdbx_chem_comp_identifier.program_version 
_pdbx_chem_comp_identifier.identifier 
MAN 'CONDENSED IUPAC CARBOHYDRATE SYMBOL' GMML     1.0 DManpa                         
MAN 'COMMON NAME'                         GMML     1.0 a-D-mannopyranose              
MAN 'IUPAC CARBOHYDRATE SYMBOL'           PDB-CARE 1.0 a-D-Manp                       
MAN 'SNFG CARBOHYDRATE SYMBOL'            GMML     1.0 Man                            
MMA 'CONDENSED IUPAC CARBOHYDRATE SYMBOL' GMML     1.0 'DManp[1Me]a'                  
MMA 'COMMON NAME'                         GMML     1.0 1-methyl-a-D-mannopyranose     
MMA 'IUPAC CARBOHYDRATE SYMBOL'           PDB-CARE 1.0 o1-methyl-mannose              
NAG 'CONDENSED IUPAC CARBOHYDRATE SYMBOL' GMML     1.0 DGlcpNAcb                      
NAG 'COMMON NAME'                         GMML     1.0 N-acetyl-b-D-glucopyranosamine 
NAG 'IUPAC CARBOHYDRATE SYMBOL'           PDB-CARE 1.0 b-D-GlcpNAc                    
NAG 'SNFG CARBOHYDRATE SYMBOL'            GMML     1.0 GlcNAc                         
# 
loop_
_pdbx_poly_seq_scheme.asym_id 
_pdbx_poly_seq_scheme.entity_id 
_pdbx_poly_seq_scheme.seq_id 
_pdbx_poly_seq_scheme.mon_id 
_pdbx_poly_seq_scheme.ndb_seq_num 
_pdbx_poly_seq_scheme.pdb_seq_num 
_pdbx_poly_seq_scheme.auth_seq_num 
_pdbx_poly_seq_scheme.pdb_mon_id 
_pdbx_poly_seq_scheme.auth_mon_id 
_pdbx_poly_seq_scheme.pdb_strand_id 
_pdbx_poly_seq_scheme.pdb_ins_code 
_pdbx_poly_seq_scheme.hetero 
A 1 1   GLY 1   105 ?   ?   ?   A . n 
A 1 2   SER 2   106 106 SER SER A . n 
A 1 3   CYS 3   107 107 CYS CYS A . n 
A 1 4   PRO 4   108 108 PRO PRO A . n 
A 1 5   LYS 5   109 109 LYS LYS A . n 
A 1 6   ASP 6   110 110 ASP ASP A . n 
A 1 7   TRP 7   111 111 TRP TRP A . n 
A 1 8   LYS 8   112 112 LYS LYS A . n 
A 1 9   PRO 9   113 113 PRO PRO A . n 
A 1 10  PHE 10  114 114 PHE PHE A . n 
A 1 11  VAL 11  115 115 VAL VAL A . n 
A 1 12  SER 12  116 116 SER SER A . n 
A 1 13  HIS 13  117 117 HIS HIS A . n 
A 1 14  CYS 14  118 118 CYS CYS A . n 
A 1 15  TYR 15  119 119 TYR TYR A . n 
A 1 16  PHE 16  120 120 PHE PHE A . n 
A 1 17  ILE 17  121 121 ILE ILE A . n 
A 1 18  LEU 18  122 122 LEU LEU A . n 
A 1 19  ASN 19  123 123 ASN ASN A . n 
A 1 20  ASP 20  124 124 ASP ASP A . n 
A 1 21  SER 21  125 125 SER SER A . n 
A 1 22  LYS 22  126 126 LYS LYS A . n 
A 1 23  ALA 23  127 127 ALA ALA A . n 
A 1 24  SER 24  128 128 SER SER A . n 
A 1 25  TRP 25  129 129 TRP TRP A . n 
A 1 26  ASN 26  130 130 ASN ASN A . n 
A 1 27  GLU 27  131 131 GLU GLU A . n 
A 1 28  SER 28  132 132 SER SER A . n 
A 1 29  GLU 29  133 133 GLU GLU A . n 
A 1 30  GLU 30  134 134 GLU GLU A . n 
A 1 31  LYS 31  135 135 LYS LYS A . n 
A 1 32  CYS 32  136 136 CYS CYS A . n 
A 1 33  SER 33  137 137 SER SER A . n 
A 1 34  HIS 34  138 138 HIS HIS A . n 
A 1 35  MET 35  139 139 MET MET A . n 
A 1 36  GLY 36  140 140 GLY GLY A . n 
A 1 37  ALA 37  141 141 ALA ALA A . n 
A 1 38  HIS 38  142 142 HIS HIS A . n 
A 1 39  LEU 39  143 143 LEU LEU A . n 
A 1 40  VAL 40  144 144 VAL VAL A . n 
A 1 41  VAL 41  145 145 VAL VAL A . n 
A 1 42  ILE 42  146 146 ILE ILE A . n 
A 1 43  HIS 43  147 147 HIS HIS A . n 
A 1 44  SER 44  148 148 SER SER A . n 
A 1 45  GLN 45  149 149 GLN GLN A . n 
A 1 46  ALA 46  150 150 ALA ALA A . n 
A 1 47  GLU 47  151 151 GLU GLU A . n 
A 1 48  GLN 48  152 152 GLN GLN A . n 
A 1 49  ASP 49  153 153 ASP ASP A . n 
A 1 50  PHE 50  154 154 PHE PHE A . n 
A 1 51  ILE 51  155 155 ILE ILE A . n 
A 1 52  THR 52  156 156 THR THR A . n 
A 1 53  SER 53  157 157 SER SER A . n 
A 1 54  ASN 54  158 158 ASN ASN A . n 
A 1 55  LEU 55  159 159 LEU LEU A . n 
A 1 56  ASN 56  160 160 ASN ASN A . n 
A 1 57  THR 57  161 161 THR THR A . n 
A 1 58  SER 58  162 162 SER SER A . n 
A 1 59  ALA 59  163 163 ALA ALA A . n 
A 1 60  GLY 60  164 164 GLY GLY A . n 
A 1 61  TYR 61  165 165 TYR TYR A . n 
A 1 62  PHE 62  166 166 PHE PHE A . n 
A 1 63  ILE 63  167 167 ILE ILE A . n 
A 1 64  GLY 64  168 168 GLY GLY A . n 
A 1 65  LEU 65  169 169 LEU LEU A . n 
A 1 66  LEU 66  170 170 LEU LEU A . n 
A 1 67  ASP 67  171 171 ASP ASP A . n 
A 1 68  ALA 68  172 172 ALA ALA A . n 
A 1 69  GLY 69  173 173 GLY GLY A . n 
A 1 70  GLN 70  174 174 GLN GLN A . n 
A 1 71  ARG 71  175 175 ARG ARG A . n 
A 1 72  GLN 72  176 176 GLN GLN A . n 
A 1 73  TRP 73  177 177 TRP TRP A . n 
A 1 74  ARG 74  178 178 ARG ARG A . n 
A 1 75  TRP 75  179 179 TRP TRP A . n 
A 1 76  ILE 76  180 180 ILE ILE A . n 
A 1 77  ASP 77  181 181 ASP ASP A . n 
A 1 78  GLN 78  182 182 GLN GLN A . n 
A 1 79  THR 79  183 183 THR THR A . n 
A 1 80  PRO 80  184 184 PRO PRO A . n 
A 1 81  TYR 81  185 185 TYR TYR A . n 
A 1 82  ASN 82  186 186 ASN ASN A . n 
A 1 83  LYS 83  187 187 LYS LYS A . n 
A 1 84  SER 84  188 188 SER SER A . n 
A 1 85  ALA 85  189 189 ALA ALA A . n 
A 1 86  THR 86  190 190 THR THR A . n 
A 1 87  PHE 87  191 191 PHE PHE A . n 
A 1 88  TRP 88  192 192 TRP TRP A . n 
A 1 89  HIS 89  193 193 HIS HIS A . n 
A 1 90  LYS 90  194 194 LYS LYS A . n 
A 1 91  GLY 91  195 195 GLY GLY A . n 
A 1 92  GLU 92  196 196 GLU GLU A . n 
A 1 93  PRO 93  197 197 PRO PRO A . n 
A 1 94  ASN 94  198 198 ASN ASN A . n 
A 1 95  GLN 95  199 199 GLN GLN A . n 
A 1 96  ASP 96  200 200 ASP ASP A . n 
A 1 97  TRP 97  201 201 TRP TRP A . n 
A 1 98  GLU 98  202 202 GLU GLU A . n 
A 1 99  ARG 99  203 203 ARG ARG A . n 
A 1 100 CYS 100 204 204 CYS CYS A . n 
A 1 101 VAL 101 205 205 VAL VAL A . n 
A 1 102 ILE 102 206 206 ILE ILE A . n 
A 1 103 ILE 103 207 207 ILE ILE A . n 
A 1 104 ASN 104 208 208 ASN ASN A . n 
A 1 105 HIS 105 209 209 HIS HIS A . n 
A 1 106 LYS 106 210 210 LYS LYS A . n 
A 1 107 THR 107 211 211 THR THR A . n 
A 1 108 THR 108 212 212 THR THR A . n 
A 1 109 GLY 109 213 213 GLY GLY A . n 
A 1 110 TRP 110 214 214 TRP TRP A . n 
A 1 111 GLY 111 215 215 GLY GLY A . n 
A 1 112 TRP 112 216 216 TRP TRP A . n 
A 1 113 ASN 113 217 217 ASN ASN A . n 
A 1 114 ASP 114 218 218 ASP ASP A . n 
A 1 115 ILE 115 219 219 ILE ILE A . n 
A 1 116 PRO 116 220 220 PRO PRO A . n 
A 1 117 CYS 117 221 221 CYS CYS A . n 
A 1 118 LYS 118 222 222 LYS LYS A . n 
A 1 119 ASP 119 223 223 ASP ASP A . n 
A 1 120 GLU 120 224 224 GLU GLU A . n 
A 1 121 HIS 121 225 225 HIS HIS A . n 
A 1 122 ASN 122 226 226 ASN ASN A . n 
A 1 123 SER 123 227 227 SER SER A . n 
A 1 124 VAL 124 228 228 VAL VAL A . n 
A 1 125 CYS 125 229 229 CYS CYS A . n 
A 1 126 GLN 126 230 230 GLN GLN A . n 
A 1 127 VAL 127 231 231 VAL VAL A . n 
A 1 128 LYS 128 232 232 LYS LYS A . n 
A 1 129 LYS 129 233 233 LYS LYS A . n 
# 
loop_
_pdbx_branch_scheme.asym_id 
_pdbx_branch_scheme.entity_id 
_pdbx_branch_scheme.mon_id 
_pdbx_branch_scheme.num 
_pdbx_branch_scheme.pdb_asym_id 
_pdbx_branch_scheme.pdb_mon_id 
_pdbx_branch_scheme.pdb_seq_num 
_pdbx_branch_scheme.auth_asym_id 
_pdbx_branch_scheme.auth_mon_id 
_pdbx_branch_scheme.auth_seq_num 
_pdbx_branch_scheme.hetero 
B 2 MMA 1 B MMA 1 A OMM 1001 n 
B 2 MAN 2 B MAN 2 A MAN 1002 n 
B 2 NAG 3 B NAG 3 A NAG 1003 n 
B 2 MAN 4 B MAN 4 A MAN 1004 n 
B 2 NAG 5 B NAG 5 A NAG 1005 n 
B 2 NAG 6 B NAG 6 A NAG 1006 n 
# 
loop_
_pdbx_nonpoly_scheme.asym_id 
_pdbx_nonpoly_scheme.entity_id 
_pdbx_nonpoly_scheme.mon_id 
_pdbx_nonpoly_scheme.ndb_seq_num 
_pdbx_nonpoly_scheme.pdb_seq_num 
_pdbx_nonpoly_scheme.auth_seq_num 
_pdbx_nonpoly_scheme.pdb_mon_id 
_pdbx_nonpoly_scheme.auth_mon_id 
_pdbx_nonpoly_scheme.pdb_strand_id 
_pdbx_nonpoly_scheme.pdb_ins_code 
C 3 CA  1  1007 2001 CA  CA  A . 
D 4 SO4 1  1008 1    SO4 SO4 A . 
E 4 SO4 1  1009 2    SO4 SO4 A . 
F 5 EDO 1  1010 3    EDO EDO A . 
G 6 HOH 1  1101 1    HOH HOH A . 
G 6 HOH 2  1102 2    HOH HOH A . 
G 6 HOH 3  1103 3    HOH HOH A . 
G 6 HOH 4  1104 4    HOH HOH A . 
G 6 HOH 5  1105 5    HOH HOH A . 
G 6 HOH 6  1106 6    HOH HOH A . 
G 6 HOH 7  1107 7    HOH HOH A . 
G 6 HOH 8  1108 8    HOH HOH A . 
G 6 HOH 9  1109 9    HOH HOH A . 
G 6 HOH 10 1110 10   HOH HOH A . 
G 6 HOH 11 1111 11   HOH HOH A . 
G 6 HOH 12 1112 12   HOH HOH A . 
G 6 HOH 13 1113 13   HOH HOH A . 
G 6 HOH 14 1114 14   HOH HOH A . 
G 6 HOH 15 1115 15   HOH HOH A . 
G 6 HOH 16 1116 16   HOH HOH A . 
G 6 HOH 17 1117 17   HOH HOH A . 
G 6 HOH 18 1118 18   HOH HOH A . 
G 6 HOH 19 1119 19   HOH HOH A . 
G 6 HOH 20 1120 20   HOH HOH A . 
G 6 HOH 21 1121 21   HOH HOH A . 
G 6 HOH 22 1122 22   HOH HOH A . 
G 6 HOH 23 1123 23   HOH HOH A . 
G 6 HOH 24 1124 24   HOH HOH A . 
G 6 HOH 25 1125 25   HOH HOH A . 
G 6 HOH 26 1126 26   HOH HOH A . 
G 6 HOH 27 1127 27   HOH HOH A . 
G 6 HOH 28 1128 28   HOH HOH A . 
G 6 HOH 29 1129 29   HOH HOH A . 
G 6 HOH 30 1130 30   HOH HOH A . 
G 6 HOH 31 1131 31   HOH HOH A . 
G 6 HOH 32 1132 32   HOH HOH A . 
G 6 HOH 33 1133 33   HOH HOH A . 
G 6 HOH 34 1134 34   HOH HOH A . 
G 6 HOH 35 1135 35   HOH HOH A . 
G 6 HOH 36 1136 36   HOH HOH A . 
G 6 HOH 37 1137 37   HOH HOH A . 
G 6 HOH 38 1138 38   HOH HOH A . 
G 6 HOH 39 1139 39   HOH HOH A . 
G 6 HOH 40 1140 40   HOH HOH A . 
G 6 HOH 41 1141 41   HOH HOH A . 
G 6 HOH 42 1142 42   HOH HOH A . 
G 6 HOH 43 1143 43   HOH HOH A . 
G 6 HOH 44 1144 44   HOH HOH A . 
G 6 HOH 45 1145 45   HOH HOH A . 
G 6 HOH 46 1146 46   HOH HOH A . 
G 6 HOH 47 1147 47   HOH HOH A . 
G 6 HOH 48 1148 48   HOH HOH A . 
G 6 HOH 49 1149 49   HOH HOH A . 
G 6 HOH 50 1150 50   HOH HOH A . 
G 6 HOH 51 1151 51   HOH HOH A . 
G 6 HOH 52 1152 52   HOH HOH A . 
G 6 HOH 53 1153 53   HOH HOH A . 
G 6 HOH 54 1154 54   HOH HOH A . 
G 6 HOH 55 1155 55   HOH HOH A . 
G 6 HOH 56 1156 56   HOH HOH A . 
G 6 HOH 57 1157 57   HOH HOH A . 
G 6 HOH 58 1158 58   HOH HOH A . 
G 6 HOH 59 1159 59   HOH HOH A . 
G 6 HOH 60 1160 60   HOH HOH A . 
G 6 HOH 61 1161 61   HOH HOH A . 
G 6 HOH 62 1162 62   HOH HOH A . 
G 6 HOH 63 1163 63   HOH HOH A . 
G 6 HOH 64 1164 64   HOH HOH A . 
G 6 HOH 65 1165 65   HOH HOH A . 
G 6 HOH 66 1166 66   HOH HOH A . 
G 6 HOH 67 1167 67   HOH HOH A . 
G 6 HOH 68 1168 68   HOH HOH A . 
G 6 HOH 69 1169 69   HOH HOH A . 
G 6 HOH 70 1170 70   HOH HOH A . 
G 6 HOH 71 1171 71   HOH HOH A . 
G 6 HOH 72 1172 72   HOH HOH A . 
G 6 HOH 73 1173 73   HOH HOH A . 
G 6 HOH 74 1174 74   HOH HOH A . 
G 6 HOH 75 1175 75   HOH HOH A . 
G 6 HOH 76 1176 76   HOH HOH A . 
G 6 HOH 77 1177 77   HOH HOH A . 
G 6 HOH 78 1178 78   HOH HOH A . 
G 6 HOH 79 1179 79   HOH HOH A . 
G 6 HOH 80 1180 80   HOH HOH A . 
G 6 HOH 81 1181 81   HOH HOH A . 
G 6 HOH 82 1182 82   HOH HOH A . 
G 6 HOH 83 1183 83   HOH HOH A . 
G 6 HOH 84 1184 84   HOH HOH A . 
G 6 HOH 85 1185 85   HOH HOH A . 
G 6 HOH 86 1186 86   HOH HOH A . 
G 6 HOH 87 1187 87   HOH HOH A . 
G 6 HOH 88 1188 88   HOH HOH A . 
# 
loop_
_software.name 
_software.classification 
_software.version 
_software.citation_id 
_software.pdbx_ordinal 
HKL-2000 'data collection' .        ? 1 
MOLREP   phasing           .        ? 2 
REFMAC   refinement        5.6.0117 ? 3 
HKL-2000 'data reduction'  .        ? 4 
HKL-2000 'data scaling'    .        ? 5 
# 
_cell.entry_id           3VYK 
_cell.length_a           76.341 
_cell.length_b           76.341 
_cell.length_c           50.556 
_cell.angle_alpha        90.00 
_cell.angle_beta         90.00 
_cell.angle_gamma        120.00 
_cell.Z_PDB              6 
_cell.pdbx_unique_axis   ? 
_cell.length_a_esd       ? 
_cell.length_b_esd       ? 
_cell.length_c_esd       ? 
_cell.angle_alpha_esd    ? 
_cell.angle_beta_esd     ? 
_cell.angle_gamma_esd    ? 
# 
_symmetry.entry_id                         3VYK 
_symmetry.space_group_name_H-M             'P 32 2 1' 
_symmetry.pdbx_full_space_group_name_H-M   ? 
_symmetry.cell_setting                     ? 
_symmetry.Int_Tables_number                154 
_symmetry.space_group_name_Hall            ? 
# 
_exptl.entry_id          3VYK 
_exptl.method            'X-RAY DIFFRACTION' 
_exptl.crystals_number   1 
# 
_exptl_crystal.id                    1 
_exptl_crystal.density_meas          ? 
_exptl_crystal.density_Matthews      2.84 
_exptl_crystal.density_percent_sol   56.73 
_exptl_crystal.description           ? 
_exptl_crystal.F_000                 ? 
_exptl_crystal.preparation           ? 
# 
_exptl_crystal_grow.crystal_id      1 
_exptl_crystal_grow.method          'VAPOR DIFFUSION, HANGING DROP' 
_exptl_crystal_grow.temp            293 
_exptl_crystal_grow.temp_details    ? 
_exptl_crystal_grow.pH              6.5 
_exptl_crystal_grow.pdbx_details    
'0.1M bis-tris, 0.2M ammonium sulfate, 25%(w/v) PEG3350, pH 6.5, VAPOR DIFFUSION, HANGING DROP, temperature 293K' 
_exptl_crystal_grow.pdbx_pH_range   . 
# 
_diffrn.id                     1 
_diffrn.ambient_temp           95 
_diffrn.ambient_temp_details   ? 
_diffrn.crystal_id             1 
# 
_diffrn_detector.diffrn_id              1 
_diffrn_detector.detector               CCD 
_diffrn_detector.type                   'ADSC QUANTUM 210r' 
_diffrn_detector.pdbx_collection_date   2011-12-03 
_diffrn_detector.details                ? 
# 
_diffrn_radiation.diffrn_id                        1 
_diffrn_radiation.wavelength_id                    1 
_diffrn_radiation.pdbx_monochromatic_or_laue_m_l   M 
_diffrn_radiation.monochromator                    'Si(1,1,1) double crystal monochromator' 
_diffrn_radiation.pdbx_diffrn_protocol             'SINGLE WAVELENGTH' 
_diffrn_radiation.pdbx_scattering_type             x-ray 
# 
_diffrn_radiation_wavelength.id           1 
_diffrn_radiation_wavelength.wavelength   1.0 
_diffrn_radiation_wavelength.wt           1.0 
# 
_diffrn_source.diffrn_id                   1 
_diffrn_source.source                      SYNCHROTRON 
_diffrn_source.type                        'PHOTON FACTORY BEAMLINE AR-NW12A' 
_diffrn_source.pdbx_synchrotron_site       'Photon Factory' 
_diffrn_source.pdbx_synchrotron_beamline   AR-NW12A 
_diffrn_source.pdbx_wavelength             ? 
_diffrn_source.pdbx_wavelength_list        1.0 
# 
_reflns.entry_id                     3VYK 
_reflns.observed_criterion_sigma_I   -3 
_reflns.observed_criterion_sigma_F   ? 
_reflns.d_resolution_low             100 
_reflns.d_resolution_high            1.5 
_reflns.number_obs                   27520 
_reflns.number_all                   ? 
_reflns.percent_possible_obs         99.4 
_reflns.pdbx_Rmerge_I_obs            ? 
_reflns.pdbx_Rsym_value              0.047 
_reflns.pdbx_netI_over_sigmaI        ? 
_reflns.B_iso_Wilson_estimate        18.8 
_reflns.pdbx_redundancy              10.6 
_reflns.R_free_details               ? 
_reflns.limit_h_max                  ? 
_reflns.limit_h_min                  ? 
_reflns.limit_k_max                  ? 
_reflns.limit_k_min                  ? 
_reflns.limit_l_max                  ? 
_reflns.limit_l_min                  ? 
_reflns.observed_criterion_F_max     ? 
_reflns.observed_criterion_F_min     ? 
_reflns.pdbx_chi_squared             ? 
_reflns.pdbx_scaling_rejects         ? 
_reflns.pdbx_ordinal                 1 
_reflns.pdbx_diffrn_id               1 
# 
_reflns_shell.d_res_high                  1.50 
_reflns_shell.d_res_low                   1.53 
_reflns_shell.percent_possible_all        100 
_reflns_shell.Rmerge_I_obs                ? 
_reflns_shell.pdbx_Rsym_value             0.496 
_reflns_shell.meanI_over_sigI_obs         ? 
_reflns_shell.pdbx_redundancy             10.4 
_reflns_shell.percent_possible_obs        ? 
_reflns_shell.number_unique_all           1368 
_reflns_shell.number_measured_all         ? 
_reflns_shell.number_measured_obs         ? 
_reflns_shell.number_unique_obs           ? 
_reflns_shell.pdbx_chi_squared            ? 
_reflns_shell.pdbx_rejects                ? 
_reflns_shell.pdbx_netI_over_sigmaI_obs   ? 
_reflns_shell.number_possible             ? 
_reflns_shell.Rmerge_F_all                ? 
_reflns_shell.Rmerge_F_obs                ? 
_reflns_shell.Rmerge_I_all                ? 
_reflns_shell.meanI_over_sigI_all         ? 
_reflns_shell.pdbx_Rrim_I_all             ? 
_reflns_shell.pdbx_Rpim_I_all             ? 
_reflns_shell.pdbx_ordinal                1 
_reflns_shell.pdbx_diffrn_id              1 
# 
_refine.entry_id                                 3VYK 
_refine.ls_number_reflns_obs                     26110 
_refine.ls_number_reflns_all                     ? 
_refine.pdbx_ls_sigma_I                          ? 
_refine.pdbx_ls_sigma_F                          ? 
_refine.pdbx_data_cutoff_high_absF               ? 
_refine.pdbx_data_cutoff_low_absF                ? 
_refine.pdbx_data_cutoff_high_rms_absF           ? 
_refine.ls_d_res_low                             66.11 
_refine.ls_d_res_high                            1.50 
_refine.ls_percent_reflns_obs                    99.37 
_refine.ls_R_factor_obs                          0.21067 
_refine.ls_R_factor_all                          ? 
_refine.ls_R_factor_R_work                       0.20996 
_refine.ls_R_factor_R_free                       0.22388 
_refine.ls_R_factor_R_free_error                 ? 
_refine.ls_R_factor_R_free_error_details         ? 
_refine.ls_percent_reflns_R_free                 5.0 
_refine.ls_number_reflns_R_free                  1382 
_refine.ls_number_parameters                     ? 
_refine.ls_number_restraints                     ? 
_refine.occupancy_min                            ? 
_refine.occupancy_max                            ? 
_refine.correlation_coeff_Fo_to_Fc               0.949 
_refine.correlation_coeff_Fo_to_Fc_free          0.939 
_refine.B_iso_mean                               19.152 
_refine.aniso_B[1][1]                            -0.17 
_refine.aniso_B[2][2]                            -0.17 
_refine.aniso_B[3][3]                            0.26 
_refine.aniso_B[1][2]                            -0.09 
_refine.aniso_B[1][3]                            0.00 
_refine.aniso_B[2][3]                            0.00 
_refine.solvent_model_details                    MASK 
_refine.solvent_model_param_ksol                 ? 
_refine.solvent_model_param_bsol                 ? 
_refine.pdbx_solvent_vdw_probe_radii             1.20 
_refine.pdbx_solvent_ion_probe_radii             0.80 
_refine.pdbx_solvent_shrinkage_radii             0.80 
_refine.pdbx_ls_cross_valid_method               THROUGHOUT 
_refine.details                                  ? 
_refine.pdbx_starting_model                      ? 
_refine.pdbx_method_to_determine_struct          'MOLECULAR REPLACEMENT' 
_refine.pdbx_isotropic_thermal_model             ? 
_refine.pdbx_stereochemistry_target_values       'MAXIMUM LIKELIHOOD' 
_refine.pdbx_stereochem_target_val_spec_case     ? 
_refine.pdbx_R_Free_selection_details            RANDOM 
_refine.pdbx_overall_ESU_R                       0.078 
_refine.pdbx_overall_ESU_R_Free                  0.075 
_refine.overall_SU_ML                            0.042 
_refine.pdbx_overall_phase_error                 ? 
_refine.overall_SU_B                             1.072 
_refine.overall_SU_R_Cruickshank_DPI             ? 
_refine.ls_redundancy_reflns_obs                 ? 
_refine.B_iso_min                                ? 
_refine.B_iso_max                                ? 
_refine.overall_SU_R_free                        ? 
_refine.ls_wR_factor_R_free                      ? 
_refine.ls_wR_factor_R_work                      ? 
_refine.overall_FOM_free_R_set                   ? 
_refine.overall_FOM_work_R_set                   ? 
_refine.pdbx_diffrn_id                           1 
_refine.pdbx_refine_id                           'X-RAY DIFFRACTION' 
_refine.pdbx_TLS_residual_ADP_flag               ? 
_refine.pdbx_overall_SU_R_free_Cruickshank_DPI   ? 
_refine.pdbx_overall_SU_R_Blow_DPI               ? 
_refine.pdbx_overall_SU_R_free_Blow_DPI          ? 
# 
_refine_hist.pdbx_refine_id                   'X-RAY DIFFRACTION' 
_refine_hist.cycle_id                         LAST 
_refine_hist.pdbx_number_atoms_protein        1049 
_refine_hist.pdbx_number_atoms_nucleic_acid   0 
_refine_hist.pdbx_number_atoms_ligand         92 
_refine_hist.number_atoms_solvent             88 
_refine_hist.number_atoms_total               1229 
_refine_hist.d_res_high                       1.50 
_refine_hist.d_res_low                        66.11 
# 
loop_
_refine_ls_restr.type 
_refine_ls_restr.dev_ideal 
_refine_ls_restr.dev_ideal_target 
_refine_ls_restr.weight 
_refine_ls_restr.number 
_refine_ls_restr.pdbx_restraint_function 
_refine_ls_restr.pdbx_refine_id 
r_bond_refined_d             0.009  0.020  ? 1205 ? 'X-RAY DIFFRACTION' 
r_bond_other_d               ?      ?      ? ?    ? 'X-RAY DIFFRACTION' 
r_angle_refined_deg          1.274  1.964  ? 1639 ? 'X-RAY DIFFRACTION' 
r_angle_other_deg            ?      ?      ? ?    ? 'X-RAY DIFFRACTION' 
r_dihedral_angle_1_deg       6.165  5.000  ? 129  ? 'X-RAY DIFFRACTION' 
r_dihedral_angle_2_deg       34.971 24.828 ? 58   ? 'X-RAY DIFFRACTION' 
r_dihedral_angle_3_deg       11.053 15.000 ? 176  ? 'X-RAY DIFFRACTION' 
r_dihedral_angle_4_deg       5.959  15.000 ? 3    ? 'X-RAY DIFFRACTION' 
r_chiral_restr               0.083  0.200  ? 179  ? 'X-RAY DIFFRACTION' 
r_gen_planes_refined         0.005  0.021  ? 885  ? 'X-RAY DIFFRACTION' 
r_gen_planes_other           ?      ?      ? ?    ? 'X-RAY DIFFRACTION' 
r_nbd_refined                ?      ?      ? ?    ? 'X-RAY DIFFRACTION' 
r_nbd_other                  ?      ?      ? ?    ? 'X-RAY DIFFRACTION' 
r_nbtor_refined              ?      ?      ? ?    ? 'X-RAY DIFFRACTION' 
r_nbtor_other                ?      ?      ? ?    ? 'X-RAY DIFFRACTION' 
r_xyhbond_nbd_refined        ?      ?      ? ?    ? 'X-RAY DIFFRACTION' 
r_xyhbond_nbd_other          ?      ?      ? ?    ? 'X-RAY DIFFRACTION' 
r_metal_ion_refined          ?      ?      ? ?    ? 'X-RAY DIFFRACTION' 
r_metal_ion_other            ?      ?      ? ?    ? 'X-RAY DIFFRACTION' 
r_symmetry_vdw_refined       ?      ?      ? ?    ? 'X-RAY DIFFRACTION' 
r_symmetry_vdw_other         ?      ?      ? ?    ? 'X-RAY DIFFRACTION' 
r_symmetry_hbond_refined     ?      ?      ? ?    ? 'X-RAY DIFFRACTION' 
r_symmetry_hbond_other       ?      ?      ? ?    ? 'X-RAY DIFFRACTION' 
r_symmetry_metal_ion_refined ?      ?      ? ?    ? 'X-RAY DIFFRACTION' 
r_symmetry_metal_ion_other   ?      ?      ? ?    ? 'X-RAY DIFFRACTION' 
r_mcbond_it                  ?      ?      ? ?    ? 'X-RAY DIFFRACTION' 
r_mcbond_other               ?      ?      ? ?    ? 'X-RAY DIFFRACTION' 
r_mcangle_it                 ?      ?      ? ?    ? 'X-RAY DIFFRACTION' 
r_scbond_it                  ?      ?      ? ?    ? 'X-RAY DIFFRACTION' 
r_scangle_it                 ?      ?      ? ?    ? 'X-RAY DIFFRACTION' 
r_rigid_bond_restr           ?      ?      ? ?    ? 'X-RAY DIFFRACTION' 
r_sphericity_free            ?      ?      ? ?    ? 'X-RAY DIFFRACTION' 
r_sphericity_bonded          ?      ?      ? ?    ? 'X-RAY DIFFRACTION' 
# 
_refine_ls_shell.pdbx_refine_id                   'X-RAY DIFFRACTION' 
_refine_ls_shell.pdbx_total_number_of_bins_used   20 
_refine_ls_shell.d_res_high                       1.498 
_refine_ls_shell.d_res_low                        1.537 
_refine_ls_shell.number_reflns_R_work             1790 
_refine_ls_shell.R_factor_R_work                  0.273 
_refine_ls_shell.percent_reflns_obs               99.21 
_refine_ls_shell.R_factor_R_free                  0.260 
_refine_ls_shell.R_factor_R_free_error            ? 
_refine_ls_shell.percent_reflns_R_free            ? 
_refine_ls_shell.number_reflns_R_free             98 
_refine_ls_shell.number_reflns_all                ? 
_refine_ls_shell.R_factor_all                     ? 
_refine_ls_shell.number_reflns_obs                ? 
_refine_ls_shell.redundancy_reflns_obs            ? 
# 
_struct.entry_id                  3VYK 
_struct.title                     
'Crystal structure of C-type lectin domain of murine dendritic cell inhibitory receptor 2 in complex with N-glycan' 
_struct.pdbx_model_details        ? 
_struct.pdbx_CASP_flag            ? 
_struct.pdbx_model_type_details   ? 
# 
_struct_keywords.entry_id        3VYK 
_struct_keywords.pdbx_keywords   'CARBOHYDRATE BINDING PROTEIN' 
_struct_keywords.text            'C-type lectin fold, cell surface, CARBOHYDRATE BINDING PROTEIN' 
# 
loop_
_struct_asym.id 
_struct_asym.pdbx_blank_PDB_chainid_flag 
_struct_asym.pdbx_modified 
_struct_asym.entity_id 
_struct_asym.details 
A N N 1 ? 
B N N 2 ? 
C N N 3 ? 
D N N 4 ? 
E N N 4 ? 
F N N 5 ? 
G N N 6 ? 
# 
_struct_ref.id                         1 
_struct_ref.db_name                    UNP 
_struct_ref.db_code                    Q5YIR8_MOUSE 
_struct_ref.pdbx_db_accession          Q5YIR8 
_struct_ref.entity_id                  1 
_struct_ref.pdbx_seq_one_letter_code   
;CPKDWKPFVSHCYFILNDSKASWNESEEKCSHMGAHLVVIHSQAEQDFITSNLNTSAGYFIGLLDAGQRQWRWIDQTPYN
KSATFWHKGEPNQDWERCVIINHKTTGWGWNDIPCKDEHNSVCQVKK
;
_struct_ref.pdbx_align_begin           107 
_struct_ref.pdbx_db_isoform            ? 
# 
_struct_ref_seq.align_id                      1 
_struct_ref_seq.ref_id                        1 
_struct_ref_seq.pdbx_PDB_id_code              3VYK 
_struct_ref_seq.pdbx_strand_id                A 
_struct_ref_seq.seq_align_beg                 3 
_struct_ref_seq.pdbx_seq_align_beg_ins_code   ? 
_struct_ref_seq.seq_align_end                 129 
_struct_ref_seq.pdbx_seq_align_end_ins_code   ? 
_struct_ref_seq.pdbx_db_accession             Q5YIR8 
_struct_ref_seq.db_align_beg                  107 
_struct_ref_seq.pdbx_db_align_beg_ins_code    ? 
_struct_ref_seq.db_align_end                  233 
_struct_ref_seq.pdbx_db_align_end_ins_code    ? 
_struct_ref_seq.pdbx_auth_seq_align_beg       107 
_struct_ref_seq.pdbx_auth_seq_align_end       233 
# 
loop_
_struct_ref_seq_dif.align_id 
_struct_ref_seq_dif.pdbx_pdb_id_code 
_struct_ref_seq_dif.mon_id 
_struct_ref_seq_dif.pdbx_pdb_strand_id 
_struct_ref_seq_dif.seq_num 
_struct_ref_seq_dif.pdbx_pdb_ins_code 
_struct_ref_seq_dif.pdbx_seq_db_name 
_struct_ref_seq_dif.pdbx_seq_db_accession_code 
_struct_ref_seq_dif.db_mon_id 
_struct_ref_seq_dif.pdbx_seq_db_seq_num 
_struct_ref_seq_dif.details 
_struct_ref_seq_dif.pdbx_auth_seq_num 
_struct_ref_seq_dif.pdbx_ordinal 
1 3VYK GLY A 1 ? UNP Q5YIR8 ? ? 'expression tag' 105 1 
1 3VYK SER A 2 ? UNP Q5YIR8 ? ? 'expression tag' 106 2 
# 
_pdbx_struct_assembly.id                   1 
_pdbx_struct_assembly.details              author_and_software_defined_assembly 
_pdbx_struct_assembly.method_details       PISA 
_pdbx_struct_assembly.oligomeric_details   monomeric 
_pdbx_struct_assembly.oligomeric_count     1 
# 
_pdbx_struct_assembly_gen.assembly_id       1 
_pdbx_struct_assembly_gen.oper_expression   1 
_pdbx_struct_assembly_gen.asym_id_list      A,B,C,D,E,F,G 
# 
_pdbx_struct_oper_list.id                   1 
_pdbx_struct_oper_list.type                 'identity operation' 
_pdbx_struct_oper_list.name                 1_555 
_pdbx_struct_oper_list.symmetry_operation   x,y,z 
_pdbx_struct_oper_list.matrix[1][1]         1.0000000000 
_pdbx_struct_oper_list.matrix[1][2]         0.0000000000 
_pdbx_struct_oper_list.matrix[1][3]         0.0000000000 
_pdbx_struct_oper_list.vector[1]            0.0000000000 
_pdbx_struct_oper_list.matrix[2][1]         0.0000000000 
_pdbx_struct_oper_list.matrix[2][2]         1.0000000000 
_pdbx_struct_oper_list.matrix[2][3]         0.0000000000 
_pdbx_struct_oper_list.vector[2]            0.0000000000 
_pdbx_struct_oper_list.matrix[3][1]         0.0000000000 
_pdbx_struct_oper_list.matrix[3][2]         0.0000000000 
_pdbx_struct_oper_list.matrix[3][3]         1.0000000000 
_pdbx_struct_oper_list.vector[3]            0.0000000000 
# 
_struct_biol.id        1 
_struct_biol.details   ? 
# 
loop_
_struct_conf.conf_type_id 
_struct_conf.id 
_struct_conf.pdbx_PDB_helix_id 
_struct_conf.beg_label_comp_id 
_struct_conf.beg_label_asym_id 
_struct_conf.beg_label_seq_id 
_struct_conf.pdbx_beg_PDB_ins_code 
_struct_conf.end_label_comp_id 
_struct_conf.end_label_asym_id 
_struct_conf.end_label_seq_id 
_struct_conf.pdbx_end_PDB_ins_code 
_struct_conf.beg_auth_comp_id 
_struct_conf.beg_auth_asym_id 
_struct_conf.beg_auth_seq_id 
_struct_conf.end_auth_comp_id 
_struct_conf.end_auth_asym_id 
_struct_conf.end_auth_seq_id 
_struct_conf.pdbx_PDB_helix_class 
_struct_conf.details 
_struct_conf.pdbx_PDB_helix_length 
HELX_P HELX_P1 1 SER A 24 ? MET A 35 ? SER A 128 MET A 139 1 ? 12 
HELX_P HELX_P2 2 SER A 44 ? ASN A 54 ? SER A 148 ASN A 158 1 ? 11 
# 
_struct_conf_type.id          HELX_P 
_struct_conf_type.criteria    ? 
_struct_conf_type.reference   ? 
# 
loop_
_struct_conn.id 
_struct_conn.conn_type_id 
_struct_conn.pdbx_leaving_atom_flag 
_struct_conn.pdbx_PDB_id 
_struct_conn.ptnr1_label_asym_id 
_struct_conn.ptnr1_label_comp_id 
_struct_conn.ptnr1_label_seq_id 
_struct_conn.ptnr1_label_atom_id 
_struct_conn.pdbx_ptnr1_label_alt_id 
_struct_conn.pdbx_ptnr1_PDB_ins_code 
_struct_conn.pdbx_ptnr1_standard_comp_id 
_struct_conn.ptnr1_symmetry 
_struct_conn.ptnr2_label_asym_id 
_struct_conn.ptnr2_label_comp_id 
_struct_conn.ptnr2_label_seq_id 
_struct_conn.ptnr2_label_atom_id 
_struct_conn.pdbx_ptnr2_label_alt_id 
_struct_conn.pdbx_ptnr2_PDB_ins_code 
_struct_conn.ptnr1_auth_asym_id 
_struct_conn.ptnr1_auth_comp_id 
_struct_conn.ptnr1_auth_seq_id 
_struct_conn.ptnr2_auth_asym_id 
_struct_conn.ptnr2_auth_comp_id 
_struct_conn.ptnr2_auth_seq_id 
_struct_conn.ptnr2_symmetry 
_struct_conn.pdbx_ptnr3_label_atom_id 
_struct_conn.pdbx_ptnr3_label_seq_id 
_struct_conn.pdbx_ptnr3_label_comp_id 
_struct_conn.pdbx_ptnr3_label_asym_id 
_struct_conn.pdbx_ptnr3_label_alt_id 
_struct_conn.pdbx_ptnr3_PDB_ins_code 
_struct_conn.details 
_struct_conn.pdbx_dist_value 
_struct_conn.pdbx_value_order 
_struct_conn.pdbx_role 
disulf1 disulf ?    ? A CYS 3   SG  ? ? ? 1_555 A CYS 14  SG ? ? A CYS 107  A CYS 118  1_555 ? ? ? ? ? ? ? 2.036 ? ? 
disulf2 disulf ?    ? A CYS 32  SG  ? ? ? 1_555 A CYS 125 SG ? ? A CYS 136  A CYS 229  1_555 ? ? ? ? ? ? ? 2.062 ? ? 
disulf3 disulf ?    ? A CYS 100 SG  ? ? ? 1_555 A CYS 117 SG ? ? A CYS 204  A CYS 221  1_555 ? ? ? ? ? ? ? 2.028 ? ? 
covale1 covale both ? B MMA .   O3  ? ? ? 1_555 B MAN .   C1 ? ? B MMA 1    B MAN 2    1_555 ? ? ? ? ? ? ? 1.444 ? ? 
covale2 covale both ? B MMA .   O6  ? ? ? 1_555 B MAN .   C1 ? ? B MMA 1    B MAN 4    1_555 ? ? ? ? ? ? ? 1.438 ? ? 
covale3 covale both ? B MMA .   O4  ? ? ? 1_555 B NAG .   C1 ? ? B MMA 1    B NAG 6    1_555 ? ? ? ? ? ? ? 1.427 ? ? 
covale4 covale both ? B MAN .   O2  ? ? ? 1_555 B NAG .   C1 ? ? B MAN 2    B NAG 3    1_555 ? ? ? ? ? ? ? 1.425 ? ? 
covale5 covale both ? B MAN .   O2  ? ? ? 1_555 B NAG .   C1 ? ? B MAN 4    B NAG 5    1_555 ? ? ? ? ? ? ? 1.435 ? ? 
metalc1 metalc ?    ? A GLU 92  OE1 ? ? ? 1_555 C CA  .   CA ? ? A GLU 196  A CA  1007 1_555 ? ? ? ? ? ? ? 2.396 ? ? 
metalc2 metalc ?    ? A ASN 94  OD1 ? ? ? 1_555 C CA  .   CA ? ? A ASN 198  A CA  1007 1_555 ? ? ? ? ? ? ? 2.369 ? ? 
metalc3 metalc ?    ? A GLU 98  OE1 ? ? ? 1_555 C CA  .   CA ? ? A GLU 202  A CA  1007 1_555 ? ? ? ? ? ? ? 2.361 ? ? 
metalc4 metalc ?    ? A ASN 113 OD1 ? ? ? 1_555 C CA  .   CA ? ? A ASN 217  A CA  1007 1_555 ? ? ? ? ? ? ? 2.359 ? ? 
metalc5 metalc ?    ? A ASP 114 OD1 ? ? ? 1_555 C CA  .   CA ? ? A ASP 218  A CA  1007 1_555 ? ? ? ? ? ? ? 2.328 ? ? 
metalc6 metalc ?    ? A ASP 114 O   ? ? ? 1_555 C CA  .   CA ? ? A ASP 218  A CA  1007 1_555 ? ? ? ? ? ? ? 2.398 ? ? 
metalc7 metalc ?    ? C CA  .   CA  ? ? ? 1_555 B MAN .   O3 ? ? A CA  1007 B MAN 2    1_555 ? ? ? ? ? ? ? 2.383 ? ? 
metalc8 metalc ?    ? C CA  .   CA  ? ? ? 1_555 B MAN .   O4 ? ? A CA  1007 B MAN 2    1_555 ? ? ? ? ? ? ? 2.400 ? ? 
# 
loop_
_struct_conn_type.id 
_struct_conn_type.criteria 
_struct_conn_type.reference 
disulf ? ? 
covale ? ? 
metalc ? ? 
# 
loop_
_pdbx_struct_conn_angle.id 
_pdbx_struct_conn_angle.ptnr1_label_atom_id 
_pdbx_struct_conn_angle.ptnr1_label_alt_id 
_pdbx_struct_conn_angle.ptnr1_label_asym_id 
_pdbx_struct_conn_angle.ptnr1_label_comp_id 
_pdbx_struct_conn_angle.ptnr1_label_seq_id 
_pdbx_struct_conn_angle.ptnr1_auth_atom_id 
_pdbx_struct_conn_angle.ptnr1_auth_asym_id 
_pdbx_struct_conn_angle.ptnr1_auth_comp_id 
_pdbx_struct_conn_angle.ptnr1_auth_seq_id 
_pdbx_struct_conn_angle.ptnr1_PDB_ins_code 
_pdbx_struct_conn_angle.ptnr1_symmetry 
_pdbx_struct_conn_angle.ptnr2_label_atom_id 
_pdbx_struct_conn_angle.ptnr2_label_alt_id 
_pdbx_struct_conn_angle.ptnr2_label_asym_id 
_pdbx_struct_conn_angle.ptnr2_label_comp_id 
_pdbx_struct_conn_angle.ptnr2_label_seq_id 
_pdbx_struct_conn_angle.ptnr2_auth_atom_id 
_pdbx_struct_conn_angle.ptnr2_auth_asym_id 
_pdbx_struct_conn_angle.ptnr2_auth_comp_id 
_pdbx_struct_conn_angle.ptnr2_auth_seq_id 
_pdbx_struct_conn_angle.ptnr2_PDB_ins_code 
_pdbx_struct_conn_angle.ptnr2_symmetry 
_pdbx_struct_conn_angle.ptnr3_label_atom_id 
_pdbx_struct_conn_angle.ptnr3_label_alt_id 
_pdbx_struct_conn_angle.ptnr3_label_asym_id 
_pdbx_struct_conn_angle.ptnr3_label_comp_id 
_pdbx_struct_conn_angle.ptnr3_label_seq_id 
_pdbx_struct_conn_angle.ptnr3_auth_atom_id 
_pdbx_struct_conn_angle.ptnr3_auth_asym_id 
_pdbx_struct_conn_angle.ptnr3_auth_comp_id 
_pdbx_struct_conn_angle.ptnr3_auth_seq_id 
_pdbx_struct_conn_angle.ptnr3_PDB_ins_code 
_pdbx_struct_conn_angle.ptnr3_symmetry 
_pdbx_struct_conn_angle.value 
_pdbx_struct_conn_angle.value_esd 
1  OE1 ? A GLU 92  ? A GLU 196 ? 1_555 CA ? C CA . ? A CA 1007 ? 1_555 OD1 ? A ASN 94  ? A ASN 198 ? 1_555 75.3  ? 
2  OE1 ? A GLU 92  ? A GLU 196 ? 1_555 CA ? C CA . ? A CA 1007 ? 1_555 OE1 ? A GLU 98  ? A GLU 202 ? 1_555 148.4 ? 
3  OD1 ? A ASN 94  ? A ASN 198 ? 1_555 CA ? C CA . ? A CA 1007 ? 1_555 OE1 ? A GLU 98  ? A GLU 202 ? 1_555 75.5  ? 
4  OE1 ? A GLU 92  ? A GLU 196 ? 1_555 CA ? C CA . ? A CA 1007 ? 1_555 OD1 ? A ASN 113 ? A ASN 217 ? 1_555 66.7  ? 
5  OD1 ? A ASN 94  ? A ASN 198 ? 1_555 CA ? C CA . ? A CA 1007 ? 1_555 OD1 ? A ASN 113 ? A ASN 217 ? 1_555 141.5 ? 
6  OE1 ? A GLU 98  ? A GLU 202 ? 1_555 CA ? C CA . ? A CA 1007 ? 1_555 OD1 ? A ASN 113 ? A ASN 217 ? 1_555 142.9 ? 
7  OE1 ? A GLU 92  ? A GLU 196 ? 1_555 CA ? C CA . ? A CA 1007 ? 1_555 OD1 ? A ASP 114 ? A ASP 218 ? 1_555 72.7  ? 
8  OD1 ? A ASN 94  ? A ASN 198 ? 1_555 CA ? C CA . ? A CA 1007 ? 1_555 OD1 ? A ASP 114 ? A ASP 218 ? 1_555 82.3  ? 
9  OE1 ? A GLU 98  ? A GLU 202 ? 1_555 CA ? C CA . ? A CA 1007 ? 1_555 OD1 ? A ASP 114 ? A ASP 218 ? 1_555 91.8  ? 
10 OD1 ? A ASN 113 ? A ASN 217 ? 1_555 CA ? C CA . ? A CA 1007 ? 1_555 OD1 ? A ASP 114 ? A ASP 218 ? 1_555 91.8  ? 
11 OE1 ? A GLU 92  ? A GLU 196 ? 1_555 CA ? C CA . ? A CA 1007 ? 1_555 O   ? A ASP 114 ? A ASP 218 ? 1_555 128.5 ? 
12 OD1 ? A ASN 94  ? A ASN 198 ? 1_555 CA ? C CA . ? A CA 1007 ? 1_555 O   ? A ASP 114 ? A ASP 218 ? 1_555 139.4 ? 
13 OE1 ? A GLU 98  ? A GLU 202 ? 1_555 CA ? C CA . ? A CA 1007 ? 1_555 O   ? A ASP 114 ? A ASP 218 ? 1_555 71.0  ? 
14 OD1 ? A ASN 113 ? A ASN 217 ? 1_555 CA ? C CA . ? A CA 1007 ? 1_555 O   ? A ASP 114 ? A ASP 218 ? 1_555 74.1  ? 
15 OD1 ? A ASP 114 ? A ASP 218 ? 1_555 CA ? C CA . ? A CA 1007 ? 1_555 O   ? A ASP 114 ? A ASP 218 ? 1_555 76.6  ? 
16 OE1 ? A GLU 92  ? A GLU 196 ? 1_555 CA ? C CA . ? A CA 1007 ? 1_555 O3  ? B MAN .   ? B MAN 2   ? 1_555 129.8 ? 
17 OD1 ? A ASN 94  ? A ASN 198 ? 1_555 CA ? C CA . ? A CA 1007 ? 1_555 O3  ? B MAN .   ? B MAN 2   ? 1_555 119.6 ? 
18 OE1 ? A GLU 98  ? A GLU 202 ? 1_555 CA ? C CA . ? A CA 1007 ? 1_555 O3  ? B MAN .   ? B MAN 2   ? 1_555 76.1  ? 
19 OD1 ? A ASN 113 ? A ASN 217 ? 1_555 CA ? C CA . ? A CA 1007 ? 1_555 O3  ? B MAN .   ? B MAN 2   ? 1_555 82.6  ? 
20 OD1 ? A ASP 114 ? A ASP 218 ? 1_555 CA ? C CA . ? A CA 1007 ? 1_555 O3  ? B MAN .   ? B MAN 2   ? 1_555 150.0 ? 
21 O   ? A ASP 114 ? A ASP 218 ? 1_555 CA ? C CA . ? A CA 1007 ? 1_555 O3  ? B MAN .   ? B MAN 2   ? 1_555 73.5  ? 
22 OE1 ? A GLU 92  ? A GLU 196 ? 1_555 CA ? C CA . ? A CA 1007 ? 1_555 O4  ? B MAN .   ? B MAN 2   ? 1_555 74.9  ? 
23 OD1 ? A ASN 94  ? A ASN 198 ? 1_555 CA ? C CA . ? A CA 1007 ? 1_555 O4  ? B MAN .   ? B MAN 2   ? 1_555 76.9  ? 
24 OE1 ? A GLU 98  ? A GLU 202 ? 1_555 CA ? C CA . ? A CA 1007 ? 1_555 O4  ? B MAN .   ? B MAN 2   ? 1_555 109.5 ? 
25 OD1 ? A ASN 113 ? A ASN 217 ? 1_555 CA ? C CA . ? A CA 1007 ? 1_555 O4  ? B MAN .   ? B MAN 2   ? 1_555 87.4  ? 
26 OD1 ? A ASP 114 ? A ASP 218 ? 1_555 CA ? C CA . ? A CA 1007 ? 1_555 O4  ? B MAN .   ? B MAN 2   ? 1_555 145.0 ? 
27 O   ? A ASP 114 ? A ASP 218 ? 1_555 CA ? C CA . ? A CA 1007 ? 1_555 O4  ? B MAN .   ? B MAN 2   ? 1_555 135.9 ? 
28 O3  ? B MAN .   ? B MAN 2   ? 1_555 CA ? C CA . ? A CA 1007 ? 1_555 O4  ? B MAN .   ? B MAN 2   ? 1_555 64.5  ? 
# 
loop_
_pdbx_modification_feature.ordinal 
_pdbx_modification_feature.label_comp_id 
_pdbx_modification_feature.label_asym_id 
_pdbx_modification_feature.label_seq_id 
_pdbx_modification_feature.label_alt_id 
_pdbx_modification_feature.modified_residue_label_comp_id 
_pdbx_modification_feature.modified_residue_label_asym_id 
_pdbx_modification_feature.modified_residue_label_seq_id 
_pdbx_modification_feature.modified_residue_label_alt_id 
_pdbx_modification_feature.auth_comp_id 
_pdbx_modification_feature.auth_asym_id 
_pdbx_modification_feature.auth_seq_id 
_pdbx_modification_feature.PDB_ins_code 
_pdbx_modification_feature.symmetry 
_pdbx_modification_feature.modified_residue_auth_comp_id 
_pdbx_modification_feature.modified_residue_auth_asym_id 
_pdbx_modification_feature.modified_residue_auth_seq_id 
_pdbx_modification_feature.modified_residue_PDB_ins_code 
_pdbx_modification_feature.modified_residue_symmetry 
_pdbx_modification_feature.comp_id_linking_atom 
_pdbx_modification_feature.modified_residue_id_linking_atom 
_pdbx_modification_feature.modified_residue_id 
_pdbx_modification_feature.ref_pcm_id 
_pdbx_modification_feature.ref_comp_id 
_pdbx_modification_feature.type 
_pdbx_modification_feature.category 
1 CYS A 3   ? CYS A 14  ? CYS A 107 ? 1_555 CYS A 118 ? 1_555 SG SG . . . None 'Disulfide bridge' 
2 CYS A 32  ? CYS A 125 ? CYS A 136 ? 1_555 CYS A 229 ? 1_555 SG SG . . . None 'Disulfide bridge' 
3 CYS A 100 ? CYS A 117 ? CYS A 204 ? 1_555 CYS A 221 ? 1_555 SG SG . . . None 'Disulfide bridge' 
# 
_struct_mon_prot_cis.pdbx_id                1 
_struct_mon_prot_cis.label_comp_id          GLU 
_struct_mon_prot_cis.label_seq_id           92 
_struct_mon_prot_cis.label_asym_id          A 
_struct_mon_prot_cis.label_alt_id           . 
_struct_mon_prot_cis.pdbx_PDB_ins_code      ? 
_struct_mon_prot_cis.auth_comp_id           GLU 
_struct_mon_prot_cis.auth_seq_id            196 
_struct_mon_prot_cis.auth_asym_id           A 
_struct_mon_prot_cis.pdbx_label_comp_id_2   PRO 
_struct_mon_prot_cis.pdbx_label_seq_id_2    93 
_struct_mon_prot_cis.pdbx_label_asym_id_2   A 
_struct_mon_prot_cis.pdbx_PDB_ins_code_2    ? 
_struct_mon_prot_cis.pdbx_auth_comp_id_2    PRO 
_struct_mon_prot_cis.pdbx_auth_seq_id_2     197 
_struct_mon_prot_cis.pdbx_auth_asym_id_2    A 
_struct_mon_prot_cis.pdbx_PDB_model_num     1 
_struct_mon_prot_cis.pdbx_omega_angle       -4.04 
# 
loop_
_struct_sheet.id 
_struct_sheet.type 
_struct_sheet.number_strands 
_struct_sheet.details 
A ? 5 ? 
B ? 5 ? 
# 
loop_
_struct_sheet_order.sheet_id 
_struct_sheet_order.range_id_1 
_struct_sheet_order.range_id_2 
_struct_sheet_order.offset 
_struct_sheet_order.sense 
A 1 2 ? anti-parallel 
A 2 3 ? anti-parallel 
A 3 4 ? parallel      
A 4 5 ? anti-parallel 
B 1 2 ? anti-parallel 
B 2 3 ? parallel      
B 3 4 ? anti-parallel 
B 4 5 ? anti-parallel 
# 
loop_
_struct_sheet_range.sheet_id 
_struct_sheet_range.id 
_struct_sheet_range.beg_label_comp_id 
_struct_sheet_range.beg_label_asym_id 
_struct_sheet_range.beg_label_seq_id 
_struct_sheet_range.pdbx_beg_PDB_ins_code 
_struct_sheet_range.end_label_comp_id 
_struct_sheet_range.end_label_asym_id 
_struct_sheet_range.end_label_seq_id 
_struct_sheet_range.pdbx_end_PDB_ins_code 
_struct_sheet_range.beg_auth_comp_id 
_struct_sheet_range.beg_auth_asym_id 
_struct_sheet_range.beg_auth_seq_id 
_struct_sheet_range.end_auth_comp_id 
_struct_sheet_range.end_auth_asym_id 
_struct_sheet_range.end_auth_seq_id 
A 1 LYS A 8   ? PHE A 10  ? LYS A 112 PHE A 114 
A 2 HIS A 13  ? ALA A 23  ? HIS A 117 ALA A 127 
A 3 HIS A 121 ? LYS A 128 ? HIS A 225 LYS A 232 
A 4 TYR A 61  ? ASP A 67  ? TYR A 165 ASP A 171 
A 5 TRP A 73  ? TRP A 75  ? TRP A 177 TRP A 179 
B 1 HIS A 38  ? LEU A 39  ? HIS A 142 LEU A 143 
B 2 HIS A 121 ? LYS A 128 ? HIS A 225 LYS A 232 
B 3 TYR A 61  ? ASP A 67  ? TYR A 165 ASP A 171 
B 4 CYS A 100 ? LYS A 106 ? CYS A 204 LYS A 210 
B 5 GLY A 109 ? ILE A 115 ? GLY A 213 ILE A 219 
# 
loop_
_pdbx_struct_sheet_hbond.sheet_id 
_pdbx_struct_sheet_hbond.range_id_1 
_pdbx_struct_sheet_hbond.range_id_2 
_pdbx_struct_sheet_hbond.range_1_label_atom_id 
_pdbx_struct_sheet_hbond.range_1_label_comp_id 
_pdbx_struct_sheet_hbond.range_1_label_asym_id 
_pdbx_struct_sheet_hbond.range_1_label_seq_id 
_pdbx_struct_sheet_hbond.range_1_PDB_ins_code 
_pdbx_struct_sheet_hbond.range_1_auth_atom_id 
_pdbx_struct_sheet_hbond.range_1_auth_comp_id 
_pdbx_struct_sheet_hbond.range_1_auth_asym_id 
_pdbx_struct_sheet_hbond.range_1_auth_seq_id 
_pdbx_struct_sheet_hbond.range_2_label_atom_id 
_pdbx_struct_sheet_hbond.range_2_label_comp_id 
_pdbx_struct_sheet_hbond.range_2_label_asym_id 
_pdbx_struct_sheet_hbond.range_2_label_seq_id 
_pdbx_struct_sheet_hbond.range_2_PDB_ins_code 
_pdbx_struct_sheet_hbond.range_2_auth_atom_id 
_pdbx_struct_sheet_hbond.range_2_auth_comp_id 
_pdbx_struct_sheet_hbond.range_2_auth_asym_id 
_pdbx_struct_sheet_hbond.range_2_auth_seq_id 
A 1 2 N LYS A 8   ? N LYS A 112 O TYR A 15  ? O TYR A 119 
A 2 3 N CYS A 14  ? N CYS A 118 O VAL A 127 ? O VAL A 231 
A 3 4 O ASN A 122 ? O ASN A 226 N PHE A 62  ? N PHE A 166 
A 4 5 N LEU A 66  ? N LEU A 170 O ARG A 74  ? O ARG A 178 
B 1 2 N HIS A 38  ? N HIS A 142 O GLN A 126 ? O GLN A 230 
B 2 3 O ASN A 122 ? O ASN A 226 N PHE A 62  ? N PHE A 166 
B 3 4 N TYR A 61  ? N TYR A 165 O ILE A 103 ? O ILE A 207 
B 4 5 N ILE A 102 ? N ILE A 206 O ASN A 113 ? O ASN A 217 
# 
_pdbx_entry_details.entry_id                   3VYK 
_pdbx_entry_details.compound_details           ? 
_pdbx_entry_details.source_details             ? 
_pdbx_entry_details.nonpolymer_details         ? 
_pdbx_entry_details.sequence_details           ? 
_pdbx_entry_details.has_ligand_of_interest     ? 
_pdbx_entry_details.has_protein_modification   Y 
# 
_pdbx_validate_symm_contact.id                1 
_pdbx_validate_symm_contact.PDB_model_num     1 
_pdbx_validate_symm_contact.auth_atom_id_1    OE1 
_pdbx_validate_symm_contact.auth_asym_id_1    A 
_pdbx_validate_symm_contact.auth_comp_id_1    GLN 
_pdbx_validate_symm_contact.auth_seq_id_1     174 
_pdbx_validate_symm_contact.PDB_ins_code_1    ? 
_pdbx_validate_symm_contact.label_alt_id_1    ? 
_pdbx_validate_symm_contact.site_symmetry_1   1_555 
_pdbx_validate_symm_contact.auth_atom_id_2    O 
_pdbx_validate_symm_contact.auth_asym_id_2    A 
_pdbx_validate_symm_contact.auth_comp_id_2    HOH 
_pdbx_validate_symm_contact.auth_seq_id_2     1135 
_pdbx_validate_symm_contact.PDB_ins_code_2    ? 
_pdbx_validate_symm_contact.label_alt_id_2    ? 
_pdbx_validate_symm_contact.site_symmetry_2   2_454 
_pdbx_validate_symm_contact.dist              2.13 
# 
_pdbx_validate_torsion.id              1 
_pdbx_validate_torsion.PDB_model_num   1 
_pdbx_validate_torsion.auth_comp_id    VAL 
_pdbx_validate_torsion.auth_asym_id    A 
_pdbx_validate_torsion.auth_seq_id     115 
_pdbx_validate_torsion.PDB_ins_code    ? 
_pdbx_validate_torsion.label_alt_id    ? 
_pdbx_validate_torsion.phi             55.38 
_pdbx_validate_torsion.psi             -108.26 
# 
_pdbx_unobs_or_zero_occ_residues.id               1 
_pdbx_unobs_or_zero_occ_residues.PDB_model_num    1 
_pdbx_unobs_or_zero_occ_residues.polymer_flag     Y 
_pdbx_unobs_or_zero_occ_residues.occupancy_flag   1 
_pdbx_unobs_or_zero_occ_residues.auth_asym_id     A 
_pdbx_unobs_or_zero_occ_residues.auth_comp_id     GLY 
_pdbx_unobs_or_zero_occ_residues.auth_seq_id      105 
_pdbx_unobs_or_zero_occ_residues.PDB_ins_code     ? 
_pdbx_unobs_or_zero_occ_residues.label_asym_id    A 
_pdbx_unobs_or_zero_occ_residues.label_comp_id    GLY 
_pdbx_unobs_or_zero_occ_residues.label_seq_id     1 
# 
loop_
_chem_comp_atom.comp_id 
_chem_comp_atom.atom_id 
_chem_comp_atom.type_symbol 
_chem_comp_atom.pdbx_aromatic_flag 
_chem_comp_atom.pdbx_stereo_config 
_chem_comp_atom.pdbx_ordinal 
ALA N    N  N N 1   
ALA CA   C  N S 2   
ALA C    C  N N 3   
ALA O    O  N N 4   
ALA CB   C  N N 5   
ALA OXT  O  N N 6   
ALA H    H  N N 7   
ALA H2   H  N N 8   
ALA HA   H  N N 9   
ALA HB1  H  N N 10  
ALA HB2  H  N N 11  
ALA HB3  H  N N 12  
ALA HXT  H  N N 13  
ARG N    N  N N 14  
ARG CA   C  N S 15  
ARG C    C  N N 16  
ARG O    O  N N 17  
ARG CB   C  N N 18  
ARG CG   C  N N 19  
ARG CD   C  N N 20  
ARG NE   N  N N 21  
ARG CZ   C  N N 22  
ARG NH1  N  N N 23  
ARG NH2  N  N N 24  
ARG OXT  O  N N 25  
ARG H    H  N N 26  
ARG H2   H  N N 27  
ARG HA   H  N N 28  
ARG HB2  H  N N 29  
ARG HB3  H  N N 30  
ARG HG2  H  N N 31  
ARG HG3  H  N N 32  
ARG HD2  H  N N 33  
ARG HD3  H  N N 34  
ARG HE   H  N N 35  
ARG HH11 H  N N 36  
ARG HH12 H  N N 37  
ARG HH21 H  N N 38  
ARG HH22 H  N N 39  
ARG HXT  H  N N 40  
ASN N    N  N N 41  
ASN CA   C  N S 42  
ASN C    C  N N 43  
ASN O    O  N N 44  
ASN CB   C  N N 45  
ASN CG   C  N N 46  
ASN OD1  O  N N 47  
ASN ND2  N  N N 48  
ASN OXT  O  N N 49  
ASN H    H  N N 50  
ASN H2   H  N N 51  
ASN HA   H  N N 52  
ASN HB2  H  N N 53  
ASN HB3  H  N N 54  
ASN HD21 H  N N 55  
ASN HD22 H  N N 56  
ASN HXT  H  N N 57  
ASP N    N  N N 58  
ASP CA   C  N S 59  
ASP C    C  N N 60  
ASP O    O  N N 61  
ASP CB   C  N N 62  
ASP CG   C  N N 63  
ASP OD1  O  N N 64  
ASP OD2  O  N N 65  
ASP OXT  O  N N 66  
ASP H    H  N N 67  
ASP H2   H  N N 68  
ASP HA   H  N N 69  
ASP HB2  H  N N 70  
ASP HB3  H  N N 71  
ASP HD2  H  N N 72  
ASP HXT  H  N N 73  
CA  CA   CA N N 74  
CYS N    N  N N 75  
CYS CA   C  N R 76  
CYS C    C  N N 77  
CYS O    O  N N 78  
CYS CB   C  N N 79  
CYS SG   S  N N 80  
CYS OXT  O  N N 81  
CYS H    H  N N 82  
CYS H2   H  N N 83  
CYS HA   H  N N 84  
CYS HB2  H  N N 85  
CYS HB3  H  N N 86  
CYS HG   H  N N 87  
CYS HXT  H  N N 88  
EDO C1   C  N N 89  
EDO O1   O  N N 90  
EDO C2   C  N N 91  
EDO O2   O  N N 92  
EDO H11  H  N N 93  
EDO H12  H  N N 94  
EDO HO1  H  N N 95  
EDO H21  H  N N 96  
EDO H22  H  N N 97  
EDO HO2  H  N N 98  
GLN N    N  N N 99  
GLN CA   C  N S 100 
GLN C    C  N N 101 
GLN O    O  N N 102 
GLN CB   C  N N 103 
GLN CG   C  N N 104 
GLN CD   C  N N 105 
GLN OE1  O  N N 106 
GLN NE2  N  N N 107 
GLN OXT  O  N N 108 
GLN H    H  N N 109 
GLN H2   H  N N 110 
GLN HA   H  N N 111 
GLN HB2  H  N N 112 
GLN HB3  H  N N 113 
GLN HG2  H  N N 114 
GLN HG3  H  N N 115 
GLN HE21 H  N N 116 
GLN HE22 H  N N 117 
GLN HXT  H  N N 118 
GLU N    N  N N 119 
GLU CA   C  N S 120 
GLU C    C  N N 121 
GLU O    O  N N 122 
GLU CB   C  N N 123 
GLU CG   C  N N 124 
GLU CD   C  N N 125 
GLU OE1  O  N N 126 
GLU OE2  O  N N 127 
GLU OXT  O  N N 128 
GLU H    H  N N 129 
GLU H2   H  N N 130 
GLU HA   H  N N 131 
GLU HB2  H  N N 132 
GLU HB3  H  N N 133 
GLU HG2  H  N N 134 
GLU HG3  H  N N 135 
GLU HE2  H  N N 136 
GLU HXT  H  N N 137 
GLY N    N  N N 138 
GLY CA   C  N N 139 
GLY C    C  N N 140 
GLY O    O  N N 141 
GLY OXT  O  N N 142 
GLY H    H  N N 143 
GLY H2   H  N N 144 
GLY HA2  H  N N 145 
GLY HA3  H  N N 146 
GLY HXT  H  N N 147 
HIS N    N  N N 148 
HIS CA   C  N S 149 
HIS C    C  N N 150 
HIS O    O  N N 151 
HIS CB   C  N N 152 
HIS CG   C  Y N 153 
HIS ND1  N  Y N 154 
HIS CD2  C  Y N 155 
HIS CE1  C  Y N 156 
HIS NE2  N  Y N 157 
HIS OXT  O  N N 158 
HIS H    H  N N 159 
HIS H2   H  N N 160 
HIS HA   H  N N 161 
HIS HB2  H  N N 162 
HIS HB3  H  N N 163 
HIS HD1  H  N N 164 
HIS HD2  H  N N 165 
HIS HE1  H  N N 166 
HIS HE2  H  N N 167 
HIS HXT  H  N N 168 
HOH O    O  N N 169 
HOH H1   H  N N 170 
HOH H2   H  N N 171 
ILE N    N  N N 172 
ILE CA   C  N S 173 
ILE C    C  N N 174 
ILE O    O  N N 175 
ILE CB   C  N S 176 
ILE CG1  C  N N 177 
ILE CG2  C  N N 178 
ILE CD1  C  N N 179 
ILE OXT  O  N N 180 
ILE H    H  N N 181 
ILE H2   H  N N 182 
ILE HA   H  N N 183 
ILE HB   H  N N 184 
ILE HG12 H  N N 185 
ILE HG13 H  N N 186 
ILE HG21 H  N N 187 
ILE HG22 H  N N 188 
ILE HG23 H  N N 189 
ILE HD11 H  N N 190 
ILE HD12 H  N N 191 
ILE HD13 H  N N 192 
ILE HXT  H  N N 193 
LEU N    N  N N 194 
LEU CA   C  N S 195 
LEU C    C  N N 196 
LEU O    O  N N 197 
LEU CB   C  N N 198 
LEU CG   C  N N 199 
LEU CD1  C  N N 200 
LEU CD2  C  N N 201 
LEU OXT  O  N N 202 
LEU H    H  N N 203 
LEU H2   H  N N 204 
LEU HA   H  N N 205 
LEU HB2  H  N N 206 
LEU HB3  H  N N 207 
LEU HG   H  N N 208 
LEU HD11 H  N N 209 
LEU HD12 H  N N 210 
LEU HD13 H  N N 211 
LEU HD21 H  N N 212 
LEU HD22 H  N N 213 
LEU HD23 H  N N 214 
LEU HXT  H  N N 215 
LYS N    N  N N 216 
LYS CA   C  N S 217 
LYS C    C  N N 218 
LYS O    O  N N 219 
LYS CB   C  N N 220 
LYS CG   C  N N 221 
LYS CD   C  N N 222 
LYS CE   C  N N 223 
LYS NZ   N  N N 224 
LYS OXT  O  N N 225 
LYS H    H  N N 226 
LYS H2   H  N N 227 
LYS HA   H  N N 228 
LYS HB2  H  N N 229 
LYS HB3  H  N N 230 
LYS HG2  H  N N 231 
LYS HG3  H  N N 232 
LYS HD2  H  N N 233 
LYS HD3  H  N N 234 
LYS HE2  H  N N 235 
LYS HE3  H  N N 236 
LYS HZ1  H  N N 237 
LYS HZ2  H  N N 238 
LYS HZ3  H  N N 239 
LYS HXT  H  N N 240 
MAN C1   C  N S 241 
MAN C2   C  N S 242 
MAN C3   C  N S 243 
MAN C4   C  N S 244 
MAN C5   C  N R 245 
MAN C6   C  N N 246 
MAN O1   O  N N 247 
MAN O2   O  N N 248 
MAN O3   O  N N 249 
MAN O4   O  N N 250 
MAN O5   O  N N 251 
MAN O6   O  N N 252 
MAN H1   H  N N 253 
MAN H2   H  N N 254 
MAN H3   H  N N 255 
MAN H4   H  N N 256 
MAN H5   H  N N 257 
MAN H61  H  N N 258 
MAN H62  H  N N 259 
MAN HO1  H  N N 260 
MAN HO2  H  N N 261 
MAN HO3  H  N N 262 
MAN HO4  H  N N 263 
MAN HO6  H  N N 264 
MET N    N  N N 265 
MET CA   C  N S 266 
MET C    C  N N 267 
MET O    O  N N 268 
MET CB   C  N N 269 
MET CG   C  N N 270 
MET SD   S  N N 271 
MET CE   C  N N 272 
MET OXT  O  N N 273 
MET H    H  N N 274 
MET H2   H  N N 275 
MET HA   H  N N 276 
MET HB2  H  N N 277 
MET HB3  H  N N 278 
MET HG2  H  N N 279 
MET HG3  H  N N 280 
MET HE1  H  N N 281 
MET HE2  H  N N 282 
MET HE3  H  N N 283 
MET HXT  H  N N 284 
MMA C1   C  N S 285 
MMA C2   C  N S 286 
MMA C3   C  N S 287 
MMA C4   C  N S 288 
MMA C5   C  N R 289 
MMA C6   C  N N 290 
MMA C7   C  N N 291 
MMA O1   O  N N 292 
MMA O2   O  N N 293 
MMA O3   O  N N 294 
MMA O4   O  N N 295 
MMA O5   O  N N 296 
MMA O6   O  N N 297 
MMA H1   H  N N 298 
MMA H2   H  N N 299 
MMA H3   H  N N 300 
MMA H4   H  N N 301 
MMA H5   H  N N 302 
MMA H61  H  N N 303 
MMA H62  H  N N 304 
MMA H71  H  N N 305 
MMA H72  H  N N 306 
MMA H73  H  N N 307 
MMA HO2  H  N N 308 
MMA HO3  H  N N 309 
MMA HO4  H  N N 310 
MMA HO6  H  N N 311 
NAG C1   C  N R 312 
NAG C2   C  N R 313 
NAG C3   C  N R 314 
NAG C4   C  N S 315 
NAG C5   C  N R 316 
NAG C6   C  N N 317 
NAG C7   C  N N 318 
NAG C8   C  N N 319 
NAG N2   N  N N 320 
NAG O1   O  N N 321 
NAG O3   O  N N 322 
NAG O4   O  N N 323 
NAG O5   O  N N 324 
NAG O6   O  N N 325 
NAG O7   O  N N 326 
NAG H1   H  N N 327 
NAG H2   H  N N 328 
NAG H3   H  N N 329 
NAG H4   H  N N 330 
NAG H5   H  N N 331 
NAG H61  H  N N 332 
NAG H62  H  N N 333 
NAG H81  H  N N 334 
NAG H82  H  N N 335 
NAG H83  H  N N 336 
NAG HN2  H  N N 337 
NAG HO1  H  N N 338 
NAG HO3  H  N N 339 
NAG HO4  H  N N 340 
NAG HO6  H  N N 341 
PHE N    N  N N 342 
PHE CA   C  N S 343 
PHE C    C  N N 344 
PHE O    O  N N 345 
PHE CB   C  N N 346 
PHE CG   C  Y N 347 
PHE CD1  C  Y N 348 
PHE CD2  C  Y N 349 
PHE CE1  C  Y N 350 
PHE CE2  C  Y N 351 
PHE CZ   C  Y N 352 
PHE OXT  O  N N 353 
PHE H    H  N N 354 
PHE H2   H  N N 355 
PHE HA   H  N N 356 
PHE HB2  H  N N 357 
PHE HB3  H  N N 358 
PHE HD1  H  N N 359 
PHE HD2  H  N N 360 
PHE HE1  H  N N 361 
PHE HE2  H  N N 362 
PHE HZ   H  N N 363 
PHE HXT  H  N N 364 
PRO N    N  N N 365 
PRO CA   C  N S 366 
PRO C    C  N N 367 
PRO O    O  N N 368 
PRO CB   C  N N 369 
PRO CG   C  N N 370 
PRO CD   C  N N 371 
PRO OXT  O  N N 372 
PRO H    H  N N 373 
PRO HA   H  N N 374 
PRO HB2  H  N N 375 
PRO HB3  H  N N 376 
PRO HG2  H  N N 377 
PRO HG3  H  N N 378 
PRO HD2  H  N N 379 
PRO HD3  H  N N 380 
PRO HXT  H  N N 381 
SER N    N  N N 382 
SER CA   C  N S 383 
SER C    C  N N 384 
SER O    O  N N 385 
SER CB   C  N N 386 
SER OG   O  N N 387 
SER OXT  O  N N 388 
SER H    H  N N 389 
SER H2   H  N N 390 
SER HA   H  N N 391 
SER HB2  H  N N 392 
SER HB3  H  N N 393 
SER HG   H  N N 394 
SER HXT  H  N N 395 
SO4 S    S  N N 396 
SO4 O1   O  N N 397 
SO4 O2   O  N N 398 
SO4 O3   O  N N 399 
SO4 O4   O  N N 400 
THR N    N  N N 401 
THR CA   C  N S 402 
THR C    C  N N 403 
THR O    O  N N 404 
THR CB   C  N R 405 
THR OG1  O  N N 406 
THR CG2  C  N N 407 
THR OXT  O  N N 408 
THR H    H  N N 409 
THR H2   H  N N 410 
THR HA   H  N N 411 
THR HB   H  N N 412 
THR HG1  H  N N 413 
THR HG21 H  N N 414 
THR HG22 H  N N 415 
THR HG23 H  N N 416 
THR HXT  H  N N 417 
TRP N    N  N N 418 
TRP CA   C  N S 419 
TRP C    C  N N 420 
TRP O    O  N N 421 
TRP CB   C  N N 422 
TRP CG   C  Y N 423 
TRP CD1  C  Y N 424 
TRP CD2  C  Y N 425 
TRP NE1  N  Y N 426 
TRP CE2  C  Y N 427 
TRP CE3  C  Y N 428 
TRP CZ2  C  Y N 429 
TRP CZ3  C  Y N 430 
TRP CH2  C  Y N 431 
TRP OXT  O  N N 432 
TRP H    H  N N 433 
TRP H2   H  N N 434 
TRP HA   H  N N 435 
TRP HB2  H  N N 436 
TRP HB3  H  N N 437 
TRP HD1  H  N N 438 
TRP HE1  H  N N 439 
TRP HE3  H  N N 440 
TRP HZ2  H  N N 441 
TRP HZ3  H  N N 442 
TRP HH2  H  N N 443 
TRP HXT  H  N N 444 
TYR N    N  N N 445 
TYR CA   C  N S 446 
TYR C    C  N N 447 
TYR O    O  N N 448 
TYR CB   C  N N 449 
TYR CG   C  Y N 450 
TYR CD1  C  Y N 451 
TYR CD2  C  Y N 452 
TYR CE1  C  Y N 453 
TYR CE2  C  Y N 454 
TYR CZ   C  Y N 455 
TYR OH   O  N N 456 
TYR OXT  O  N N 457 
TYR H    H  N N 458 
TYR H2   H  N N 459 
TYR HA   H  N N 460 
TYR HB2  H  N N 461 
TYR HB3  H  N N 462 
TYR HD1  H  N N 463 
TYR HD2  H  N N 464 
TYR HE1  H  N N 465 
TYR HE2  H  N N 466 
TYR HH   H  N N 467 
TYR HXT  H  N N 468 
VAL N    N  N N 469 
VAL CA   C  N S 470 
VAL C    C  N N 471 
VAL O    O  N N 472 
VAL CB   C  N N 473 
VAL CG1  C  N N 474 
VAL CG2  C  N N 475 
VAL OXT  O  N N 476 
VAL H    H  N N 477 
VAL H2   H  N N 478 
VAL HA   H  N N 479 
VAL HB   H  N N 480 
VAL HG11 H  N N 481 
VAL HG12 H  N N 482 
VAL HG13 H  N N 483 
VAL HG21 H  N N 484 
VAL HG22 H  N N 485 
VAL HG23 H  N N 486 
VAL HXT  H  N N 487 
# 
loop_
_chem_comp_bond.comp_id 
_chem_comp_bond.atom_id_1 
_chem_comp_bond.atom_id_2 
_chem_comp_bond.value_order 
_chem_comp_bond.pdbx_aromatic_flag 
_chem_comp_bond.pdbx_stereo_config 
_chem_comp_bond.pdbx_ordinal 
ALA N   CA   sing N N 1   
ALA N   H    sing N N 2   
ALA N   H2   sing N N 3   
ALA CA  C    sing N N 4   
ALA CA  CB   sing N N 5   
ALA CA  HA   sing N N 6   
ALA C   O    doub N N 7   
ALA C   OXT  sing N N 8   
ALA CB  HB1  sing N N 9   
ALA CB  HB2  sing N N 10  
ALA CB  HB3  sing N N 11  
ALA OXT HXT  sing N N 12  
ARG N   CA   sing N N 13  
ARG N   H    sing N N 14  
ARG N   H2   sing N N 15  
ARG CA  C    sing N N 16  
ARG CA  CB   sing N N 17  
ARG CA  HA   sing N N 18  
ARG C   O    doub N N 19  
ARG C   OXT  sing N N 20  
ARG CB  CG   sing N N 21  
ARG CB  HB2  sing N N 22  
ARG CB  HB3  sing N N 23  
ARG CG  CD   sing N N 24  
ARG CG  HG2  sing N N 25  
ARG CG  HG3  sing N N 26  
ARG CD  NE   sing N N 27  
ARG CD  HD2  sing N N 28  
ARG CD  HD3  sing N N 29  
ARG NE  CZ   sing N N 30  
ARG NE  HE   sing N N 31  
ARG CZ  NH1  sing N N 32  
ARG CZ  NH2  doub N N 33  
ARG NH1 HH11 sing N N 34  
ARG NH1 HH12 sing N N 35  
ARG NH2 HH21 sing N N 36  
ARG NH2 HH22 sing N N 37  
ARG OXT HXT  sing N N 38  
ASN N   CA   sing N N 39  
ASN N   H    sing N N 40  
ASN N   H2   sing N N 41  
ASN CA  C    sing N N 42  
ASN CA  CB   sing N N 43  
ASN CA  HA   sing N N 44  
ASN C   O    doub N N 45  
ASN C   OXT  sing N N 46  
ASN CB  CG   sing N N 47  
ASN CB  HB2  sing N N 48  
ASN CB  HB3  sing N N 49  
ASN CG  OD1  doub N N 50  
ASN CG  ND2  sing N N 51  
ASN ND2 HD21 sing N N 52  
ASN ND2 HD22 sing N N 53  
ASN OXT HXT  sing N N 54  
ASP N   CA   sing N N 55  
ASP N   H    sing N N 56  
ASP N   H2   sing N N 57  
ASP CA  C    sing N N 58  
ASP CA  CB   sing N N 59  
ASP CA  HA   sing N N 60  
ASP C   O    doub N N 61  
ASP C   OXT  sing N N 62  
ASP CB  CG   sing N N 63  
ASP CB  HB2  sing N N 64  
ASP CB  HB3  sing N N 65  
ASP CG  OD1  doub N N 66  
ASP CG  OD2  sing N N 67  
ASP OD2 HD2  sing N N 68  
ASP OXT HXT  sing N N 69  
CYS N   CA   sing N N 70  
CYS N   H    sing N N 71  
CYS N   H2   sing N N 72  
CYS CA  C    sing N N 73  
CYS CA  CB   sing N N 74  
CYS CA  HA   sing N N 75  
CYS C   O    doub N N 76  
CYS C   OXT  sing N N 77  
CYS CB  SG   sing N N 78  
CYS CB  HB2  sing N N 79  
CYS CB  HB3  sing N N 80  
CYS SG  HG   sing N N 81  
CYS OXT HXT  sing N N 82  
EDO C1  O1   sing N N 83  
EDO C1  C2   sing N N 84  
EDO C1  H11  sing N N 85  
EDO C1  H12  sing N N 86  
EDO O1  HO1  sing N N 87  
EDO C2  O2   sing N N 88  
EDO C2  H21  sing N N 89  
EDO C2  H22  sing N N 90  
EDO O2  HO2  sing N N 91  
GLN N   CA   sing N N 92  
GLN N   H    sing N N 93  
GLN N   H2   sing N N 94  
GLN CA  C    sing N N 95  
GLN CA  CB   sing N N 96  
GLN CA  HA   sing N N 97  
GLN C   O    doub N N 98  
GLN C   OXT  sing N N 99  
GLN CB  CG   sing N N 100 
GLN CB  HB2  sing N N 101 
GLN CB  HB3  sing N N 102 
GLN CG  CD   sing N N 103 
GLN CG  HG2  sing N N 104 
GLN CG  HG3  sing N N 105 
GLN CD  OE1  doub N N 106 
GLN CD  NE2  sing N N 107 
GLN NE2 HE21 sing N N 108 
GLN NE2 HE22 sing N N 109 
GLN OXT HXT  sing N N 110 
GLU N   CA   sing N N 111 
GLU N   H    sing N N 112 
GLU N   H2   sing N N 113 
GLU CA  C    sing N N 114 
GLU CA  CB   sing N N 115 
GLU CA  HA   sing N N 116 
GLU C   O    doub N N 117 
GLU C   OXT  sing N N 118 
GLU CB  CG   sing N N 119 
GLU CB  HB2  sing N N 120 
GLU CB  HB3  sing N N 121 
GLU CG  CD   sing N N 122 
GLU CG  HG2  sing N N 123 
GLU CG  HG3  sing N N 124 
GLU CD  OE1  doub N N 125 
GLU CD  OE2  sing N N 126 
GLU OE2 HE2  sing N N 127 
GLU OXT HXT  sing N N 128 
GLY N   CA   sing N N 129 
GLY N   H    sing N N 130 
GLY N   H2   sing N N 131 
GLY CA  C    sing N N 132 
GLY CA  HA2  sing N N 133 
GLY CA  HA3  sing N N 134 
GLY C   O    doub N N 135 
GLY C   OXT  sing N N 136 
GLY OXT HXT  sing N N 137 
HIS N   CA   sing N N 138 
HIS N   H    sing N N 139 
HIS N   H2   sing N N 140 
HIS CA  C    sing N N 141 
HIS CA  CB   sing N N 142 
HIS CA  HA   sing N N 143 
HIS C   O    doub N N 144 
HIS C   OXT  sing N N 145 
HIS CB  CG   sing N N 146 
HIS CB  HB2  sing N N 147 
HIS CB  HB3  sing N N 148 
HIS CG  ND1  sing Y N 149 
HIS CG  CD2  doub Y N 150 
HIS ND1 CE1  doub Y N 151 
HIS ND1 HD1  sing N N 152 
HIS CD2 NE2  sing Y N 153 
HIS CD2 HD2  sing N N 154 
HIS CE1 NE2  sing Y N 155 
HIS CE1 HE1  sing N N 156 
HIS NE2 HE2  sing N N 157 
HIS OXT HXT  sing N N 158 
HOH O   H1   sing N N 159 
HOH O   H2   sing N N 160 
ILE N   CA   sing N N 161 
ILE N   H    sing N N 162 
ILE N   H2   sing N N 163 
ILE CA  C    sing N N 164 
ILE CA  CB   sing N N 165 
ILE CA  HA   sing N N 166 
ILE C   O    doub N N 167 
ILE C   OXT  sing N N 168 
ILE CB  CG1  sing N N 169 
ILE CB  CG2  sing N N 170 
ILE CB  HB   sing N N 171 
ILE CG1 CD1  sing N N 172 
ILE CG1 HG12 sing N N 173 
ILE CG1 HG13 sing N N 174 
ILE CG2 HG21 sing N N 175 
ILE CG2 HG22 sing N N 176 
ILE CG2 HG23 sing N N 177 
ILE CD1 HD11 sing N N 178 
ILE CD1 HD12 sing N N 179 
ILE CD1 HD13 sing N N 180 
ILE OXT HXT  sing N N 181 
LEU N   CA   sing N N 182 
LEU N   H    sing N N 183 
LEU N   H2   sing N N 184 
LEU CA  C    sing N N 185 
LEU CA  CB   sing N N 186 
LEU CA  HA   sing N N 187 
LEU C   O    doub N N 188 
LEU C   OXT  sing N N 189 
LEU CB  CG   sing N N 190 
LEU CB  HB2  sing N N 191 
LEU CB  HB3  sing N N 192 
LEU CG  CD1  sing N N 193 
LEU CG  CD2  sing N N 194 
LEU CG  HG   sing N N 195 
LEU CD1 HD11 sing N N 196 
LEU CD1 HD12 sing N N 197 
LEU CD1 HD13 sing N N 198 
LEU CD2 HD21 sing N N 199 
LEU CD2 HD22 sing N N 200 
LEU CD2 HD23 sing N N 201 
LEU OXT HXT  sing N N 202 
LYS N   CA   sing N N 203 
LYS N   H    sing N N 204 
LYS N   H2   sing N N 205 
LYS CA  C    sing N N 206 
LYS CA  CB   sing N N 207 
LYS CA  HA   sing N N 208 
LYS C   O    doub N N 209 
LYS C   OXT  sing N N 210 
LYS CB  CG   sing N N 211 
LYS CB  HB2  sing N N 212 
LYS CB  HB3  sing N N 213 
LYS CG  CD   sing N N 214 
LYS CG  HG2  sing N N 215 
LYS CG  HG3  sing N N 216 
LYS CD  CE   sing N N 217 
LYS CD  HD2  sing N N 218 
LYS CD  HD3  sing N N 219 
LYS CE  NZ   sing N N 220 
LYS CE  HE2  sing N N 221 
LYS CE  HE3  sing N N 222 
LYS NZ  HZ1  sing N N 223 
LYS NZ  HZ2  sing N N 224 
LYS NZ  HZ3  sing N N 225 
LYS OXT HXT  sing N N 226 
MAN C1  C2   sing N N 227 
MAN C1  O1   sing N N 228 
MAN C1  O5   sing N N 229 
MAN C1  H1   sing N N 230 
MAN C2  C3   sing N N 231 
MAN C2  O2   sing N N 232 
MAN C2  H2   sing N N 233 
MAN C3  C4   sing N N 234 
MAN C3  O3   sing N N 235 
MAN C3  H3   sing N N 236 
MAN C4  C5   sing N N 237 
MAN C4  O4   sing N N 238 
MAN C4  H4   sing N N 239 
MAN C5  C6   sing N N 240 
MAN C5  O5   sing N N 241 
MAN C5  H5   sing N N 242 
MAN C6  O6   sing N N 243 
MAN C6  H61  sing N N 244 
MAN C6  H62  sing N N 245 
MAN O1  HO1  sing N N 246 
MAN O2  HO2  sing N N 247 
MAN O3  HO3  sing N N 248 
MAN O4  HO4  sing N N 249 
MAN O6  HO6  sing N N 250 
MET N   CA   sing N N 251 
MET N   H    sing N N 252 
MET N   H2   sing N N 253 
MET CA  C    sing N N 254 
MET CA  CB   sing N N 255 
MET CA  HA   sing N N 256 
MET C   O    doub N N 257 
MET C   OXT  sing N N 258 
MET CB  CG   sing N N 259 
MET CB  HB2  sing N N 260 
MET CB  HB3  sing N N 261 
MET CG  SD   sing N N 262 
MET CG  HG2  sing N N 263 
MET CG  HG3  sing N N 264 
MET SD  CE   sing N N 265 
MET CE  HE1  sing N N 266 
MET CE  HE2  sing N N 267 
MET CE  HE3  sing N N 268 
MET OXT HXT  sing N N 269 
MMA C1  C2   sing N N 270 
MMA C1  O1   sing N N 271 
MMA C1  O5   sing N N 272 
MMA C1  H1   sing N N 273 
MMA C2  C3   sing N N 274 
MMA C2  O2   sing N N 275 
MMA C2  H2   sing N N 276 
MMA C3  C4   sing N N 277 
MMA C3  O3   sing N N 278 
MMA C3  H3   sing N N 279 
MMA C4  C5   sing N N 280 
MMA C4  O4   sing N N 281 
MMA C4  H4   sing N N 282 
MMA C5  C6   sing N N 283 
MMA C5  O5   sing N N 284 
MMA C5  H5   sing N N 285 
MMA C6  O6   sing N N 286 
MMA C6  H61  sing N N 287 
MMA C6  H62  sing N N 288 
MMA C7  O1   sing N N 289 
MMA C7  H71  sing N N 290 
MMA C7  H72  sing N N 291 
MMA C7  H73  sing N N 292 
MMA O2  HO2  sing N N 293 
MMA O3  HO3  sing N N 294 
MMA O4  HO4  sing N N 295 
MMA O6  HO6  sing N N 296 
NAG C1  C2   sing N N 297 
NAG C1  O1   sing N N 298 
NAG C1  O5   sing N N 299 
NAG C1  H1   sing N N 300 
NAG C2  C3   sing N N 301 
NAG C2  N2   sing N N 302 
NAG C2  H2   sing N N 303 
NAG C3  C4   sing N N 304 
NAG C3  O3   sing N N 305 
NAG C3  H3   sing N N 306 
NAG C4  C5   sing N N 307 
NAG C4  O4   sing N N 308 
NAG C4  H4   sing N N 309 
NAG C5  C6   sing N N 310 
NAG C5  O5   sing N N 311 
NAG C5  H5   sing N N 312 
NAG C6  O6   sing N N 313 
NAG C6  H61  sing N N 314 
NAG C6  H62  sing N N 315 
NAG C7  C8   sing N N 316 
NAG C7  N2   sing N N 317 
NAG C7  O7   doub N N 318 
NAG C8  H81  sing N N 319 
NAG C8  H82  sing N N 320 
NAG C8  H83  sing N N 321 
NAG N2  HN2  sing N N 322 
NAG O1  HO1  sing N N 323 
NAG O3  HO3  sing N N 324 
NAG O4  HO4  sing N N 325 
NAG O6  HO6  sing N N 326 
PHE N   CA   sing N N 327 
PHE N   H    sing N N 328 
PHE N   H2   sing N N 329 
PHE CA  C    sing N N 330 
PHE CA  CB   sing N N 331 
PHE CA  HA   sing N N 332 
PHE C   O    doub N N 333 
PHE C   OXT  sing N N 334 
PHE CB  CG   sing N N 335 
PHE CB  HB2  sing N N 336 
PHE CB  HB3  sing N N 337 
PHE CG  CD1  doub Y N 338 
PHE CG  CD2  sing Y N 339 
PHE CD1 CE1  sing Y N 340 
PHE CD1 HD1  sing N N 341 
PHE CD2 CE2  doub Y N 342 
PHE CD2 HD2  sing N N 343 
PHE CE1 CZ   doub Y N 344 
PHE CE1 HE1  sing N N 345 
PHE CE2 CZ   sing Y N 346 
PHE CE2 HE2  sing N N 347 
PHE CZ  HZ   sing N N 348 
PHE OXT HXT  sing N N 349 
PRO N   CA   sing N N 350 
PRO N   CD   sing N N 351 
PRO N   H    sing N N 352 
PRO CA  C    sing N N 353 
PRO CA  CB   sing N N 354 
PRO CA  HA   sing N N 355 
PRO C   O    doub N N 356 
PRO C   OXT  sing N N 357 
PRO CB  CG   sing N N 358 
PRO CB  HB2  sing N N 359 
PRO CB  HB3  sing N N 360 
PRO CG  CD   sing N N 361 
PRO CG  HG2  sing N N 362 
PRO CG  HG3  sing N N 363 
PRO CD  HD2  sing N N 364 
PRO CD  HD3  sing N N 365 
PRO OXT HXT  sing N N 366 
SER N   CA   sing N N 367 
SER N   H    sing N N 368 
SER N   H2   sing N N 369 
SER CA  C    sing N N 370 
SER CA  CB   sing N N 371 
SER CA  HA   sing N N 372 
SER C   O    doub N N 373 
SER C   OXT  sing N N 374 
SER CB  OG   sing N N 375 
SER CB  HB2  sing N N 376 
SER CB  HB3  sing N N 377 
SER OG  HG   sing N N 378 
SER OXT HXT  sing N N 379 
SO4 S   O1   doub N N 380 
SO4 S   O2   doub N N 381 
SO4 S   O3   sing N N 382 
SO4 S   O4   sing N N 383 
THR N   CA   sing N N 384 
THR N   H    sing N N 385 
THR N   H2   sing N N 386 
THR CA  C    sing N N 387 
THR CA  CB   sing N N 388 
THR CA  HA   sing N N 389 
THR C   O    doub N N 390 
THR C   OXT  sing N N 391 
THR CB  OG1  sing N N 392 
THR CB  CG2  sing N N 393 
THR CB  HB   sing N N 394 
THR OG1 HG1  sing N N 395 
THR CG2 HG21 sing N N 396 
THR CG2 HG22 sing N N 397 
THR CG2 HG23 sing N N 398 
THR OXT HXT  sing N N 399 
TRP N   CA   sing N N 400 
TRP N   H    sing N N 401 
TRP N   H2   sing N N 402 
TRP CA  C    sing N N 403 
TRP CA  CB   sing N N 404 
TRP CA  HA   sing N N 405 
TRP C   O    doub N N 406 
TRP C   OXT  sing N N 407 
TRP CB  CG   sing N N 408 
TRP CB  HB2  sing N N 409 
TRP CB  HB3  sing N N 410 
TRP CG  CD1  doub Y N 411 
TRP CG  CD2  sing Y N 412 
TRP CD1 NE1  sing Y N 413 
TRP CD1 HD1  sing N N 414 
TRP CD2 CE2  doub Y N 415 
TRP CD2 CE3  sing Y N 416 
TRP NE1 CE2  sing Y N 417 
TRP NE1 HE1  sing N N 418 
TRP CE2 CZ2  sing Y N 419 
TRP CE3 CZ3  doub Y N 420 
TRP CE3 HE3  sing N N 421 
TRP CZ2 CH2  doub Y N 422 
TRP CZ2 HZ2  sing N N 423 
TRP CZ3 CH2  sing Y N 424 
TRP CZ3 HZ3  sing N N 425 
TRP CH2 HH2  sing N N 426 
TRP OXT HXT  sing N N 427 
TYR N   CA   sing N N 428 
TYR N   H    sing N N 429 
TYR N   H2   sing N N 430 
TYR CA  C    sing N N 431 
TYR CA  CB   sing N N 432 
TYR CA  HA   sing N N 433 
TYR C   O    doub N N 434 
TYR C   OXT  sing N N 435 
TYR CB  CG   sing N N 436 
TYR CB  HB2  sing N N 437 
TYR CB  HB3  sing N N 438 
TYR CG  CD1  doub Y N 439 
TYR CG  CD2  sing Y N 440 
TYR CD1 CE1  sing Y N 441 
TYR CD1 HD1  sing N N 442 
TYR CD2 CE2  doub Y N 443 
TYR CD2 HD2  sing N N 444 
TYR CE1 CZ   doub Y N 445 
TYR CE1 HE1  sing N N 446 
TYR CE2 CZ   sing Y N 447 
TYR CE2 HE2  sing N N 448 
TYR CZ  OH   sing N N 449 
TYR OH  HH   sing N N 450 
TYR OXT HXT  sing N N 451 
VAL N   CA   sing N N 452 
VAL N   H    sing N N 453 
VAL N   H2   sing N N 454 
VAL CA  C    sing N N 455 
VAL CA  CB   sing N N 456 
VAL CA  HA   sing N N 457 
VAL C   O    doub N N 458 
VAL C   OXT  sing N N 459 
VAL CB  CG1  sing N N 460 
VAL CB  CG2  sing N N 461 
VAL CB  HB   sing N N 462 
VAL CG1 HG11 sing N N 463 
VAL CG1 HG12 sing N N 464 
VAL CG1 HG13 sing N N 465 
VAL CG2 HG21 sing N N 466 
VAL CG2 HG22 sing N N 467 
VAL CG2 HG23 sing N N 468 
VAL OXT HXT  sing N N 469 
# 
loop_
_pdbx_entity_branch_list.entity_id 
_pdbx_entity_branch_list.comp_id 
_pdbx_entity_branch_list.num 
_pdbx_entity_branch_list.hetero 
2 MMA 1 n 
2 MAN 2 n 
2 NAG 3 n 
2 MAN 4 n 
2 NAG 5 n 
2 NAG 6 n 
# 
_atom_sites.entry_id                    3VYK 
_atom_sites.fract_transf_matrix[1][1]   -0.01430776 
_atom_sites.fract_transf_matrix[1][2]   -0.00479510 
_atom_sites.fract_transf_matrix[1][3]   0.00103812 
_atom_sites.fract_transf_matrix[2][1]   -0.00324523 
_atom_sites.fract_transf_matrix[2][2]   -0.01245318 
_atom_sites.fract_transf_matrix[2][3]   0.00794875 
_atom_sites.fract_transf_matrix[3][1]   -0.00251445 
_atom_sites.fract_transf_matrix[3][2]   0.01101731 
_atom_sites.fract_transf_matrix[3][3]   0.01623406 
_atom_sites.fract_transf_vector[1]      -0.448318 
_atom_sites.fract_transf_vector[2]      -0.249785 
_atom_sites.fract_transf_vector[3]      -0.142036 
# 
loop_
_atom_type.symbol 
C  
CA 
N  
O  
S  
# 
loop_
_atom_site.group_PDB 
_atom_site.id 
_atom_site.type_symbol 
_atom_site.label_atom_id 
_atom_site.label_alt_id 
_atom_site.label_comp_id 
_atom_site.label_asym_id 
_atom_site.label_entity_id 
_atom_site.label_seq_id 
_atom_site.pdbx_PDB_ins_code 
_atom_site.Cartn_x 
_atom_site.Cartn_y 
_atom_site.Cartn_z 
_atom_site.occupancy 
_atom_site.B_iso_or_equiv 
_atom_site.pdbx_formal_charge 
_atom_site.auth_seq_id 
_atom_site.auth_comp_id 
_atom_site.auth_asym_id 
_atom_site.auth_atom_id 
_atom_site.pdbx_PDB_model_num 
ATOM   1    N  N   . SER A 1 2   ? -15.602 8.271   -13.855 1.00 35.24 ? 106  SER A N   1 
ATOM   2    C  CA  . SER A 1 2   ? -14.762 7.701   -14.953 1.00 35.83 ? 106  SER A CA  1 
ATOM   3    C  C   . SER A 1 2   ? -13.803 6.622   -14.443 1.00 34.23 ? 106  SER A C   1 
ATOM   4    O  O   . SER A 1 2   ? -12.751 6.378   -15.035 1.00 34.23 ? 106  SER A O   1 
ATOM   5    C  CB  . SER A 1 2   ? -14.001 8.806   -15.694 1.00 37.44 ? 106  SER A CB  1 
ATOM   6    O  OG  . SER A 1 2   ? -13.225 8.271   -16.759 1.00 38.50 ? 106  SER A OG  1 
ATOM   7    N  N   . CYS A 1 3   ? -14.167 5.984   -13.337 1.00 31.41 ? 107  CYS A N   1 
ATOM   8    C  CA  . CYS A 1 3   ? -13.503 4.752   -12.928 1.00 29.74 ? 107  CYS A CA  1 
ATOM   9    C  C   . CYS A 1 3   ? -14.460 3.576   -13.106 1.00 29.88 ? 107  CYS A C   1 
ATOM   10   O  O   . CYS A 1 3   ? -15.682 3.769   -13.090 1.00 30.53 ? 107  CYS A O   1 
ATOM   11   C  CB  . CYS A 1 3   ? -12.989 4.844   -11.490 1.00 27.23 ? 107  CYS A CB  1 
ATOM   12   S  SG  . CYS A 1 3   ? -11.550 5.931   -11.323 1.00 24.29 ? 107  CYS A SG  1 
ATOM   13   N  N   . PRO A 1 4   ? -13.912 2.360   -13.300 1.00 30.50 ? 108  PRO A N   1 
ATOM   14   C  CA  . PRO A 1 4   ? -14.764 1.172   -13.405 1.00 31.19 ? 108  PRO A CA  1 
ATOM   15   C  C   . PRO A 1 4   ? -15.616 0.965   -12.157 1.00 31.05 ? 108  PRO A C   1 
ATOM   16   O  O   . PRO A 1 4   ? -15.291 1.487   -11.083 1.00 29.72 ? 108  PRO A O   1 
ATOM   17   C  CB  . PRO A 1 4   ? -13.757 0.028   -13.534 1.00 30.83 ? 108  PRO A CB  1 
ATOM   18   C  CG  . PRO A 1 4   ? -12.530 0.652   -14.093 1.00 31.60 ? 108  PRO A CG  1 
ATOM   19   C  CD  . PRO A 1 4   ? -12.491 2.042   -13.530 1.00 30.96 ? 108  PRO A CD  1 
ATOM   20   N  N   . LYS A 1 5   ? -16.701 0.210   -12.314 1.00 31.23 ? 109  LYS A N   1 
ATOM   21   C  CA  . LYS A 1 5   ? -17.578 -0.157  -11.208 0.50 30.71 ? 109  LYS A CA  1 
ATOM   22   C  C   . LYS A 1 5   ? -16.771 -0.688  -10.025 1.00 29.57 ? 109  LYS A C   1 
ATOM   23   O  O   . LYS A 1 5   ? -15.893 -1.534  -10.198 1.00 29.68 ? 109  LYS A O   1 
ATOM   24   C  CB  . LYS A 1 5   ? -18.592 -1.205  -11.678 1.00 32.31 ? 109  LYS A CB  1 
ATOM   25   C  CG  . LYS A 1 5   ? -19.600 -1.648  -10.626 1.00 34.16 ? 109  LYS A CG  1 
ATOM   26   C  CD  . LYS A 1 5   ? -20.675 -2.534  -11.243 1.00 35.75 ? 109  LYS A CD  1 
ATOM   27   C  CE  . LYS A 1 5   ? -21.643 -1.715  -12.086 1.00 37.64 ? 109  LYS A CE  1 
ATOM   28   N  NZ  . LYS A 1 5   ? -22.252 -2.507  -13.192 1.00 39.28 ? 109  LYS A NZ  1 
ATOM   29   N  N   . ASP A 1 6   ? -17.071 -0.160  -8.840  1.00 28.96 ? 110  ASP A N   1 
ATOM   30   C  CA  . ASP A 1 6   ? -16.446 -0.559  -7.568  0.50 28.15 ? 110  ASP A CA  1 
ATOM   31   C  C   . ASP A 1 6   ? -15.030 -0.015  -7.335  1.00 26.46 ? 110  ASP A C   1 
ATOM   32   O  O   . ASP A 1 6   ? -14.416 -0.311  -6.306  1.00 26.64 ? 110  ASP A O   1 
ATOM   33   C  CB  . ASP A 1 6   ? -16.493 -2.083  -7.358  1.00 30.74 ? 110  ASP A CB  1 
ATOM   34   C  CG  . ASP A 1 6   ? -17.911 -2.612  -7.195  1.00 32.36 ? 110  ASP A CG  1 
ATOM   35   O  OD1 . ASP A 1 6   ? -18.168 -3.744  -7.646  1.00 35.33 ? 110  ASP A OD1 1 
ATOM   36   O  OD2 . ASP A 1 6   ? -18.769 -1.908  -6.618  1.00 34.80 ? 110  ASP A OD2 1 
ATOM   37   N  N   . TRP A 1 7   ? -14.528 0.780   -8.278  1.00 23.65 ? 111  TRP A N   1 
ATOM   38   C  CA  . TRP A 1 7   ? -13.270 1.517   -8.095  1.00 22.55 ? 111  TRP A CA  1 
ATOM   39   C  C   . TRP A 1 7   ? -13.581 2.927   -7.686  1.00 22.26 ? 111  TRP A C   1 
ATOM   40   O  O   . TRP A 1 7   ? -14.618 3.483   -8.074  1.00 23.03 ? 111  TRP A O   1 
ATOM   41   C  CB  . TRP A 1 7   ? -12.435 1.521   -9.376  1.00 22.20 ? 111  TRP A CB  1 
ATOM   42   C  CG  . TRP A 1 7   ? -11.840 0.176   -9.733  1.00 21.91 ? 111  TRP A CG  1 
ATOM   43   C  CD1 . TRP A 1 7   ? -12.526 -0.984  -10.095 1.00 22.62 ? 111  TRP A CD1 1 
ATOM   44   C  CD2 . TRP A 1 7   ? -10.413 -0.192  -9.797  1.00 21.66 ? 111  TRP A CD2 1 
ATOM   45   N  NE1 . TRP A 1 7   ? -11.655 -2.006  -10.353 1.00 22.07 ? 111  TRP A NE1 1 
ATOM   46   C  CE2 . TRP A 1 7   ? -10.375 -1.605  -10.199 1.00 21.96 ? 111  TRP A CE2 1 
ATOM   47   C  CE3 . TRP A 1 7   ? -9.211  0.478   -9.566  1.00 21.39 ? 111  TRP A CE3 1 
ATOM   48   C  CZ2 . TRP A 1 7   ? -9.179  -2.295  -10.351 1.00 21.87 ? 111  TRP A CZ2 1 
ATOM   49   C  CZ3 . TRP A 1 7   ? -8.010  -0.230  -9.730  1.00 21.43 ? 111  TRP A CZ3 1 
ATOM   50   C  CH2 . TRP A 1 7   ? -7.998  -1.585  -10.115 1.00 21.89 ? 111  TRP A CH2 1 
ATOM   51   N  N   . LYS A 1 8   ? -12.689 3.521   -6.896  1.00 20.55 ? 112  LYS A N   1 
ATOM   52   C  CA  . LYS A 1 8   ? -12.853 4.904   -6.428  1.00 19.82 ? 112  LYS A CA  1 
ATOM   53   C  C   . LYS A 1 8   ? -11.882 5.855   -7.133  1.00 17.85 ? 112  LYS A C   1 
ATOM   54   O  O   . LYS A 1 8   ? -10.682 5.575   -7.195  1.00 16.80 ? 112  LYS A O   1 
ATOM   55   C  CB  . LYS A 1 8   ? -12.635 4.994   -4.909  1.00 21.38 ? 112  LYS A CB  1 
ATOM   56   C  CG  . LYS A 1 8   ? -13.652 4.257   -4.035  1.00 24.39 ? 112  LYS A CG  1 
ATOM   57   C  CD  . LYS A 1 8   ? -14.978 5.004   -3.973  1.00 25.41 ? 112  LYS A CD  1 
ATOM   58   C  CE  . LYS A 1 8   ? -15.876 4.481   -2.865  1.00 26.78 ? 112  LYS A CE  1 
ATOM   59   N  NZ  . LYS A 1 8   ? -15.679 5.178   -1.565  1.00 27.47 ? 112  LYS A NZ  1 
ATOM   60   N  N   . PRO A 1 9   ? -12.388 6.978   -7.673  1.00 16.39 ? 113  PRO A N   1 
ATOM   61   C  CA  . PRO A 1 9   ? -11.509 7.926   -8.351  1.00 16.18 ? 113  PRO A CA  1 
ATOM   62   C  C   . PRO A 1 9   ? -10.835 8.893   -7.401  1.00 15.02 ? 113  PRO A C   1 
ATOM   63   O  O   . PRO A 1 9   ? -11.426 9.323   -6.412  1.00 15.59 ? 113  PRO A O   1 
ATOM   64   C  CB  . PRO A 1 9   ? -12.464 8.691   -9.263  1.00 17.22 ? 113  PRO A CB  1 
ATOM   65   C  CG  . PRO A 1 9   ? -13.751 8.689   -8.510  1.00 17.35 ? 113  PRO A CG  1 
ATOM   66   C  CD  . PRO A 1 9   ? -13.806 7.375   -7.779  1.00 16.90 ? 113  PRO A CD  1 
ATOM   67   N  N   . PHE A 1 10  ? -9.598  9.247   -7.729  1.00 13.88 ? 114  PHE A N   1 
ATOM   68   C  CA  . PHE A 1 10  ? -8.923  10.328  -7.031  1.00 13.99 ? 114  PHE A CA  1 
ATOM   69   C  C   . PHE A 1 10  ? -7.981  10.964  -8.022  1.00 14.32 ? 114  PHE A C   1 
ATOM   70   O  O   . PHE A 1 10  ? -6.915  10.414  -8.335  1.00 13.92 ? 114  PHE A O   1 
ATOM   71   C  CB  . PHE A 1 10  ? -8.202  9.828   -5.768  1.00 14.02 ? 114  PHE A CB  1 
ATOM   72   C  CG  . PHE A 1 10  ? -7.540  10.919  -4.971  1.00 14.33 ? 114  PHE A CG  1 
ATOM   73   C  CD1 . PHE A 1 10  ? -8.298  11.840  -4.249  1.00 14.74 ? 114  PHE A CD1 1 
ATOM   74   C  CD2 . PHE A 1 10  ? -6.152  11.014  -4.914  1.00 14.37 ? 114  PHE A CD2 1 
ATOM   75   C  CE1 . PHE A 1 10  ? -7.681  12.840  -3.502  1.00 15.11 ? 114  PHE A CE1 1 
ATOM   76   C  CE2 . PHE A 1 10  ? -5.536  12.016  -4.174  1.00 15.19 ? 114  PHE A CE2 1 
ATOM   77   C  CZ  . PHE A 1 10  ? -6.301  12.925  -3.465  1.00 15.45 ? 114  PHE A CZ  1 
ATOM   78   N  N   . VAL A 1 11  ? -8.411  12.128  -8.512  1.00 14.59 ? 115  VAL A N   1 
ATOM   79   C  CA  . VAL A 1 11  ? -7.686  12.928  -9.515  1.00 14.81 ? 115  VAL A CA  1 
ATOM   80   C  C   . VAL A 1 11  ? -7.393  12.085  -10.765 1.00 14.88 ? 115  VAL A C   1 
ATOM   81   O  O   . VAL A 1 11  ? -8.321  11.756  -11.492 1.00 15.48 ? 115  VAL A O   1 
ATOM   82   C  CB  . VAL A 1 11  ? -6.463  13.682  -8.928  1.00 15.28 ? 115  VAL A CB  1 
ATOM   83   C  CG1 . VAL A 1 11  ? -5.987  14.770  -9.884  1.00 15.69 ? 115  VAL A CG1 1 
ATOM   84   C  CG2 . VAL A 1 11  ? -6.831  14.328  -7.597  1.00 15.94 ? 115  VAL A CG2 1 
ATOM   85   N  N   . SER A 1 12  ? -6.136  11.706  -10.987 1.00 15.38 ? 116  SER A N   1 
ATOM   86   C  CA  . SER A 1 12  ? -5.753  11.004  -12.212 1.00 15.16 ? 116  SER A CA  1 
ATOM   87   C  C   . SER A 1 12  ? -5.800  9.479   -12.110 1.00 15.12 ? 116  SER A C   1 
ATOM   88   O  O   . SER A 1 12  ? -5.543  8.800   -13.100 1.00 15.73 ? 116  SER A O   1 
ATOM   89   C  CB  . SER A 1 12  ? -4.349  11.433  -12.638 1.00 15.66 ? 116  SER A CB  1 
ATOM   90   O  OG  . SER A 1 12  ? -3.400  11.135  -11.629 1.00 17.60 ? 116  SER A OG  1 
ATOM   91   N  N   . HIS A 1 13  ? -6.129  8.941   -10.935 1.00 15.08 ? 117  HIS A N   1 
ATOM   92   C  CA  . HIS A 1 13  ? -6.110  7.491   -10.723 1.00 16.05 ? 117  HIS A CA  1 
ATOM   93   C  C   . HIS A 1 13  ? -7.419  6.911   -10.243 1.00 15.45 ? 117  HIS A C   1 
ATOM   94   O  O   . HIS A 1 13  ? -8.301  7.625   -9.735  1.00 14.92 ? 117  HIS A O   1 
ATOM   95   C  CB  . HIS A 1 13  ? -5.032  7.105   -9.715  1.00 16.94 ? 117  HIS A CB  1 
ATOM   96   C  CG  . HIS A 1 13  ? -3.625  7.348   -10.185 1.00 18.64 ? 117  HIS A CG  1 
ATOM   97   N  ND1 . HIS A 1 13  ? -2.959  8.488   -9.905  1.00 20.93 ? 117  HIS A ND1 1 
ATOM   98   C  CD2 . HIS A 1 13  ? -2.755  6.548   -10.919 1.00 19.63 ? 117  HIS A CD2 1 
ATOM   99   C  CE1 . HIS A 1 13  ? -1.721  8.423   -10.439 1.00 21.15 ? 117  HIS A CE1 1 
ATOM   100  N  NE2 . HIS A 1 13  ? -1.600  7.239   -11.065 1.00 21.19 ? 117  HIS A NE2 1 
ATOM   101  N  N   . CYS A 1 14  ? -7.540  5.595   -10.414 1.00 15.57 ? 118  CYS A N   1 
ATOM   102  C  CA  . CYS A 1 14  ? -8.613  4.782   -9.842  0.75 15.70 ? 118  CYS A CA  1 
ATOM   103  C  C   . CYS A 1 14  ? -8.028  3.817   -8.821  1.00 15.45 ? 118  CYS A C   1 
ATOM   104  O  O   . CYS A 1 14  ? -6.953  3.238   -9.037  1.00 14.86 ? 118  CYS A O   1 
ATOM   105  C  CB  . CYS A 1 14  ? -9.313  3.962   -10.931 0.75 17.45 ? 118  CYS A CB  1 
ATOM   106  S  SG  . CYS A 1 14  ? -10.034 4.946   -12.259 0.75 20.27 ? 118  CYS A SG  1 
ATOM   107  N  N   . TYR A 1 15  ? -8.764  3.622   -7.729  1.00 15.33 ? 119  TYR A N   1 
ATOM   108  C  CA  . TYR A 1 15  ? -8.305  2.806   -6.598  1.00 16.19 ? 119  TYR A CA  1 
ATOM   109  C  C   . TYR A 1 15  ? -9.285  1.684   -6.290  1.00 17.23 ? 119  TYR A C   1 
ATOM   110  O  O   . TYR A 1 15  ? -10.492 1.877   -6.316  1.00 17.29 ? 119  TYR A O   1 
ATOM   111  C  CB  . TYR A 1 15  ? -8.097  3.697   -5.367  1.00 15.63 ? 119  TYR A CB  1 
ATOM   112  C  CG  . TYR A 1 15  ? -7.031  4.737   -5.594  1.00 15.33 ? 119  TYR A CG  1 
ATOM   113  C  CD1 . TYR A 1 15  ? -5.735  4.532   -5.151  1.00 15.00 ? 119  TYR A CD1 1 
ATOM   114  C  CD2 . TYR A 1 15  ? -7.314  5.923   -6.282  1.00 15.04 ? 119  TYR A CD2 1 
ATOM   115  C  CE1 . TYR A 1 15  ? -4.743  5.476   -5.376  1.00 15.53 ? 119  TYR A CE1 1 
ATOM   116  C  CE2 . TYR A 1 15  ? -6.334  6.864   -6.524  1.00 15.06 ? 119  TYR A CE2 1 
ATOM   117  C  CZ  . TYR A 1 15  ? -5.052  6.649   -6.057  1.00 15.10 ? 119  TYR A CZ  1 
ATOM   118  O  OH  . TYR A 1 15  ? -4.071  7.583   -6.293  1.00 16.05 ? 119  TYR A OH  1 
ATOM   119  N  N   . PHE A 1 16  ? -8.749  0.508   -5.987  1.00 17.73 ? 120  PHE A N   1 
ATOM   120  C  CA  . PHE A 1 16  ? -9.578  -0.642  -5.632  1.00 18.48 ? 120  PHE A CA  1 
ATOM   121  C  C   . PHE A 1 16  ? -9.113  -1.176  -4.291  1.00 17.95 ? 120  PHE A C   1 
ATOM   122  O  O   . PHE A 1 16  ? -7.922  -1.450  -4.104  1.00 18.09 ? 120  PHE A O   1 
ATOM   123  C  CB  . PHE A 1 16  ? -9.473  -1.740  -6.692  1.00 19.86 ? 120  PHE A CB  1 
ATOM   124  C  CG  . PHE A 1 16  ? -10.443 -2.871  -6.485  1.00 21.22 ? 120  PHE A CG  1 
ATOM   125  C  CD1 . PHE A 1 16  ? -11.765 -2.752  -6.889  1.00 22.24 ? 120  PHE A CD1 1 
ATOM   126  C  CD2 . PHE A 1 16  ? -10.030 -4.054  -5.878  1.00 21.85 ? 120  PHE A CD2 1 
ATOM   127  C  CE1 . PHE A 1 16  ? -12.663 -3.793  -6.693  1.00 23.45 ? 120  PHE A CE1 1 
ATOM   128  C  CE2 . PHE A 1 16  ? -10.923 -5.102  -5.678  1.00 22.97 ? 120  PHE A CE2 1 
ATOM   129  C  CZ  . PHE A 1 16  ? -12.240 -4.967  -6.083  1.00 23.53 ? 120  PHE A CZ  1 
ATOM   130  N  N   . ILE A 1 17  ? -10.055 -1.317  -3.365  1.00 18.46 ? 121  ILE A N   1 
ATOM   131  C  CA  . ILE A 1 17  ? -9.762  -1.814  -2.033  0.50 19.26 ? 121  ILE A CA  1 
ATOM   132  C  C   . ILE A 1 17  ? -10.060 -3.304  -2.026  1.00 20.67 ? 121  ILE A C   1 
ATOM   133  O  O   . ILE A 1 17  ? -11.221 -3.713  -2.111  1.00 20.94 ? 121  ILE A O   1 
ATOM   134  C  CB  . ILE A 1 17  ? -10.597 -1.089  -0.949  1.00 19.37 ? 121  ILE A CB  1 
ATOM   135  C  CG1 . ILE A 1 17  ? -10.556 0.440   -1.134  1.00 20.91 ? 121  ILE A CG1 1 
ATOM   136  C  CG2 . ILE A 1 17  ? -10.176 -1.549  0.447   1.00 20.18 ? 121  ILE A CG2 1 
ATOM   137  C  CD1 . ILE A 1 17  ? -9.178  1.079   -1.038  1.00 21.24 ? 121  ILE A CD1 1 
ATOM   138  N  N   . LEU A 1 18  ? -9.003  -4.107  -1.960  1.00 20.81 ? 122  LEU A N   1 
ATOM   139  C  CA  . LEU A 1 18  ? -9.123  -5.555  -2.054  1.00 21.93 ? 122  LEU A CA  1 
ATOM   140  C  C   . LEU A 1 18  ? -9.431  -6.113  -0.668  1.00 21.94 ? 122  LEU A C   1 
ATOM   141  O  O   . LEU A 1 18  ? -8.520  -6.427  0.111   1.00 20.64 ? 122  LEU A O   1 
ATOM   142  C  CB  . LEU A 1 18  ? -7.836  -6.150  -2.639  1.00 23.36 ? 122  LEU A CB  1 
ATOM   143  C  CG  . LEU A 1 18  ? -7.944  -7.384  -3.531  1.00 25.32 ? 122  LEU A CG  1 
ATOM   144  C  CD1 . LEU A 1 18  ? -6.652  -7.590  -4.304  1.00 25.73 ? 122  LEU A CD1 1 
ATOM   145  C  CD2 . LEU A 1 18  ? -8.292  -8.615  -2.710  1.00 26.41 ? 122  LEU A CD2 1 
ATOM   146  N  N   . ASN A 1 19  ? -10.730 -6.210  -0.378  1.00 22.72 ? 123  ASN A N   1 
ATOM   147  C  CA  . ASN A 1 19  ? -11.267 -6.592  0.926   0.50 22.50 ? 123  ASN A CA  1 
ATOM   148  C  C   . ASN A 1 19  ? -11.766 -8.037  0.992   1.00 24.11 ? 123  ASN A C   1 
ATOM   149  O  O   . ASN A 1 19  ? -11.941 -8.570  2.086   1.00 23.97 ? 123  ASN A O   1 
ATOM   150  C  CB  . ASN A 1 19  ? -12.454 -5.687  1.294   0.50 21.84 ? 123  ASN A CB  1 
ATOM   151  C  CG  . ASN A 1 19  ? -12.037 -4.359  1.898   0.50 21.32 ? 123  ASN A CG  1 
ATOM   152  O  OD1 . ASN A 1 19  ? -12.735 -3.358  1.734   0.50 21.48 ? 123  ASN A OD1 1 
ATOM   153  N  ND2 . ASN A 1 19  ? -10.920 -4.347  2.620   0.50 20.23 ? 123  ASN A ND2 1 
ATOM   154  N  N   . ASP A 1 20  ? -12.017 -8.654  -0.162  1.00 26.36 ? 124  ASP A N   1 
ATOM   155  C  CA  . ASP A 1 20  ? -12.767 -9.926  -0.197  1.00 28.72 ? 124  ASP A CA  1 
ATOM   156  C  C   . ASP A 1 20  ? -11.930 -11.152 0.174   1.00 28.99 ? 124  ASP A C   1 
ATOM   157  O  O   . ASP A 1 20  ? -12.469 -12.236 0.433   1.00 29.94 ? 124  ASP A O   1 
ATOM   158  C  CB  . ASP A 1 20  ? -13.506 -10.113 -1.538  1.00 30.62 ? 124  ASP A CB  1 
ATOM   159  C  CG  . ASP A 1 20  ? -12.602 -10.598 -2.675  1.00 32.89 ? 124  ASP A CG  1 
ATOM   160  O  OD1 . ASP A 1 20  ? -11.390 -10.842 -2.468  1.00 34.70 ? 124  ASP A OD1 1 
ATOM   161  O  OD2 . ASP A 1 20  ? -13.125 -10.749 -3.801  1.00 34.93 ? 124  ASP A OD2 1 
ATOM   162  N  N   . SER A 1 21  ? -10.613 -10.967 0.203   1.00 27.49 ? 125  SER A N   1 
ATOM   163  C  CA  . SER A 1 21  ? -9.679  -12.035 0.541   1.00 26.43 ? 125  SER A CA  1 
ATOM   164  C  C   . SER A 1 21  ? -8.331  -11.451 0.942   1.00 26.14 ? 125  SER A C   1 
ATOM   165  O  O   . SER A 1 21  ? -8.062  -10.265 0.713   1.00 24.16 ? 125  SER A O   1 
ATOM   166  C  CB  . SER A 1 21  ? -9.506  -12.996 -0.642  1.00 28.03 ? 125  SER A CB  1 
ATOM   167  O  OG  . SER A 1 21  ? -9.112  -12.305 -1.813  1.00 28.63 ? 125  SER A OG  1 
ATOM   168  N  N   . LYS A 1 22  ? -7.500  -12.289 1.554   1.00 25.48 ? 126  LYS A N   1 
ATOM   169  C  CA  . LYS A 1 22  ? -6.136  -11.918 1.918   1.00 24.42 ? 126  LYS A CA  1 
ATOM   170  C  C   . LYS A 1 22  ? -5.140  -12.737 1.112   1.00 24.09 ? 126  LYS A C   1 
ATOM   171  O  O   . LYS A 1 22  ? -5.447  -13.839 0.642   1.00 24.82 ? 126  LYS A O   1 
ATOM   172  C  CB  . LYS A 1 22  ? -5.896  -12.112 3.414   1.00 25.07 ? 126  LYS A CB  1 
ATOM   173  C  CG  . LYS A 1 22  ? -6.745  -11.228 4.313   1.00 27.20 ? 126  LYS A CG  1 
ATOM   174  C  CD  . LYS A 1 22  ? -6.457  -11.524 5.773   1.00 28.89 ? 126  LYS A CD  1 
ATOM   175  C  CE  . LYS A 1 22  ? -7.413  -10.778 6.686   1.00 30.80 ? 126  LYS A CE  1 
ATOM   176  N  NZ  . LYS A 1 22  ? -7.276  -11.249 8.091   1.00 33.31 ? 126  LYS A NZ  1 
ATOM   177  N  N   . ALA A 1 23  ? -3.943  -12.186 0.947   1.00 21.46 ? 127  ALA A N   1 
ATOM   178  C  CA  . ALA A 1 23  ? -2.906  -12.822 0.151   1.00 20.42 ? 127  ALA A CA  1 
ATOM   179  C  C   . ALA A 1 23  ? -1.565  -12.233 0.544   1.00 19.53 ? 127  ALA A C   1 
ATOM   180  O  O   . ALA A 1 23  ? -1.507  -11.129 1.105   1.00 18.23 ? 127  ALA A O   1 
ATOM   181  C  CB  . ALA A 1 23  ? -3.164  -12.598 -1.334  1.00 21.20 ? 127  ALA A CB  1 
ATOM   182  N  N   . SER A 1 24  ? -0.496  -12.966 0.246   1.00 18.75 ? 128  SER A N   1 
ATOM   183  C  CA  . SER A 1 24  ? 0.868   -12.451 0.378   1.00 18.89 ? 128  SER A CA  1 
ATOM   184  C  C   . SER A 1 24  ? 1.099   -11.230 -0.515  1.00 18.40 ? 128  SER A C   1 
ATOM   185  O  O   . SER A 1 24  ? 0.272   -10.898 -1.369  1.00 18.28 ? 128  SER A O   1 
ATOM   186  C  CB  . SER A 1 24  ? 1.873   -13.535 -0.004  1.00 19.33 ? 128  SER A CB  1 
ATOM   187  O  OG  . SER A 1 24  ? 1.853   -13.745 -1.411  1.00 20.16 ? 128  SER A OG  1 
ATOM   188  N  N   . TRP A 1 25  ? 2.234   -10.564 -0.328  1.00 17.82 ? 129  TRP A N   1 
ATOM   189  C  CA  . TRP A 1 25  ? 2.549   -9.413  -1.166  1.00 17.71 ? 129  TRP A CA  1 
ATOM   190  C  C   . TRP A 1 25  ? 2.597   -9.781  -2.633  1.00 18.66 ? 129  TRP A C   1 
ATOM   191  O  O   . TRP A 1 25  ? 1.955   -9.130  -3.459  1.00 18.57 ? 129  TRP A O   1 
ATOM   192  C  CB  . TRP A 1 25  ? 3.838   -8.737  -0.718  1.00 17.10 ? 129  TRP A CB  1 
ATOM   193  C  CG  . TRP A 1 25  ? 4.070   -7.456  -1.473  1.00 16.66 ? 129  TRP A CG  1 
ATOM   194  C  CD1 . TRP A 1 25  ? 3.706   -6.165  -1.092  1.00 16.99 ? 129  TRP A CD1 1 
ATOM   195  C  CD2 . TRP A 1 25  ? 4.692   -7.310  -2.786  1.00 17.33 ? 129  TRP A CD2 1 
ATOM   196  N  NE1 . TRP A 1 25  ? 4.073   -5.259  -2.048  1.00 16.77 ? 129  TRP A NE1 1 
ATOM   197  C  CE2 . TRP A 1 25  ? 4.666   -5.882  -3.094  1.00 16.76 ? 129  TRP A CE2 1 
ATOM   198  C  CE3 . TRP A 1 25  ? 5.264   -8.192  -3.703  1.00 17.45 ? 129  TRP A CE3 1 
ATOM   199  C  CZ2 . TRP A 1 25  ? 5.172   -5.378  -4.282  1.00 17.80 ? 129  TRP A CZ2 1 
ATOM   200  C  CZ3 . TRP A 1 25  ? 5.777   -7.671  -4.897  1.00 17.77 ? 129  TRP A CZ3 1 
ATOM   201  C  CH2 . TRP A 1 25  ? 5.734   -6.296  -5.175  1.00 17.72 ? 129  TRP A CH2 1 
ATOM   202  N  N   . ASN A 1 26  ? 3.345   -10.829 -2.971  1.00 19.95 ? 130  ASN A N   1 
ATOM   203  C  CA  . ASN A 1 26  ? 3.474   -11.233 -4.374  1.00 20.36 ? 130  ASN A CA  1 
ATOM   204  C  C   . ASN A 1 26  ? 2.129   -11.636 -4.996  1.00 20.26 ? 130  ASN A C   1 
ATOM   205  O  O   . ASN A 1 26  ? 1.822   -11.239 -6.119  1.00 20.35 ? 130  ASN A O   1 
ATOM   206  C  CB  . ASN A 1 26  ? 4.551   -12.317 -4.544  1.00 21.39 ? 130  ASN A CB  1 
ATOM   207  C  CG  . ASN A 1 26  ? 5.948   -11.730 -4.701  1.00 21.90 ? 130  ASN A CG  1 
ATOM   208  O  OD1 . ASN A 1 26  ? 6.299   -11.184 -5.752  1.00 24.25 ? 130  ASN A OD1 1 
ATOM   209  N  ND2 . ASN A 1 26  ? 6.752   -11.844 -3.665  1.00 21.75 ? 130  ASN A ND2 1 
ATOM   210  N  N   . GLU A 1 27  ? 1.319   -12.380 -4.247  1.00 20.89 ? 131  GLU A N   1 
ATOM   211  C  CA  . GLU A 1 27  ? -0.005  -12.780 -4.722  1.00 22.07 ? 131  GLU A CA  1 
ATOM   212  C  C   . GLU A 1 27  ? -0.921  -11.563 -4.897  1.00 21.10 ? 131  GLU A C   1 
ATOM   213  O  O   . GLU A 1 27  ? -1.705  -11.505 -5.846  1.00 21.67 ? 131  GLU A O   1 
ATOM   214  C  CB  . GLU A 1 27  ? -0.640  -13.805 -3.778  1.00 24.29 ? 131  GLU A CB  1 
ATOM   215  C  CG  . GLU A 1 27  ? 0.006   -15.185 -3.805  1.00 27.81 ? 131  GLU A CG  1 
ATOM   216  C  CD  . GLU A 1 27  ? -0.392  -16.049 -2.615  1.00 30.37 ? 131  GLU A CD  1 
ATOM   217  O  OE1 . GLU A 1 27  ? -0.895  -15.515 -1.593  1.00 31.36 ? 131  GLU A OE1 1 
ATOM   218  O  OE2 . GLU A 1 27  ? -0.191  -17.281 -2.696  1.00 32.51 ? 131  GLU A OE2 1 
ATOM   219  N  N   . SER A 1 28  ? -0.807  -10.595 -3.986  1.00 19.88 ? 132  SER A N   1 
ATOM   220  C  CA  . SER A 1 28  ? -1.566  -9.339  -4.067  1.00 19.38 ? 132  SER A CA  1 
ATOM   221  C  C   . SER A 1 28  ? -1.211  -8.529  -5.303  1.00 19.57 ? 132  SER A C   1 
ATOM   222  O  O   . SER A 1 28  ? -2.100  -8.027  -6.002  1.00 19.70 ? 132  SER A O   1 
ATOM   223  C  CB  . SER A 1 28  ? -1.335  -8.494  -2.808  1.00 18.69 ? 132  SER A CB  1 
ATOM   224  O  OG  . SER A 1 28  ? -1.844  -9.153  -1.669  1.00 18.34 ? 132  SER A OG  1 
ATOM   225  N  N   . GLU A 1 29  ? 0.085   -8.391  -5.568  1.00 20.00 ? 133  GLU A N   1 
ATOM   226  C  CA  . GLU A 1 29  ? 0.534   -7.696  -6.773  1.00 20.77 ? 133  GLU A CA  1 
ATOM   227  C  C   . GLU A 1 29  ? 0.039   -8.399  -8.038  1.00 21.60 ? 133  GLU A C   1 
ATOM   228  O  O   . GLU A 1 29  ? -0.318  -7.734  -9.009  1.00 21.45 ? 133  GLU A O   1 
ATOM   229  C  CB  . GLU A 1 29  ? 2.058   -7.521  -6.789  1.00 21.88 ? 133  GLU A CB  1 
ATOM   230  C  CG  . GLU A 1 29  ? 2.647   -6.941  -8.078  1.00 22.79 ? 133  GLU A CG  1 
ATOM   231  C  CD  . GLU A 1 29  ? 2.140   -5.549  -8.453  1.00 24.56 ? 133  GLU A CD  1 
ATOM   232  O  OE1 . GLU A 1 29  ? 1.428   -4.905  -7.651  1.00 24.73 ? 133  GLU A OE1 1 
ATOM   233  O  OE2 . GLU A 1 29  ? 2.475   -5.091  -9.564  1.00 25.93 ? 133  GLU A OE2 1 
ATOM   234  N  N   . GLU A 1 30  ? -0.013  -9.731  -8.001  1.00 22.11 ? 134  GLU A N   1 
ATOM   235  C  CA  . GLU A 1 30  ? -0.542  -10.521 -9.116  1.00 23.53 ? 134  GLU A CA  1 
ATOM   236  C  C   . GLU A 1 30  ? -2.034  -10.231 -9.347  1.00 22.85 ? 134  GLU A C   1 
ATOM   237  O  O   . GLU A 1 30  ? -2.463  -10.057 -10.495 1.00 22.85 ? 134  GLU A O   1 
ATOM   238  C  CB  . GLU A 1 30  ? -0.287  -12.016 -8.866  1.00 26.60 ? 134  GLU A CB  1 
ATOM   239  C  CG  . GLU A 1 30  ? -0.717  -12.957 -9.986  1.00 30.53 ? 134  GLU A CG  1 
ATOM   240  C  CD  . GLU A 1 30  ? -0.648  -14.427 -9.590  1.00 33.51 ? 134  GLU A CD  1 
ATOM   241  O  OE1 . GLU A 1 30  ? -0.202  -14.743 -8.461  1.00 36.49 ? 134  GLU A OE1 1 
ATOM   242  O  OE2 . GLU A 1 30  ? -1.047  -15.281 -10.416 1.00 36.23 ? 134  GLU A OE2 1 
ATOM   243  N  N   . LYS A 1 31  ? -2.811  -10.155 -8.263  1.00 21.30 ? 135  LYS A N   1 
ATOM   244  C  CA  . LYS A 1 31  ? -4.233  -9.810  -8.355  1.00 21.95 ? 135  LYS A CA  1 
ATOM   245  C  C   . LYS A 1 31  ? -4.432  -8.432  -8.971  1.00 21.70 ? 135  LYS A C   1 
ATOM   246  O  O   . LYS A 1 31  ? -5.295  -8.252  -9.828  1.00 22.68 ? 135  LYS A O   1 
ATOM   247  C  CB  . LYS A 1 31  ? -4.925  -9.877  -6.991  1.00 23.06 ? 135  LYS A CB  1 
ATOM   248  C  CG  . LYS A 1 31  ? -5.074  -11.283 -6.434  1.00 23.56 ? 135  LYS A CG  1 
ATOM   249  C  CD  . LYS A 1 31  ? -5.797  -11.262 -5.102  1.00 24.91 ? 135  LYS A CD  1 
ATOM   250  C  CE  . LYS A 1 31  ? -5.824  -12.635 -4.457  1.00 25.17 ? 135  LYS A CE  1 
ATOM   251  N  NZ  . LYS A 1 31  ? -6.773  -12.678 -3.314  1.00 26.18 ? 135  LYS A NZ  1 
ATOM   252  N  N   . CYS A 1 32  ? -3.639  -7.451  -8.537  1.00 21.37 ? 136  CYS A N   1 
ATOM   253  C  CA  . CYS A 1 32  ? -3.744  -6.108  -9.116  1.00 21.13 ? 136  CYS A CA  1 
ATOM   254  C  C   . CYS A 1 32  ? -3.396  -6.149  -10.602 1.00 22.52 ? 136  CYS A C   1 
ATOM   255  O  O   . CYS A 1 32  ? -4.085  -5.537  -11.432 1.00 22.39 ? 136  CYS A O   1 
ATOM   256  C  CB  . CYS A 1 32  ? -2.830  -5.110  -8.393  1.00 19.26 ? 136  CYS A CB  1 
ATOM   257  S  SG  . CYS A 1 32  ? -3.229  -4.744  -6.664  1.00 18.24 ? 136  CYS A SG  1 
ATOM   258  N  N   . SER A 1 33  ? -2.340  -6.895  -10.927 1.00 23.86 ? 137  SER A N   1 
ATOM   259  C  CA  . SER A 1 33  ? -1.858  -7.037  -12.306 1.00 25.81 ? 137  SER A CA  1 
ATOM   260  C  C   . SER A 1 33  ? -2.928  -7.597  -13.245 1.00 26.77 ? 137  SER A C   1 
ATOM   261  O  O   . SER A 1 33  ? -3.052  -7.137  -14.387 1.00 26.51 ? 137  SER A O   1 
ATOM   262  C  CB  . SER A 1 33  ? -0.594  -7.902  -12.354 1.00 27.47 ? 137  SER A CB  1 
ATOM   263  O  OG  . SER A 1 33  ? -0.027  -7.898  -13.653 1.00 30.04 ? 137  SER A OG  1 
ATOM   264  N  N   . HIS A 1 34  ? -3.704  -8.565  -12.754 1.00 27.90 ? 138  HIS A N   1 
ATOM   265  C  CA  . HIS A 1 34  ? -4.789  -9.171  -13.543 0.50 30.11 ? 138  HIS A CA  1 
ATOM   266  C  C   . HIS A 1 34  ? -5.890  -8.200  -13.884 1.00 29.84 ? 138  HIS A C   1 
ATOM   267  O  O   . HIS A 1 34  ? -6.679  -8.438  -14.803 1.00 30.39 ? 138  HIS A O   1 
ATOM   268  C  CB  . HIS A 1 34  ? -5.360  -10.398 -12.840 1.00 33.42 ? 138  HIS A CB  1 
ATOM   269  C  CG  . HIS A 1 34  ? -4.457  -11.610 -12.895 1.00 36.68 ? 138  HIS A CG  1 
ATOM   270  N  ND1 . HIS A 1 34  ? -4.260  -12.415 -11.834 1.00 38.17 ? 138  HIS A ND1 1 
ATOM   271  C  CD2 . HIS A 1 34  ? -3.685  -12.133 -13.936 1.00 38.52 ? 138  HIS A CD2 1 
ATOM   272  C  CE1 . HIS A 1 34  ? -3.411  -13.405 -12.174 1.00 39.04 ? 138  HIS A CE1 1 
ATOM   273  N  NE2 . HIS A 1 34  ? -3.058  -13.229 -13.459 1.00 39.98 ? 138  HIS A NE2 1 
ATOM   274  N  N   . MET A 1 35  ? -5.953  -7.092  -13.149 1.00 28.41 ? 139  MET A N   1 
ATOM   275  C  CA  . MET A 1 35  ? -6.923  -6.036  -13.442 1.00 28.87 ? 139  MET A CA  1 
ATOM   276  C  C   . MET A 1 35  ? -6.282  -4.834  -14.131 1.00 27.91 ? 139  MET A C   1 
ATOM   277  O  O   . MET A 1 35  ? -6.892  -3.763  -14.218 1.00 29.26 ? 139  MET A O   1 
ATOM   278  C  CB  . MET A 1 35  ? -7.633  -5.598  -12.163 1.00 29.18 ? 139  MET A CB  1 
ATOM   279  C  CG  . MET A 1 35  ? -8.270  -6.743  -11.399 1.00 29.81 ? 139  MET A CG  1 
ATOM   280  S  SD  . MET A 1 35  ? -9.300  -6.191  -10.038 1.00 31.74 ? 139  MET A SD  1 
ATOM   281  C  CE  . MET A 1 35  ? -8.088  -5.452  -8.935  1.00 28.08 ? 139  MET A CE  1 
ATOM   282  N  N   . GLY A 1 36  ? -5.059  -5.022  -14.621 1.00 26.46 ? 140  GLY A N   1 
ATOM   283  C  CA  . GLY A 1 36  ? -4.307  -3.977  -15.311 1.00 25.60 ? 140  GLY A CA  1 
ATOM   284  C  C   . GLY A 1 36  ? -3.782  -2.896  -14.384 1.00 25.08 ? 140  GLY A C   1 
ATOM   285  O  O   . GLY A 1 36  ? -3.473  -1.792  -14.824 1.00 25.92 ? 140  GLY A O   1 
ATOM   286  N  N   . ALA A 1 37  ? -3.660  -3.234  -13.102 1.00 23.25 ? 141  ALA A N   1 
ATOM   287  C  CA  . ALA A 1 37  ? -3.298  -2.274  -12.057 1.00 21.31 ? 141  ALA A CA  1 
ATOM   288  C  C   . ALA A 1 37  ? -2.033  -2.733  -11.323 1.00 20.71 ? 141  ALA A C   1 
ATOM   289  O  O   . ALA A 1 37  ? -1.438  -3.745  -11.684 1.00 20.81 ? 141  ALA A O   1 
ATOM   290  C  CB  . ALA A 1 37  ? -4.455  -2.132  -11.082 1.00 21.36 ? 141  ALA A CB  1 
ATOM   291  N  N   . HIS A 1 38  ? -1.620  -1.992  -10.298 1.00 19.55 ? 142  HIS A N   1 
ATOM   292  C  CA  . HIS A 1 38  ? -0.498  -2.396  -9.446  1.00 18.60 ? 142  HIS A CA  1 
ATOM   293  C  C   . HIS A 1 38  ? -0.779  -1.995  -8.026  1.00 17.21 ? 142  HIS A C   1 
ATOM   294  O  O   . HIS A 1 38  ? -1.633  -1.137  -7.774  1.00 16.79 ? 142  HIS A O   1 
ATOM   295  C  CB  . HIS A 1 38  ? 0.816   -1.768  -9.925  1.00 20.19 ? 142  HIS A CB  1 
ATOM   296  C  CG  . HIS A 1 38  ? 0.777   -0.253  -10.003 1.00 21.34 ? 142  HIS A CG  1 
ATOM   297  N  ND1 . HIS A 1 38  ? 0.982   0.539   -8.926  1.00 21.57 ? 142  HIS A ND1 1 
ATOM   298  C  CD2 . HIS A 1 38  ? 0.533   0.600   -11.076 1.00 22.15 ? 142  HIS A CD2 1 
ATOM   299  C  CE1 . HIS A 1 38  ? 0.873   1.830   -9.290  1.00 22.56 ? 142  HIS A CE1 1 
ATOM   300  N  NE2 . HIS A 1 38  ? 0.602   1.870   -10.609 1.00 22.64 ? 142  HIS A NE2 1 
ATOM   301  N  N   . LEU A 1 39  ? -0.064  -2.588  -7.073  1.00 16.34 ? 143  LEU A N   1 
ATOM   302  C  CA  . LEU A 1 39  ? -0.203  -2.164  -5.683  1.00 15.88 ? 143  LEU A CA  1 
ATOM   303  C  C   . LEU A 1 39  ? 0.087   -0.669  -5.561  1.00 15.05 ? 143  LEU A C   1 
ATOM   304  O  O   . LEU A 1 39  ? 0.963   -0.129  -6.253  1.00 15.44 ? 143  LEU A O   1 
ATOM   305  C  CB  . LEU A 1 39  ? 0.687   -2.995  -4.748  1.00 15.90 ? 143  LEU A CB  1 
ATOM   306  C  CG  . LEU A 1 39  ? 0.170   -4.420  -4.490  1.00 16.09 ? 143  LEU A CG  1 
ATOM   307  C  CD1 . LEU A 1 39  ? 1.263   -5.244  -3.830  1.00 16.61 ? 143  LEU A CD1 1 
ATOM   308  C  CD2 . LEU A 1 39  ? -1.081  -4.424  -3.630  1.00 16.53 ? 143  LEU A CD2 1 
ATOM   309  N  N   . VAL A 1 40  ? -0.670  -0.011  -4.693  1.00 14.60 ? 144  VAL A N   1 
ATOM   310  C  CA  . VAL A 1 40  ? -0.689  1.453   -4.651  1.00 13.94 ? 144  VAL A CA  1 
ATOM   311  C  C   . VAL A 1 40  ? 0.668   2.099   -4.356  1.00 13.49 ? 144  VAL A C   1 
ATOM   312  O  O   . VAL A 1 40  ? 1.442   1.627   -3.526  1.00 13.28 ? 144  VAL A O   1 
ATOM   313  C  CB  . VAL A 1 40  ? -1.791  1.953   -3.694  1.00 14.17 ? 144  VAL A CB  1 
ATOM   314  C  CG1 . VAL A 1 40  ? -1.457  1.639   -2.241  1.00 14.14 ? 144  VAL A CG1 1 
ATOM   315  C  CG2 . VAL A 1 40  ? -2.070  3.429   -3.907  1.00 15.42 ? 144  VAL A CG2 1 
ATOM   316  N  N   . VAL A 1 41  ? 0.940   3.181   -5.072  1.00 13.63 ? 145  VAL A N   1 
ATOM   317  C  CA  . VAL A 1 41  ? 2.145   3.971   -4.904  1.00 13.71 ? 145  VAL A CA  1 
ATOM   318  C  C   . VAL A 1 41  ? 1.696   5.345   -4.420  1.00 13.71 ? 145  VAL A C   1 
ATOM   319  O  O   . VAL A 1 41  ? 0.899   5.999   -5.084  1.00 15.30 ? 145  VAL A O   1 
ATOM   320  C  CB  . VAL A 1 41  ? 2.908   4.064   -6.250  1.00 13.76 ? 145  VAL A CB  1 
ATOM   321  C  CG1 . VAL A 1 41  ? 3.992   5.126   -6.195  1.00 13.86 ? 145  VAL A CG1 1 
ATOM   322  C  CG2 . VAL A 1 41  ? 3.498   2.700   -6.618  1.00 14.13 ? 145  VAL A CG2 1 
ATOM   323  N  N   . ILE A 1 42  ? 2.181   5.763   -3.252  1.00 13.17 ? 146  ILE A N   1 
ATOM   324  C  CA  . ILE A 1 42  ? 1.612   6.919   -2.550  0.75 13.22 ? 146  ILE A CA  1 
ATOM   325  C  C   . ILE A 1 42  ? 2.598   8.083   -2.576  1.00 13.98 ? 146  ILE A C   1 
ATOM   326  O  O   . ILE A 1 42  ? 3.705   7.976   -2.042  1.00 15.14 ? 146  ILE A O   1 
ATOM   327  C  CB  . ILE A 1 42  ? 1.259   6.527   -1.103  0.75 12.51 ? 146  ILE A CB  1 
ATOM   328  C  CG1 . ILE A 1 42  ? 0.256   5.370   -1.104  0.75 12.32 ? 146  ILE A CG1 1 
ATOM   329  C  CG2 . ILE A 1 42  ? 0.680   7.718   -0.342  0.75 12.69 ? 146  ILE A CG2 1 
ATOM   330  C  CD1 . ILE A 1 42  ? 0.041   4.740   0.259   0.75 12.31 ? 146  ILE A CD1 1 
ATOM   331  N  N   . HIS A 1 43  ? 2.193   9.195   -3.194  1.00 15.01 ? 147  HIS A N   1 
ATOM   332  C  CA  . HIS A 1 43  ? 3.118   10.317  -3.386  1.00 16.09 ? 147  HIS A CA  1 
ATOM   333  C  C   . HIS A 1 43  ? 2.800   11.592  -2.653  1.00 15.45 ? 147  HIS A C   1 
ATOM   334  O  O   . HIS A 1 43  ? 3.526   12.574  -2.790  1.00 16.44 ? 147  HIS A O   1 
ATOM   335  C  CB  . HIS A 1 43  ? 3.339   10.588  -4.868  1.00 18.23 ? 147  HIS A CB  1 
ATOM   336  C  CG  . HIS A 1 43  ? 4.320   9.642   -5.512  1.00 19.17 ? 147  HIS A CG  1 
ATOM   337  N  ND1 . HIS A 1 43  ? 5.600   9.541   -5.106  1.00 20.06 ? 147  HIS A ND1 1 
ATOM   338  C  CD2 . HIS A 1 43  ? 4.166   8.742   -6.564  1.00 19.93 ? 147  HIS A CD2 1 
ATOM   339  C  CE1 . HIS A 1 43  ? 6.235   8.615   -5.861  1.00 19.93 ? 147  HIS A CE1 1 
ATOM   340  N  NE2 . HIS A 1 43  ? 5.355   8.125   -6.744  1.00 20.09 ? 147  HIS A NE2 1 
ATOM   341  N  N   . SER A 1 44  ? 1.754   11.578  -1.834  1.00 14.11 ? 148  SER A N   1 
ATOM   342  C  CA  . SER A 1 44  ? 1.361   12.765  -1.062  1.00 13.18 ? 148  SER A CA  1 
ATOM   343  C  C   . SER A 1 44  ? 0.486   12.375  0.105   1.00 12.48 ? 148  SER A C   1 
ATOM   344  O  O   . SER A 1 44  ? -0.109  11.285  0.122   1.00 11.95 ? 148  SER A O   1 
ATOM   345  C  CB  . SER A 1 44  ? 0.591   13.757  -1.944  1.00 13.03 ? 148  SER A CB  1 
ATOM   346  O  OG  . SER A 1 44  ? -0.652  13.201  -2.371  1.00 13.98 ? 148  SER A OG  1 
ATOM   347  N  N   . GLN A 1 45  ? 0.393   13.277  1.083   1.00 12.49 ? 149  GLN A N   1 
ATOM   348  C  CA  . GLN A 1 45  ? -0.568  13.097  2.170   1.00 12.74 ? 149  GLN A CA  1 
ATOM   349  C  C   . GLN A 1 45  ? -2.008  13.085  1.661   1.00 12.43 ? 149  GLN A C   1 
ATOM   350  O  O   . GLN A 1 45  ? -2.835  12.363  2.192   1.00 13.08 ? 149  GLN A O   1 
ATOM   351  C  CB  . GLN A 1 45  ? -0.427  14.125  3.296   1.00 13.32 ? 149  GLN A CB  1 
ATOM   352  C  CG  . GLN A 1 45  ? -1.326  13.750  4.469   1.00 14.77 ? 149  GLN A CG  1 
ATOM   353  C  CD  . GLN A 1 45  ? -1.067  14.514  5.750   1.00 15.53 ? 149  GLN A CD  1 
ATOM   354  O  OE1 . GLN A 1 45  ? -1.971  14.642  6.600   1.00 17.32 ? 149  GLN A OE1 1 
ATOM   355  N  NE2 . GLN A 1 45  ? 0.148   15.010  5.914   1.00 15.36 ? 149  GLN A NE2 1 
ATOM   356  N  N   . ALA A 1 46  ? -2.304  13.878  0.628   1.00 12.73 ? 150  ALA A N   1 
ATOM   357  C  CA  . ALA A 1 46  ? -3.636  13.838  0.025   1.00 12.43 ? 150  ALA A CA  1 
ATOM   358  C  C   . ALA A 1 46  ? -3.986  12.427  -0.419  1.00 12.38 ? 150  ALA A C   1 
ATOM   359  O  O   . ALA A 1 46  ? -5.064  11.952  -0.112  1.00 12.79 ? 150  ALA A O   1 
ATOM   360  C  CB  . ALA A 1 46  ? -3.747  14.811  -1.141  1.00 12.69 ? 150  ALA A CB  1 
ATOM   361  N  N   . GLU A 1 47  ? -3.067  11.766  -1.123  1.00 13.16 ? 151  GLU A N   1 
ATOM   362  C  CA  . GLU A 1 47  ? -3.289  10.378  -1.530  1.00 13.40 ? 151  GLU A CA  1 
ATOM   363  C  C   . GLU A 1 47  ? -3.415  9.448   -0.326  1.00 12.51 ? 151  GLU A C   1 
ATOM   364  O  O   . GLU A 1 47  ? -4.340  8.642   -0.277  1.00 12.77 ? 151  GLU A O   1 
ATOM   365  C  CB  . GLU A 1 47  ? -2.166  9.880   -2.430  1.00 14.69 ? 151  GLU A CB  1 
ATOM   366  C  CG  . GLU A 1 47  ? -2.100  10.551  -3.788  1.00 17.48 ? 151  GLU A CG  1 
ATOM   367  C  CD  . GLU A 1 47  ? -0.733  10.389  -4.389  1.00 19.55 ? 151  GLU A CD  1 
ATOM   368  O  OE1 . GLU A 1 47  ? -0.308  9.237   -4.577  1.00 17.65 ? 151  GLU A OE1 1 
ATOM   369  O  OE2 . GLU A 1 47  ? -0.070  11.427  -4.633  1.00 22.52 ? 151  GLU A OE2 1 
ATOM   370  N  N   . GLN A 1 48  ? -2.480  9.556   0.624   1.00 12.07 ? 152  GLN A N   1 
ATOM   371  C  CA  . GLN A 1 48  ? -2.540  8.766   1.860   1.00 12.28 ? 152  GLN A CA  1 
ATOM   372  C  C   . GLN A 1 48  ? -3.901  8.899   2.562   1.00 12.63 ? 152  GLN A C   1 
ATOM   373  O  O   . GLN A 1 48  ? -4.536  7.898   2.867   1.00 12.55 ? 152  GLN A O   1 
ATOM   374  C  CB  . GLN A 1 48  ? -1.407  9.171   2.809   1.00 12.39 ? 152  GLN A CB  1 
ATOM   375  C  CG  . GLN A 1 48  ? -1.480  8.520   4.186   1.00 12.68 ? 152  GLN A CG  1 
ATOM   376  C  CD  . GLN A 1 48  ? -1.000  7.083   4.201   1.00 12.73 ? 152  GLN A CD  1 
ATOM   377  O  OE1 . GLN A 1 48  ? -0.527  6.555   3.196   1.00 13.22 ? 152  GLN A OE1 1 
ATOM   378  N  NE2 . GLN A 1 48  ? -1.127  6.446   5.364   1.00 13.90 ? 152  GLN A NE2 1 
ATOM   379  N  N   . ASP A 1 49  ? -4.352  10.140  2.784   1.00 12.81 ? 153  ASP A N   1 
ATOM   380  C  CA  . ASP A 1 49  ? -5.618  10.381  3.477   1.00 13.22 ? 153  ASP A CA  1 
ATOM   381  C  C   . ASP A 1 49  ? -6.844  9.933   2.662   1.00 12.79 ? 153  ASP A C   1 
ATOM   382  O  O   . ASP A 1 49  ? -7.834  9.458   3.229   1.00 12.92 ? 153  ASP A O   1 
ATOM   383  C  CB  . ASP A 1 49  ? -5.752  11.860  3.856   1.00 13.97 ? 153  ASP A CB  1 
ATOM   384  C  CG  . ASP A 1 49  ? -4.835  12.274  4.995   1.00 14.66 ? 153  ASP A CG  1 
ATOM   385  O  OD1 . ASP A 1 49  ? -4.293  11.406  5.702   1.00 15.86 ? 153  ASP A OD1 1 
ATOM   386  O  OD2 . ASP A 1 49  ? -4.650  13.485  5.201   1.00 15.95 ? 153  ASP A OD2 1 
ATOM   387  N  N   . PHE A 1 50  ? -6.777  10.076  1.340   1.00 12.61 ? 154  PHE A N   1 
ATOM   388  C  CA  . PHE A 1 50  ? -7.825  9.536   0.478   1.00 13.06 ? 154  PHE A CA  1 
ATOM   389  C  C   . PHE A 1 50  ? -7.911  8.017   0.658   1.00 13.22 ? 154  PHE A C   1 
ATOM   390  O  O   . PHE A 1 50  ? -8.994  7.465   0.840   1.00 13.28 ? 154  PHE A O   1 
ATOM   391  C  CB  . PHE A 1 50  ? -7.611  9.889   -1.000  1.00 13.34 ? 154  PHE A CB  1 
ATOM   392  C  CG  . PHE A 1 50  ? -8.554  9.150   -1.918  1.00 13.59 ? 154  PHE A CG  1 
ATOM   393  C  CD1 . PHE A 1 50  ? -8.170  7.955   -2.539  1.00 14.17 ? 154  PHE A CD1 1 
ATOM   394  C  CD2 . PHE A 1 50  ? -9.853  9.625   -2.120  1.00 14.56 ? 154  PHE A CD2 1 
ATOM   395  C  CE1 . PHE A 1 50  ? -9.056  7.269   -3.354  1.00 14.75 ? 154  PHE A CE1 1 
ATOM   396  C  CE2 . PHE A 1 50  ? -10.728 8.946   -2.930  1.00 14.94 ? 154  PHE A CE2 1 
ATOM   397  C  CZ  . PHE A 1 50  ? -10.339 7.763   -3.540  1.00 14.98 ? 154  PHE A CZ  1 
ATOM   398  N  N   . ILE A 1 51  ? -6.763  7.352   0.601   1.00 13.01 ? 155  ILE A N   1 
ATOM   399  C  CA  . ILE A 1 51  ? -6.744  5.899   0.700   1.00 13.73 ? 155  ILE A CA  1 
ATOM   400  C  C   . ILE A 1 51  ? -7.286  5.444   2.052   1.00 13.78 ? 155  ILE A C   1 
ATOM   401  O  O   . ILE A 1 51  ? -8.189  4.594   2.099   1.00 14.72 ? 155  ILE A O   1 
ATOM   402  C  CB  . ILE A 1 51  ? -5.339  5.331   0.434   1.00 13.80 ? 155  ILE A CB  1 
ATOM   403  C  CG1 . ILE A 1 51  ? -4.962  5.519   -1.042  1.00 13.85 ? 155  ILE A CG1 1 
ATOM   404  C  CG2 . ILE A 1 51  ? -5.266  3.855   0.830   1.00 14.60 ? 155  ILE A CG2 1 
ATOM   405  C  CD1 . ILE A 1 51  ? -3.470  5.501   -1.296  1.00 14.35 ? 155  ILE A CD1 1 
ATOM   406  N  N   . THR A 1 52  ? -6.791  6.020   3.144   1.00 13.81 ? 156  THR A N   1 
ATOM   407  C  CA  . THR A 1 52  ? -7.224  5.537   4.463   1.00 14.18 ? 156  THR A CA  1 
ATOM   408  C  C   . THR A 1 52  ? -8.708  5.783   4.759   1.00 15.11 ? 156  THR A C   1 
ATOM   409  O  O   . THR A 1 52  ? -9.322  5.020   5.497   1.00 15.53 ? 156  THR A O   1 
ATOM   410  C  CB  . THR A 1 52  ? -6.339  6.045   5.617   1.00 14.31 ? 156  THR A CB  1 
ATOM   411  O  OG1 . THR A 1 52  ? -6.467  7.466   5.744   1.00 14.69 ? 156  THR A OG1 1 
ATOM   412  C  CG2 . THR A 1 52  ? -4.891  5.659   5.384   1.00 13.83 ? 156  THR A CG2 1 
ATOM   413  N  N   . SER A 1 53  ? -9.283  6.824   4.162   1.00 15.65 ? 157  SER A N   1 
ATOM   414  C  CA  . SER A 1 53  ? -10.720 7.078   4.304   1.00 16.44 ? 157  SER A CA  1 
ATOM   415  C  C   . SER A 1 53  ? -11.565 5.900   3.810   1.00 17.44 ? 157  SER A C   1 
ATOM   416  O  O   . SER A 1 53  ? -12.708 5.733   4.240   1.00 19.03 ? 157  SER A O   1 
ATOM   417  C  CB  . SER A 1 53  ? -11.115 8.370   3.567   1.00 17.06 ? 157  SER A CB  1 
ATOM   418  O  OG  . SER A 1 53  ? -11.335 8.144   2.193   1.00 20.41 ? 157  SER A OG  1 
ATOM   419  N  N   . ASN A 1 54  ? -10.988 5.107   2.909   1.00 17.49 ? 158  ASN A N   1 
ATOM   420  C  CA  . ASN A 1 54  ? -11.656 3.980   2.264   1.00 18.36 ? 158  ASN A CA  1 
ATOM   421  C  C   . ASN A 1 54  ? -11.381 2.611   2.902   1.00 18.70 ? 158  ASN A C   1 
ATOM   422  O  O   . ASN A 1 54  ? -11.836 1.589   2.385   1.00 20.47 ? 158  ASN A O   1 
ATOM   423  C  CB  . ASN A 1 54  ? -11.268 3.948   0.784   1.00 19.88 ? 158  ASN A CB  1 
ATOM   424  C  CG  . ASN A 1 54  ? -11.962 5.028   -0.020  1.00 21.60 ? 158  ASN A CG  1 
ATOM   425  O  OD1 . ASN A 1 54  ? -11.393 6.086   -0.300  1.00 22.02 ? 158  ASN A OD1 1 
ATOM   426  N  ND2 . ASN A 1 54  ? -13.205 4.766   -0.391  1.00 23.29 ? 158  ASN A ND2 1 
ATOM   427  N  N   . LEU A 1 55  ? -10.649 2.593   4.015   1.00 17.67 ? 159  LEU A N   1 
ATOM   428  C  CA  . LEU A 1 55  ? -10.178 1.335   4.611   1.00 18.31 ? 159  LEU A CA  1 
ATOM   429  C  C   . LEU A 1 55  ? -10.898 0.939   5.893   1.00 18.86 ? 159  LEU A C   1 
ATOM   430  O  O   . LEU A 1 55  ? -11.392 1.788   6.637   1.00 20.06 ? 159  LEU A O   1 
ATOM   431  C  CB  . LEU A 1 55  ? -8.677  1.425   4.903   1.00 17.36 ? 159  LEU A CB  1 
ATOM   432  C  CG  . LEU A 1 55  ? -7.728  1.765   3.758   1.00 16.73 ? 159  LEU A CG  1 
ATOM   433  C  CD1 . LEU A 1 55  ? -6.308  1.787   4.293   1.00 16.15 ? 159  LEU A CD1 1 
ATOM   434  C  CD2 . LEU A 1 55  ? -7.854  0.808   2.580   1.00 16.40 ? 159  LEU A CD2 1 
ATOM   435  N  N   . ASN A 1 56  ? -10.910 -0.367  6.162   1.00 19.92 ? 160  ASN A N   1 
ATOM   436  C  CA  . ASN A 1 56  ? -11.441 -0.901  7.406   1.00 21.59 ? 160  ASN A CA  1 
ATOM   437  C  C   . ASN A 1 56  ? -10.358 -0.872  8.479   1.00 21.48 ? 160  ASN A C   1 
ATOM   438  O  O   . ASN A 1 56  ? -9.254  -1.391  8.263   1.00 21.80 ? 160  ASN A O   1 
ATOM   439  C  CB  . ASN A 1 56  ? -11.929 -2.333  7.175   1.00 22.46 ? 160  ASN A CB  1 
ATOM   440  C  CG  . ASN A 1 56  ? -12.762 -2.867  8.328   1.00 24.53 ? 160  ASN A CG  1 
ATOM   441  O  OD1 . ASN A 1 56  ? -12.339 -2.849  9.482   1.00 25.73 ? 160  ASN A OD1 1 
ATOM   442  N  ND2 . ASN A 1 56  ? -13.964 -3.342  8.012   1.00 27.12 ? 160  ASN A ND2 1 
ATOM   443  N  N   . THR A 1 57  ? -10.663 -0.278  9.632   1.00 21.58 ? 161  THR A N   1 
ATOM   444  C  CA  . THR A 1 57  ? -9.664  -0.142  10.699  0.70 21.45 ? 161  THR A CA  1 
ATOM   445  C  C   . THR A 1 57  ? -9.208  -1.474  11.310  1.00 21.56 ? 161  THR A C   1 
ATOM   446  O  O   . THR A 1 57  ? -8.192  -1.514  11.995  1.00 22.13 ? 161  THR A O   1 
ATOM   447  C  CB  . THR A 1 57  ? -10.115 0.817   11.822  1.00 22.97 ? 161  THR A CB  1 
ATOM   448  O  OG1 . THR A 1 57  ? -11.270 0.282   12.479  1.00 23.91 ? 161  THR A OG1 1 
ATOM   449  C  CG2 . THR A 1 57  ? -10.439 2.191   11.255  1.00 22.57 ? 161  THR A CG2 1 
ATOM   450  N  N   . SER A 1 58  ? -9.949  -2.551  11.052  1.00 21.79 ? 162  SER A N   1 
ATOM   451  C  CA  . SER A 1 58  ? -9.569  -3.872  11.554  0.50 21.19 ? 162  SER A CA  1 
ATOM   452  C  C   . SER A 1 58  ? -8.587  -4.598  10.633  1.00 20.60 ? 162  SER A C   1 
ATOM   453  O  O   . SER A 1 58  ? -8.051  -5.639  11.004  1.00 21.51 ? 162  SER A O   1 
ATOM   454  C  CB  . SER A 1 58  ? -10.804 -4.747  11.805  1.00 23.49 ? 162  SER A CB  1 
ATOM   455  O  OG  . SER A 1 58  ? -11.434 -5.106  10.588  1.00 27.40 ? 162  SER A OG  1 
ATOM   456  N  N   . ALA A 1 59  ? -8.332  -4.039  9.450   0.50 17.08 ? 163  ALA A N   1 
ATOM   457  C  CA  . ALA A 1 59  ? -7.539  -4.727  8.429   0.50 15.55 ? 163  ALA A CA  1 
ATOM   458  C  C   . ALA A 1 59  ? -6.235  -4.014  8.086   0.50 14.40 ? 163  ALA A C   1 
ATOM   459  O  O   . ALA A 1 59  ? -6.097  -2.808  8.281   0.50 13.22 ? 163  ALA A O   1 
ATOM   460  C  CB  . ALA A 1 59  ? -8.365  -4.941  7.168   1.00 16.65 ? 163  ALA A CB  1 
ATOM   461  N  N   . GLY A 1 60  ? -5.285  -4.782  7.560   1.00 14.54 ? 164  GLY A N   1 
ATOM   462  C  CA  . GLY A 1 60  ? -4.025  -4.238  7.036   1.00 14.43 ? 164  GLY A CA  1 
ATOM   463  C  C   . GLY A 1 60  ? -3.967  -4.372  5.530   1.00 14.68 ? 164  GLY A C   1 
ATOM   464  O  O   . GLY A 1 60  ? -4.457  -5.351  4.959   1.00 15.27 ? 164  GLY A O   1 
ATOM   465  N  N   . TYR A 1 61  ? -3.343  -3.394  4.873   1.00 13.98 ? 165  TYR A N   1 
ATOM   466  C  CA  . TYR A 1 61  ? -3.382  -3.329  3.418   1.00 13.47 ? 165  TYR A CA  1 
ATOM   467  C  C   . TYR A 1 61  ? -1.994  -3.158  2.827   1.00 13.09 ? 165  TYR A C   1 
ATOM   468  O  O   . TYR A 1 61  ? -1.321  -2.155  3.090   1.00 13.38 ? 165  TYR A O   1 
ATOM   469  C  CB  . TYR A 1 61  ? -4.279  -2.162  2.964   1.00 13.96 ? 165  TYR A CB  1 
ATOM   470  C  CG  . TYR A 1 61  ? -5.711  -2.271  3.449   1.00 14.68 ? 165  TYR A CG  1 
ATOM   471  C  CD1 . TYR A 1 61  ? -6.698  -2.762  2.608   1.00 14.85 ? 165  TYR A CD1 1 
ATOM   472  C  CD2 . TYR A 1 61  ? -6.070  -1.876  4.746   1.00 15.15 ? 165  TYR A CD2 1 
ATOM   473  C  CE1 . TYR A 1 61  ? -8.018  -2.875  3.044   1.00 15.54 ? 165  TYR A CE1 1 
ATOM   474  C  CE2 . TYR A 1 61  ? -7.385  -1.985  5.193   1.00 15.60 ? 165  TYR A CE2 1 
ATOM   475  C  CZ  . TYR A 1 61  ? -8.349  -2.482  4.326   1.00 15.85 ? 165  TYR A CZ  1 
ATOM   476  O  OH  . TYR A 1 61  ? -9.666  -2.599  4.735   1.00 17.90 ? 165  TYR A OH  1 
ATOM   477  N  N   . PHE A 1 62  ? -1.565  -4.121  2.015   1.00 13.04 ? 166  PHE A N   1 
ATOM   478  C  CA  . PHE A 1 62  ? -0.294  -4.008  1.309   1.00 13.12 ? 166  PHE A CA  1 
ATOM   479  C  C   . PHE A 1 62  ? -0.308  -2.817  0.366   1.00 12.92 ? 166  PHE A C   1 
ATOM   480  O  O   . PHE A 1 62  ? -1.321  -2.549  -0.313  1.00 13.70 ? 166  PHE A O   1 
ATOM   481  C  CB  . PHE A 1 62  ? 0.008   -5.269  0.490   1.00 13.15 ? 166  PHE A CB  1 
ATOM   482  C  CG  . PHE A 1 62  ? 0.640   -6.377  1.280   1.00 13.63 ? 166  PHE A CG  1 
ATOM   483  C  CD1 . PHE A 1 62  ? 1.838   -6.173  1.965   1.00 13.70 ? 166  PHE A CD1 1 
ATOM   484  C  CD2 . PHE A 1 62  ? 0.061   -7.637  1.296   1.00 13.83 ? 166  PHE A CD2 1 
ATOM   485  C  CE1 . PHE A 1 62  ? 2.438   -7.195  2.694   1.00 14.08 ? 166  PHE A CE1 1 
ATOM   486  C  CE2 . PHE A 1 62  ? 0.660   -8.665  2.013   1.00 13.79 ? 166  PHE A CE2 1 
ATOM   487  C  CZ  . PHE A 1 62  ? 1.843   -8.449  2.709   1.00 14.13 ? 166  PHE A CZ  1 
ATOM   488  N  N   . ILE A 1 63  ? 0.828   -2.126  0.331   1.00 12.44 ? 167  ILE A N   1 
ATOM   489  C  CA  . ILE A 1 63  ? 1.083   -1.087  -0.671  1.00 12.07 ? 167  ILE A CA  1 
ATOM   490  C  C   . ILE A 1 63  ? 2.282   -1.487  -1.514  1.00 12.13 ? 167  ILE A C   1 
ATOM   491  O  O   . ILE A 1 63  ? 2.936   -2.494  -1.225  1.00 12.46 ? 167  ILE A O   1 
ATOM   492  C  CB  . ILE A 1 63  ? 1.264   0.302   -0.019  1.00 12.37 ? 167  ILE A CB  1 
ATOM   493  C  CG1 . ILE A 1 63  ? 2.554   0.367   0.812   1.00 12.13 ? 167  ILE A CG1 1 
ATOM   494  C  CG2 . ILE A 1 63  ? 0.031   0.641   0.805   1.00 12.76 ? 167  ILE A CG2 1 
ATOM   495  C  CD1 . ILE A 1 63  ? 2.870   1.736   1.407   1.00 12.48 ? 167  ILE A CD1 1 
ATOM   496  N  N   . GLY A 1 64  ? 2.583   -0.719  -2.553  1.00 12.35 ? 168  GLY A N   1 
ATOM   497  C  CA  . GLY A 1 64  ? 3.639   -1.081  -3.493  1.00 12.41 ? 168  GLY A CA  1 
ATOM   498  C  C   . GLY A 1 64  ? 5.037   -0.619  -3.118  1.00 12.95 ? 168  GLY A C   1 
ATOM   499  O  O   . GLY A 1 64  ? 5.784   -0.177  -3.987  1.00 13.44 ? 168  GLY A O   1 
ATOM   500  N  N   . LEU A 1 65  ? 5.387   -0.727  -1.833  1.00 12.74 ? 169  LEU A N   1 
ATOM   501  C  CA  . LEU A 1 65  ? 6.668   -0.244  -1.322  1.00 12.93 ? 169  LEU A CA  1 
ATOM   502  C  C   . LEU A 1 65  ? 7.470   -1.424  -0.802  1.00 13.25 ? 169  LEU A C   1 
ATOM   503  O  O   . LEU A 1 65  ? 6.955   -2.220  -0.017  1.00 13.42 ? 169  LEU A O   1 
ATOM   504  C  CB  . LEU A 1 65  ? 6.433   0.775   -0.193  1.00 13.31 ? 169  LEU A CB  1 
ATOM   505  C  CG  . LEU A 1 65  ? 7.657   1.560   0.279   1.00 12.94 ? 169  LEU A CG  1 
ATOM   506  C  CD1 . LEU A 1 65  ? 8.243   2.412   -0.841  1.00 13.79 ? 169  LEU A CD1 1 
ATOM   507  C  CD2 . LEU A 1 65  ? 7.313   2.420   1.493   1.00 13.60 ? 169  LEU A CD2 1 
ATOM   508  N  N   . LEU A 1 66  ? 8.725   -1.521  -1.231  1.00 13.58 ? 170  LEU A N   1 
ATOM   509  C  CA  . LEU A 1 66  ? 9.587   -2.660  -0.888  0.50 13.34 ? 170  LEU A CA  1 
ATOM   510  C  C   . LEU A 1 66  ? 10.963  -2.227  -0.420  1.00 13.48 ? 170  LEU A C   1 
ATOM   511  O  O   . LEU A 1 66  ? 11.504  -1.259  -0.919  1.00 13.99 ? 170  LEU A O   1 
ATOM   512  C  CB  . LEU A 1 66  ? 9.781   -3.548  -2.111  1.00 15.16 ? 170  LEU A CB  1 
ATOM   513  C  CG  . LEU A 1 66  ? 8.521   -4.151  -2.721  1.00 15.88 ? 170  LEU A CG  1 
ATOM   514  C  CD1 . LEU A 1 66  ? 8.862   -4.779  -4.058  1.00 18.06 ? 170  LEU A CD1 1 
ATOM   515  C  CD2 . LEU A 1 66  ? 7.908   -5.174  -1.784  1.00 16.67 ? 170  LEU A CD2 1 
ATOM   516  N  N   . ASP A 1 67  ? 11.539  -2.971  0.516   1.00 12.53 ? 171  ASP A N   1 
ATOM   517  C  CA  . ASP A 1 67  ? 12.910  -2.724  0.941   1.00 12.65 ? 171  ASP A CA  1 
ATOM   518  C  C   . ASP A 1 67  ? 13.857  -3.457  -0.007  1.00 12.77 ? 171  ASP A C   1 
ATOM   519  O  O   . ASP A 1 67  ? 14.002  -4.677  0.086   1.00 13.30 ? 171  ASP A O   1 
ATOM   520  C  CB  . ASP A 1 67  ? 13.117  -3.217  2.375   1.00 13.12 ? 171  ASP A CB  1 
ATOM   521  C  CG  . ASP A 1 67  ? 14.514  -2.949  2.901   1.00 13.74 ? 171  ASP A CG  1 
ATOM   522  O  OD1 . ASP A 1 67  ? 15.385  -2.471  2.141   1.00 12.97 ? 171  ASP A OD1 1 
ATOM   523  O  OD2 . ASP A 1 67  ? 14.739  -3.196  4.100   1.00 14.23 ? 171  ASP A OD2 1 
ATOM   524  N  N   . ALA A 1 68  ? 14.509  -2.705  -0.897  1.00 12.82 ? 172  ALA A N   1 
ATOM   525  C  CA  . ALA A 1 68  ? 15.407  -3.284  -1.895  1.00 12.59 ? 172  ALA A CA  1 
ATOM   526  C  C   . ALA A 1 68  ? 16.703  -3.822  -1.293  1.00 12.51 ? 172  ALA A C   1 
ATOM   527  O  O   . ALA A 1 68  ? 17.476  -4.506  -1.974  1.00 12.82 ? 172  ALA A O   1 
ATOM   528  C  CB  . ALA A 1 68  ? 15.721  -2.261  -2.977  1.00 13.13 ? 172  ALA A CB  1 
ATOM   529  N  N   . GLY A 1 69  ? 16.938  -3.490  -0.031  1.00 12.90 ? 173  GLY A N   1 
ATOM   530  C  CA  . GLY A 1 69  ? 18.142  -3.901  0.675   0.50 12.43 ? 173  GLY A CA  1 
ATOM   531  C  C   . GLY A 1 69  ? 18.576  -2.800  1.614   1.00 13.80 ? 173  GLY A C   1 
ATOM   532  O  O   . GLY A 1 69  ? 18.608  -1.643  1.230   1.00 13.37 ? 173  GLY A O   1 
ATOM   533  N  N   . GLN A 1 70  ? 18.867  -3.162  2.857   1.00 14.95 ? 174  GLN A N   1 
ATOM   534  C  CA  . GLN A 1 70  ? 19.393  -2.206  3.836   1.00 15.94 ? 174  GLN A CA  1 
ATOM   535  C  C   . GLN A 1 70  ? 18.548  -0.934  3.995   1.00 15.82 ? 174  GLN A C   1 
ATOM   536  O  O   . GLN A 1 70  ? 19.062  0.181   4.104   1.00 15.83 ? 174  GLN A O   1 
ATOM   537  C  CB  . GLN A 1 70  ? 20.864  -1.930  3.557   1.00 18.46 ? 174  GLN A CB  1 
ATOM   538  C  CG  . GLN A 1 70  ? 21.632  -3.233  3.494   1.00 20.94 ? 174  GLN A CG  1 
ATOM   539  C  CD  . GLN A 1 70  ? 23.046  -3.099  3.960   1.00 23.28 ? 174  GLN A CD  1 
ATOM   540  O  OE1 . GLN A 1 70  ? 23.714  -2.120  3.646   1.00 24.56 ? 174  GLN A OE1 1 
ATOM   541  N  NE2 . GLN A 1 70  ? 23.520  -4.089  4.716   1.00 25.00 ? 174  GLN A NE2 1 
ATOM   542  N  N   . ARG A 1 71  ? 17.229  -1.143  4.018   1.00 15.51 ? 175  ARG A N   1 
ATOM   543  C  CA  . ARG A 1 71  ? 16.248  -0.095  4.278   1.00 15.58 ? 175  ARG A CA  1 
ATOM   544  C  C   . ARG A 1 71  ? 16.196  0.933   3.152   1.00 15.35 ? 175  ARG A C   1 
ATOM   545  O  O   . ARG A 1 71  ? 15.905  2.106   3.379   1.00 18.04 ? 175  ARG A O   1 
ATOM   546  C  CB  . ARG A 1 71  ? 16.465  0.573   5.656   1.00 15.09 ? 175  ARG A CB  1 
ATOM   547  C  CG  . ARG A 1 71  ? 16.710  -0.384  6.819   1.00 14.86 ? 175  ARG A CG  1 
ATOM   548  C  CD  . ARG A 1 71  ? 15.438  -0.900  7.485   1.00 14.94 ? 175  ARG A CD  1 
ATOM   549  N  NE  . ARG A 1 71  ? 14.721  -1.915  6.717   1.00 14.14 ? 175  ARG A NE  1 
ATOM   550  C  CZ  . ARG A 1 71  ? 13.620  -2.530  7.144   1.00 14.11 ? 175  ARG A CZ  1 
ATOM   551  N  NH1 . ARG A 1 71  ? 13.109  -2.241  8.345   1.00 14.29 ? 175  ARG A NH1 1 
ATOM   552  N  NH2 . ARG A 1 71  ? 13.022  -3.441  6.387   1.00 14.44 ? 175  ARG A NH2 1 
ATOM   553  N  N   . GLN A 1 72  ? 16.453  0.476   1.929   1.00 14.71 ? 176  GLN A N   1 
ATOM   554  C  CA  . GLN A 1 72  ? 16.322  1.324   0.740   1.00 14.57 ? 176  GLN A CA  1 
ATOM   555  C  C   . GLN A 1 72  ? 14.943  1.106   0.130   1.00 14.12 ? 176  GLN A C   1 
ATOM   556  O  O   . GLN A 1 72  ? 14.727  0.195   -0.683  1.00 14.32 ? 176  GLN A O   1 
ATOM   557  C  CB  . GLN A 1 72  ? 17.427  1.019   -0.272  1.00 14.73 ? 176  GLN A CB  1 
ATOM   558  C  CG  . GLN A 1 72  ? 18.805  1.372   0.264   1.00 15.83 ? 176  GLN A CG  1 
ATOM   559  C  CD  . GLN A 1 72  ? 19.920  0.927   -0.662  1.00 15.67 ? 176  GLN A CD  1 
ATOM   560  O  OE1 . GLN A 1 72  ? 20.180  -0.287  -0.838  1.00 17.19 ? 176  GLN A OE1 1 
ATOM   561  N  NE2 . GLN A 1 72  ? 20.615  1.902   -1.240  1.00 15.67 ? 176  GLN A NE2 1 
ATOM   562  N  N   . TRP A 1 73  ? 13.991  1.933   0.570   1.00 13.93 ? 177  TRP A N   1 
ATOM   563  C  CA  . TRP A 1 73  ? 12.590  1.774   0.173   1.00 13.97 ? 177  TRP A CA  1 
ATOM   564  C  C   . TRP A 1 73  ? 12.392  2.206   -1.247  1.00 14.49 ? 177  TRP A C   1 
ATOM   565  O  O   . TRP A 1 73  ? 12.846  3.283   -1.652  1.00 15.55 ? 177  TRP A O   1 
ATOM   566  C  CB  . TRP A 1 73  ? 11.646  2.527   1.124   1.00 13.62 ? 177  TRP A CB  1 
ATOM   567  C  CG  . TRP A 1 73  ? 11.820  2.017   2.531   1.00 13.20 ? 177  TRP A CG  1 
ATOM   568  C  CD1 . TRP A 1 73  ? 12.551  2.599   3.561   1.00 13.52 ? 177  TRP A CD1 1 
ATOM   569  C  CD2 . TRP A 1 73  ? 11.333  0.745   3.074   1.00 12.78 ? 177  TRP A CD2 1 
ATOM   570  N  NE1 . TRP A 1 73  ? 12.523  1.805   4.688   1.00 13.40 ? 177  TRP A NE1 1 
ATOM   571  C  CE2 . TRP A 1 73  ? 11.812  0.676   4.454   1.00 13.16 ? 177  TRP A CE2 1 
ATOM   572  C  CE3 . TRP A 1 73  ? 10.563  -0.307  2.571   1.00 12.66 ? 177  TRP A CE3 1 
ATOM   573  C  CZ2 . TRP A 1 73  ? 11.518  -0.401  5.277   1.00 13.31 ? 177  TRP A CZ2 1 
ATOM   574  C  CZ3 . TRP A 1 73  ? 10.271  -1.389  3.415   1.00 12.98 ? 177  TRP A CZ3 1 
ATOM   575  C  CH2 . TRP A 1 73  ? 10.744  -1.428  4.736   1.00 13.01 ? 177  TRP A CH2 1 
ATOM   576  N  N   . ARG A 1 74  ? 11.742  1.347   -2.022  1.00 14.61 ? 178  ARG A N   1 
ATOM   577  C  CA  . ARG A 1 74  ? 11.533  1.597   -3.453  0.50 14.49 ? 178  ARG A CA  1 
ATOM   578  C  C   . ARG A 1 74  ? 10.112  1.268   -3.880  1.00 14.90 ? 178  ARG A C   1 
ATOM   579  O  O   . ARG A 1 74  ? 9.550   0.251   -3.480  1.00 14.52 ? 178  ARG A O   1 
ATOM   580  C  CB  . ARG A 1 74  ? 12.538  0.807   -4.313  1.00 16.43 ? 178  ARG A CB  1 
ATOM   581  C  CG  . ARG A 1 74  ? 14.001  1.100   -4.027  1.00 18.89 ? 178  ARG A CG  1 
ATOM   582  C  CD  . ARG A 1 74  ? 14.382  2.507   -4.468  1.00 21.33 ? 178  ARG A CD  1 
ATOM   583  N  NE  . ARG A 1 74  ? 15.796  2.810   -4.247  1.00 23.47 ? 178  ARG A NE  1 
ATOM   584  C  CZ  . ARG A 1 74  ? 16.278  3.446   -3.177  1.00 25.01 ? 178  ARG A CZ  1 
ATOM   585  N  NH1 . ARG A 1 74  ? 15.471  3.856   -2.208  1.00 25.72 ? 178  ARG A NH1 1 
ATOM   586  N  NH2 . ARG A 1 74  ? 17.581  3.670   -3.069  1.00 26.34 ? 178  ARG A NH2 1 
ATOM   587  N  N   . TRP A 1 75  ? 9.513   2.149   -4.675  1.00 14.26 ? 179  TRP A N   1 
ATOM   588  C  CA  . TRP A 1 75  ? 8.179   1.904   -5.212  1.00 14.74 ? 179  TRP A CA  1 
ATOM   589  C  C   . TRP A 1 75  ? 8.244   0.958   -6.364  1.00 15.94 ? 179  TRP A C   1 
ATOM   590  O  O   . TRP A 1 75  ? 9.206   0.979   -7.135  1.00 17.12 ? 179  TRP A O   1 
ATOM   591  C  CB  . TRP A 1 75  ? 7.542   3.212   -5.694  1.00 14.12 ? 179  TRP A CB  1 
ATOM   592  C  CG  . TRP A 1 75  ? 7.229   4.171   -4.578  1.00 13.87 ? 179  TRP A CG  1 
ATOM   593  C  CD1 . TRP A 1 75  ? 7.832   5.402   -4.317  1.00 14.12 ? 179  TRP A CD1 1 
ATOM   594  C  CD2 . TRP A 1 75  ? 6.239   3.991   -3.509  1.00 13.39 ? 179  TRP A CD2 1 
ATOM   595  N  NE1 . TRP A 1 75  ? 7.280   5.987   -3.204  1.00 14.32 ? 179  TRP A NE1 1 
ATOM   596  C  CE2 . TRP A 1 75  ? 6.316   5.185   -2.674  1.00 13.25 ? 179  TRP A CE2 1 
ATOM   597  C  CE3 . TRP A 1 75  ? 5.314   2.998   -3.189  1.00 13.51 ? 179  TRP A CE3 1 
ATOM   598  C  CZ2 . TRP A 1 75  ? 5.504   5.354   -1.554  1.00 13.22 ? 179  TRP A CZ2 1 
ATOM   599  C  CZ3 . TRP A 1 75  ? 4.504   3.172   -2.064  1.00 13.65 ? 179  TRP A CZ3 1 
ATOM   600  C  CH2 . TRP A 1 75  ? 4.597   4.321   -1.265  1.00 13.64 ? 179  TRP A CH2 1 
ATOM   601  N  N   . ILE A 1 76  ? 7.210   0.138   -6.504  1.00 16.47 ? 180  ILE A N   1 
ATOM   602  C  CA  . ILE A 1 76  ? 7.192   -0.894  -7.547  1.00 18.48 ? 180  ILE A CA  1 
ATOM   603  C  C   . ILE A 1 76  ? 7.089   -0.355  -8.974  1.00 19.29 ? 180  ILE A C   1 
ATOM   604  O  O   . ILE A 1 76  ? 7.446   -1.065  -9.921  1.00 20.86 ? 180  ILE A O   1 
ATOM   605  C  CB  . ILE A 1 76  ? 6.110   -1.960  -7.300  1.00 19.22 ? 180  ILE A CB  1 
ATOM   606  C  CG1 . ILE A 1 76  ? 4.706   -1.331  -7.271  1.00 19.38 ? 180  ILE A CG1 1 
ATOM   607  C  CG2 . ILE A 1 76  ? 6.462   -2.760  -6.048  1.00 20.44 ? 180  ILE A CG2 1 
ATOM   608  C  CD1 . ILE A 1 76  ? 3.574   -2.329  -7.131  1.00 20.88 ? 180  ILE A CD1 1 
ATOM   609  N  N   . ASP A 1 77  ? 6.614   0.880   -9.135  1.00 19.31 ? 181  ASP A N   1 
ATOM   610  C  CA  . ASP A 1 77  ? 6.549   1.486   -10.474 1.00 20.15 ? 181  ASP A CA  1 
ATOM   611  C  C   . ASP A 1 77  ? 7.799   2.293   -10.803 1.00 20.71 ? 181  ASP A C   1 
ATOM   612  O  O   . ASP A 1 77  ? 7.834   3.016   -11.812 1.00 22.11 ? 181  ASP A O   1 
ATOM   613  C  CB  . ASP A 1 77  ? 5.282   2.327   -10.648 1.00 20.01 ? 181  ASP A CB  1 
ATOM   614  C  CG  . ASP A 1 77  ? 5.278   3.587   -9.800  1.00 19.69 ? 181  ASP A CG  1 
ATOM   615  O  OD1 . ASP A 1 77  ? 6.193   3.806   -8.983  1.00 19.58 ? 181  ASP A OD1 1 
ATOM   616  O  OD2 . ASP A 1 77  ? 4.329   4.377   -9.962  1.00 20.46 ? 181  ASP A OD2 1 
ATOM   617  N  N   . GLN A 1 78  ? 8.814   2.162   -9.950  1.00 21.23 ? 182  GLN A N   1 
ATOM   618  C  CA  . GLN A 1 78  ? 10.116  2.820   -10.098 1.00 22.50 ? 182  GLN A CA  1 
ATOM   619  C  C   . GLN A 1 78  ? 10.085  4.346   -10.012 1.00 21.95 ? 182  GLN A C   1 
ATOM   620  O  O   . GLN A 1 78  ? 11.101  4.998   -10.285 1.00 23.38 ? 182  GLN A O   1 
ATOM   621  C  CB  . GLN A 1 78  ? 10.838  2.357   -11.375 1.00 25.26 ? 182  GLN A CB  1 
ATOM   622  C  CG  . GLN A 1 78  ? 11.273  0.898   -11.355 1.00 28.34 ? 182  GLN A CG  1 
ATOM   623  C  CD  . GLN A 1 78  ? 11.673  0.413   -12.732 1.00 31.27 ? 182  GLN A CD  1 
ATOM   624  O  OE1 . GLN A 1 78  ? 10.822  0.165   -13.586 1.00 33.88 ? 182  GLN A OE1 1 
ATOM   625  N  NE2 . GLN A 1 78  ? 12.974  0.280   -12.958 1.00 33.51 ? 182  GLN A NE2 1 
ATOM   626  N  N   . THR A 1 79  ? 8.947   4.921   -9.611  1.00 20.83 ? 183  THR A N   1 
ATOM   627  C  CA  . THR A 1 79  ? 8.920   6.357   -9.333  0.75 19.62 ? 183  THR A CA  1 
ATOM   628  C  C   . THR A 1 79  ? 9.703   6.636   -8.049  1.00 19.81 ? 183  THR A C   1 
ATOM   629  O  O   . THR A 1 79  ? 9.775   5.776   -7.174  1.00 18.49 ? 183  THR A O   1 
ATOM   630  C  CB  . THR A 1 79  ? 7.494   6.940   -9.256  1.00 19.92 ? 183  THR A CB  1 
ATOM   631  O  OG1 . THR A 1 79  ? 6.748   6.271   -8.232  1.00 19.45 ? 183  THR A OG1 1 
ATOM   632  C  CG2 . THR A 1 79  ? 6.775   6.785   -10.596 1.00 20.38 ? 183  THR A CG2 1 
ATOM   633  N  N   . PRO A 1 80  ? 10.318  7.824   -7.937  1.00 20.14 ? 184  PRO A N   1 
ATOM   634  C  CA  . PRO A 1 80  ? 11.228  8.049   -6.815  1.00 19.75 ? 184  PRO A CA  1 
ATOM   635  C  C   . PRO A 1 80  ? 10.540  8.016   -5.453  1.00 19.30 ? 184  PRO A C   1 
ATOM   636  O  O   . PRO A 1 80  ? 9.410   8.508   -5.304  1.00 19.41 ? 184  PRO A O   1 
ATOM   637  C  CB  . PRO A 1 80  ? 11.806  9.448   -7.098  1.00 20.76 ? 184  PRO A CB  1 
ATOM   638  C  CG  . PRO A 1 80  ? 11.577  9.676   -8.553  1.00 22.00 ? 184  PRO A CG  1 
ATOM   639  C  CD  . PRO A 1 80  ? 10.304  8.962   -8.875  1.00 20.98 ? 184  PRO A CD  1 
ATOM   640  N  N   . TYR A 1 81  ? 11.215  7.409   -4.480  1.00 18.64 ? 185  TYR A N   1 
ATOM   641  C  CA  . TYR A 1 81  ? 10.779  7.441   -3.090  1.00 19.07 ? 185  TYR A CA  1 
ATOM   642  C  C   . TYR A 1 81  ? 11.066  8.825   -2.527  1.00 19.42 ? 185  TYR A C   1 
ATOM   643  O  O   . TYR A 1 81  ? 12.224  9.214   -2.384  1.00 21.51 ? 185  TYR A O   1 
ATOM   644  C  CB  . TYR A 1 81  ? 11.517  6.367   -2.298  1.00 19.38 ? 185  TYR A CB  1 
ATOM   645  C  CG  . TYR A 1 81  ? 11.116  6.229   -0.853  1.00 19.48 ? 185  TYR A CG  1 
ATOM   646  C  CD1 . TYR A 1 81  ? 9.871   5.712   -0.503  1.00 19.31 ? 185  TYR A CD1 1 
ATOM   647  C  CD2 . TYR A 1 81  ? 11.999  6.579   0.163   1.00 19.60 ? 185  TYR A CD2 1 
ATOM   648  C  CE1 . TYR A 1 81  ? 9.511   5.566   0.828   1.00 19.31 ? 185  TYR A CE1 1 
ATOM   649  C  CE2 . TYR A 1 81  ? 11.651  6.429   1.498   1.00 20.17 ? 185  TYR A CE2 1 
ATOM   650  C  CZ  . TYR A 1 81  ? 10.406  5.918   1.816   1.00 19.48 ? 185  TYR A CZ  1 
ATOM   651  O  OH  . TYR A 1 81  ? 10.049  5.773   3.139   1.00 21.16 ? 185  TYR A OH  1 
ATOM   652  N  N   . ASN A 1 82  ? 9.996   9.561   -2.237  1.00 19.31 ? 186  ASN A N   1 
ATOM   653  C  CA  . ASN A 1 82  ? 10.080  10.930  -1.748  1.00 19.78 ? 186  ASN A CA  1 
ATOM   654  C  C   . ASN A 1 82  ? 9.995   10.945  -0.228  1.00 19.38 ? 186  ASN A C   1 
ATOM   655  O  O   . ASN A 1 82  ? 8.920   10.729  0.344   1.00 18.69 ? 186  ASN A O   1 
ATOM   656  C  CB  . ASN A 1 82  ? 8.955   11.771  -2.353  1.00 20.37 ? 186  ASN A CB  1 
ATOM   657  C  CG  . ASN A 1 82  ? 9.058   13.244  -1.987  1.00 20.67 ? 186  ASN A CG  1 
ATOM   658  O  OD1 . ASN A 1 82  ? 9.978   13.668  -1.267  1.00 20.31 ? 186  ASN A OD1 1 
ATOM   659  N  ND2 . ASN A 1 82  ? 8.124   14.039  -2.499  1.00 21.47 ? 186  ASN A ND2 1 
ATOM   660  N  N   . LYS A 1 83  ? 11.124  11.236  0.410   1.00 19.12 ? 187  LYS A N   1 
ATOM   661  C  CA  . LYS A 1 83  ? 11.216  11.264  1.875   1.00 18.90 ? 187  LYS A CA  1 
ATOM   662  C  C   . LYS A 1 83  ? 10.311  12.324  2.506   1.00 18.34 ? 187  LYS A C   1 
ATOM   663  O  O   . LYS A 1 83  ? 10.019  12.254  3.701   1.00 17.90 ? 187  LYS A O   1 
ATOM   664  C  CB  . LYS A 1 83  ? 12.666  11.470  2.328   1.00 21.20 ? 187  LYS A CB  1 
ATOM   665  C  CG  . LYS A 1 83  ? 13.574  10.279  2.056   1.00 24.03 ? 187  LYS A CG  1 
ATOM   666  C  CD  . LYS A 1 83  ? 14.991  10.511  2.553   1.00 27.14 ? 187  LYS A CD  1 
ATOM   667  C  CE  . LYS A 1 83  ? 15.724  11.591  1.766   1.00 29.18 ? 187  LYS A CE  1 
ATOM   668  N  NZ  . LYS A 1 83  ? 16.008  11.204  0.352   1.00 31.17 ? 187  LYS A NZ  1 
ATOM   669  N  N   . SER A 1 84  ? 9.846   13.288  1.712   1.00 17.70 ? 188  SER A N   1 
ATOM   670  C  CA  . SER A 1 84  ? 8.953   14.328  2.246   1.00 16.93 ? 188  SER A CA  1 
ATOM   671  C  C   . SER A 1 84  ? 7.473   13.942  2.256   1.00 16.19 ? 188  SER A C   1 
ATOM   672  O  O   . SER A 1 84  ? 6.624   14.738  2.683   1.00 16.07 ? 188  SER A O   1 
ATOM   673  C  CB  . SER A 1 84  ? 9.143   15.665  1.521   1.00 17.48 ? 188  SER A CB  1 
ATOM   674  O  OG  . SER A 1 84  ? 8.569   15.633  0.236   1.00 18.29 ? 188  SER A OG  1 
ATOM   675  N  N   . ALA A 1 85  ? 7.174   12.719  1.828   1.00 15.86 ? 189  ALA A N   1 
ATOM   676  C  CA  . ALA A 1 85  ? 5.800   12.214  1.861   0.50 14.37 ? 189  ALA A CA  1 
ATOM   677  C  C   . ALA A 1 85  ? 5.733   10.746  2.286   1.00 14.59 ? 189  ALA A C   1 
ATOM   678  O  O   . ALA A 1 85  ? 5.325   9.875   1.519   1.00 15.03 ? 189  ALA A O   1 
ATOM   679  C  CB  . ALA A 1 85  ? 5.104   12.439  0.523   1.00 16.07 ? 189  ALA A CB  1 
ATOM   680  N  N   . THR A 1 86  ? 6.156   10.473  3.511   1.00 13.23 ? 190  THR A N   1 
ATOM   681  C  CA  . THR A 1 86  ? 6.043   9.130   4.069   1.00 13.19 ? 190  THR A CA  1 
ATOM   682  C  C   . THR A 1 86  ? 5.256   9.171   5.375   1.00 12.57 ? 190  THR A C   1 
ATOM   683  O  O   . THR A 1 86  ? 5.147   10.224  6.033   1.00 12.46 ? 190  THR A O   1 
ATOM   684  C  CB  . THR A 1 86  ? 7.419   8.458   4.287   1.00 12.91 ? 190  THR A CB  1 
ATOM   685  O  OG1 . THR A 1 86  ? 8.156   9.128   5.319   1.00 13.51 ? 190  THR A OG1 1 
ATOM   686  C  CG2 . THR A 1 86  ? 8.218   8.442   2.989   1.00 13.47 ? 190  THR A CG2 1 
ATOM   687  N  N   . PHE A 1 87  ? 4.696   8.019   5.753   1.00 12.64 ? 191  PHE A N   1 
ATOM   688  C  CA  . PHE A 1 87  ? 3.696   7.974   6.827   1.00 12.46 ? 191  PHE A CA  1 
ATOM   689  C  C   . PHE A 1 87  ? 3.898   6.825   7.782   1.00 12.26 ? 191  PHE A C   1 
ATOM   690  O  O   . PHE A 1 87  ? 2.945   6.205   8.246   1.00 12.83 ? 191  PHE A O   1 
ATOM   691  C  CB  . PHE A 1 87  ? 2.291   8.006   6.218   1.00 12.83 ? 191  PHE A CB  1 
ATOM   692  C  CG  . PHE A 1 87  ? 2.111   9.177   5.312   1.00 12.63 ? 191  PHE A CG  1 
ATOM   693  C  CD1 . PHE A 1 87  ? 1.795   10.428  5.843   1.00 12.82 ? 191  PHE A CD1 1 
ATOM   694  C  CD2 . PHE A 1 87  ? 2.366   9.063   3.953   1.00 12.82 ? 191  PHE A CD2 1 
ATOM   695  C  CE1 . PHE A 1 87  ? 1.697   11.540  5.019   1.00 12.73 ? 191  PHE A CE1 1 
ATOM   696  C  CE2 . PHE A 1 87  ? 2.288   10.175  3.124   1.00 12.68 ? 191  PHE A CE2 1 
ATOM   697  C  CZ  . PHE A 1 87  ? 1.951   11.411  3.663   1.00 12.86 ? 191  PHE A CZ  1 
ATOM   698  N  N   . TRP A 1 88  ? 5.159   6.557   8.080   1.00 11.88 ? 192  TRP A N   1 
ATOM   699  C  CA  . TRP A 1 88  ? 5.506   5.498   9.025   1.00 12.29 ? 192  TRP A CA  1 
ATOM   700  C  C   . TRP A 1 88  ? 4.910   5.709   10.391  1.00 12.52 ? 192  TRP A C   1 
ATOM   701  O  O   . TRP A 1 88  ? 4.976   6.813   10.950  1.00 13.10 ? 192  TRP A O   1 
ATOM   702  C  CB  . TRP A 1 88  ? 7.013   5.413   9.156   1.00 12.25 ? 192  TRP A CB  1 
ATOM   703  C  CG  . TRP A 1 88  ? 7.715   5.058   7.875   1.00 12.24 ? 192  TRP A CG  1 
ATOM   704  C  CD1 . TRP A 1 88  ? 8.451   5.895   7.042   1.00 12.66 ? 192  TRP A CD1 1 
ATOM   705  C  CD2 . TRP A 1 88  ? 7.774   3.739   7.252   1.00 11.87 ? 192  TRP A CD2 1 
ATOM   706  N  NE1 . TRP A 1 88  ? 8.962   5.201   5.976   1.00 12.79 ? 192  TRP A NE1 1 
ATOM   707  C  CE2 . TRP A 1 88  ? 8.579   3.898   6.039   1.00 12.04 ? 192  TRP A CE2 1 
ATOM   708  C  CE3 . TRP A 1 88  ? 7.248   2.486   7.561   1.00 11.90 ? 192  TRP A CE3 1 
ATOM   709  C  CZ2 . TRP A 1 88  ? 8.848   2.831   5.198   1.00 12.25 ? 192  TRP A CZ2 1 
ATOM   710  C  CZ3 . TRP A 1 88  ? 7.529   1.417   6.696   1.00 12.09 ? 192  TRP A CZ3 1 
ATOM   711  C  CH2 . TRP A 1 88  ? 8.308   1.587   5.547   1.00 12.37 ? 192  TRP A CH2 1 
ATOM   712  N  N   . HIS A 1 89  ? 4.358   4.640   10.953  1.00 12.59 ? 193  HIS A N   1 
ATOM   713  C  CA  . HIS A 1 89  ? 3.981   4.608   12.373  1.00 13.06 ? 193  HIS A CA  1 
ATOM   714  C  C   . HIS A 1 89  ? 5.172   4.904   13.236  1.00 13.75 ? 193  HIS A C   1 
ATOM   715  O  O   . HIS A 1 89  ? 6.307   4.585   12.878  1.00 13.59 ? 193  HIS A O   1 
ATOM   716  C  CB  . HIS A 1 89  ? 3.430   3.237   12.764  1.00 13.36 ? 193  HIS A CB  1 
ATOM   717  C  CG  . HIS A 1 89  ? 1.984   3.022   12.414  1.00 13.24 ? 193  HIS A CG  1 
ATOM   718  N  ND1 . HIS A 1 89  ? 0.976   3.771   12.937  1.00 13.74 ? 193  HIS A ND1 1 
ATOM   719  C  CD2 . HIS A 1 89  ? 1.382   2.072   11.594  1.00 13.62 ? 193  HIS A CD2 1 
ATOM   720  C  CE1 . HIS A 1 89  ? -0.196  3.318   12.467  1.00 14.42 ? 193  HIS A CE1 1 
ATOM   721  N  NE2 . HIS A 1 89  ? 0.054   2.285   11.637  1.00 13.92 ? 193  HIS A NE2 1 
ATOM   722  N  N   . LYS A 1 90  ? 4.928   5.483   14.411  1.00 14.80 ? 194  LYS A N   1 
ATOM   723  C  CA  . LYS A 1 90  ? 5.990   5.636   15.390  1.00 16.24 ? 194  LYS A CA  1 
ATOM   724  C  C   . LYS A 1 90  ? 6.647   4.276   15.652  1.00 15.70 ? 194  LYS A C   1 
ATOM   725  O  O   . LYS A 1 90  ? 5.963   3.268   15.870  1.00 16.17 ? 194  LYS A O   1 
ATOM   726  C  CB  . LYS A 1 90  ? 5.431   6.247   16.686  1.00 17.74 ? 194  LYS A CB  1 
ATOM   727  C  CG  . LYS A 1 90  ? 6.449   6.513   17.779  1.00 21.25 ? 194  LYS A CG  1 
ATOM   728  C  CD  . LYS A 1 90  ? 7.535   7.484   17.355  1.00 24.43 ? 194  LYS A CD  1 
ATOM   729  C  CE  . LYS A 1 90  ? 8.461   7.803   18.522  1.00 26.85 ? 194  LYS A CE  1 
ATOM   730  N  NZ  . LYS A 1 90  ? 8.888   6.593   19.285  1.00 29.22 ? 194  LYS A NZ  1 
ATOM   731  N  N   . GLY A 1 91  ? 7.968   4.261   15.573  1.00 15.03 ? 195  GLY A N   1 
ATOM   732  C  CA  . GLY A 1 91  ? 8.775   3.061   15.793  1.00 15.21 ? 195  GLY A CA  1 
ATOM   733  C  C   . GLY A 1 91  ? 8.969   2.193   14.560  1.00 15.25 ? 195  GLY A C   1 
ATOM   734  O  O   . GLY A 1 91  ? 9.638   1.157   14.643  1.00 16.69 ? 195  GLY A O   1 
ATOM   735  N  N   . GLU A 1 92  ? 8.387   2.594   13.431  1.00 14.34 ? 196  GLU A N   1 
ATOM   736  C  CA  . GLU A 1 92  ? 8.516   1.841   12.177  1.00 13.81 ? 196  GLU A CA  1 
ATOM   737  C  C   . GLU A 1 92  ? 9.277   2.653   11.137  1.00 13.75 ? 196  GLU A C   1 
ATOM   738  O  O   . GLU A 1 92  ? 9.294   3.880   11.206  1.00 13.80 ? 196  GLU A O   1 
ATOM   739  C  CB  . GLU A 1 92  ? 7.146   1.474   11.615  1.00 13.44 ? 196  GLU A CB  1 
ATOM   740  C  CG  . GLU A 1 92  ? 6.232   0.751   12.592  1.00 13.53 ? 196  GLU A CG  1 
ATOM   741  C  CD  . GLU A 1 92  ? 6.715   -0.640  12.999  1.00 13.80 ? 196  GLU A CD  1 
ATOM   742  O  OE1 . GLU A 1 92  ? 7.554   -1.300  12.308  1.00 14.25 ? 196  GLU A OE1 1 
ATOM   743  O  OE2 . GLU A 1 92  ? 6.173   -1.107  14.037  1.00 13.91 ? 196  GLU A OE2 1 
ATOM   744  N  N   . PRO A 1 93  ? 9.925   1.981   10.167  1.00 13.06 ? 197  PRO A N   1 
ATOM   745  C  CA  . PRO A 1 93  ? 10.048  0.528   10.046  1.00 13.06 ? 197  PRO A CA  1 
ATOM   746  C  C   . PRO A 1 93  ? 11.093  0.010   11.035  1.00 13.89 ? 197  PRO A C   1 
ATOM   747  O  O   . PRO A 1 93  ? 11.976  0.767   11.447  1.00 14.53 ? 197  PRO A O   1 
ATOM   748  C  CB  . PRO A 1 93  ? 10.487  0.349   8.592   1.00 12.56 ? 197  PRO A CB  1 
ATOM   749  C  CG  . PRO A 1 93  ? 11.323  1.560   8.317   1.00 12.93 ? 197  PRO A CG  1 
ATOM   750  C  CD  . PRO A 1 93  ? 10.693  2.684   9.115   1.00 12.86 ? 197  PRO A CD  1 
ATOM   751  N  N   . ASN A 1 94  ? 10.976  -1.251  11.446  1.00 14.26 ? 198  ASN A N   1 
ATOM   752  C  CA  . ASN A 1 94  ? 11.807  -1.721  12.554  1.00 14.63 ? 198  ASN A CA  1 
ATOM   753  C  C   . ASN A 1 94  ? 12.617  -2.996  12.371  1.00 15.11 ? 198  ASN A C   1 
ATOM   754  O  O   . ASN A 1 94  ? 13.511  -3.264  13.188  1.00 16.87 ? 198  ASN A O   1 
ATOM   755  C  CB  . ASN A 1 94  ? 10.972  -1.822  13.841  1.00 14.30 ? 198  ASN A CB  1 
ATOM   756  C  CG  . ASN A 1 94  ? 9.922   -2.919  13.785  1.00 14.63 ? 198  ASN A CG  1 
ATOM   757  O  OD1 . ASN A 1 94  ? 9.524   -3.404  12.715  1.00 14.08 ? 198  ASN A OD1 1 
ATOM   758  N  ND2 . ASN A 1 94  ? 9.456   -3.321  14.964  1.00 16.09 ? 198  ASN A ND2 1 
ATOM   759  N  N   . GLN A 1 95  ? 12.330  -3.785  11.337  1.00 14.76 ? 199  GLN A N   1 
ATOM   760  C  CA  . GLN A 1 95  ? 12.947  -5.112  11.248  1.00 15.18 ? 199  GLN A CA  1 
ATOM   761  C  C   . GLN A 1 95  ? 13.389  -5.472  9.838   1.00 14.96 ? 199  GLN A C   1 
ATOM   762  O  O   . GLN A 1 95  ? 12.600  -5.378  8.895   1.00 14.97 ? 199  GLN A O   1 
ATOM   763  C  CB  . GLN A 1 95  ? 11.994  -6.157  11.840  1.00 15.58 ? 199  GLN A CB  1 
ATOM   764  C  CG  . GLN A 1 95  ? 11.857  -5.980  13.352  1.00 16.37 ? 199  GLN A CG  1 
ATOM   765  C  CD  . GLN A 1 95  ? 10.730  -6.749  14.017  1.00 16.92 ? 199  GLN A CD  1 
ATOM   766  O  OE1 . GLN A 1 95  ? 9.595   -6.795  13.537  1.00 18.82 ? 199  GLN A OE1 1 
ATOM   767  N  NE2 . GLN A 1 95  ? 11.035  -7.314  15.182  1.00 17.23 ? 199  GLN A NE2 1 
ATOM   768  N  N   . ASP A 1 96  ? 14.646  -5.910  9.713   1.00 15.19 ? 200  ASP A N   1 
ATOM   769  C  CA  . ASP A 1 96  ? 15.276  -6.121  8.397   1.00 15.61 ? 200  ASP A CA  1 
ATOM   770  C  C   . ASP A 1 96  ? 14.597  -7.167  7.523   1.00 14.99 ? 200  ASP A C   1 
ATOM   771  O  O   . ASP A 1 96  ? 14.633  -7.058  6.295   1.00 15.78 ? 200  ASP A O   1 
ATOM   772  C  CB  . ASP A 1 96  ? 16.778  -6.446  8.525   1.00 16.47 ? 200  ASP A CB  1 
ATOM   773  C  CG  . ASP A 1 96  ? 17.042  -7.904  8.907   1.00 17.75 ? 200  ASP A CG  1 
ATOM   774  O  OD1 . ASP A 1 96  ? 17.039  -8.211  10.109  1.00 19.05 ? 200  ASP A OD1 1 
ATOM   775  O  OD2 . ASP A 1 96  ? 17.254  -8.734  8.003   1.00 18.94 ? 200  ASP A OD2 1 
ATOM   776  N  N   A TRP A 1 97  ? 13.984  -8.147  8.183   0.50 14.96 ? 201  TRP A N   1 
ATOM   777  N  N   B TRP A 1 97  ? 13.997  -8.195  8.129   0.50 14.62 ? 201  TRP A N   1 
ATOM   778  C  CA  A TRP A 1 97  ? 13.314  -9.263  7.545   0.50 14.74 ? 201  TRP A CA  1 
ATOM   779  C  CA  B TRP A 1 97  ? 13.318  -9.242  7.356   0.50 14.28 ? 201  TRP A CA  1 
ATOM   780  C  C   A TRP A 1 97  ? 11.873  -8.967  7.203   0.50 14.31 ? 201  TRP A C   1 
ATOM   781  C  C   B TRP A 1 97  ? 11.905  -8.888  7.005   0.50 14.10 ? 201  TRP A C   1 
ATOM   782  O  O   A TRP A 1 97  ? 11.171  -9.829  6.676   0.50 14.53 ? 201  TRP A O   1 
ATOM   783  O  O   B TRP A 1 97  ? 11.235  -9.659  6.309   0.50 14.40 ? 201  TRP A O   1 
ATOM   784  C  CB  A TRP A 1 97  ? 13.439  -10.503 8.435   0.50 14.78 ? 201  TRP A CB  1 
ATOM   785  C  CB  B TRP A 1 97  ? 13.329  -10.583 8.084   0.50 13.73 ? 201  TRP A CB  1 
ATOM   786  C  CG  A TRP A 1 97  ? 13.072  -10.236 9.876   0.50 14.55 ? 201  TRP A CG  1 
ATOM   787  C  CG  B TRP A 1 97  ? 12.493  -10.545 9.334   0.50 13.07 ? 201  TRP A CG  1 
ATOM   788  C  CD1 A TRP A 1 97  ? 13.881  -9.716  10.886  0.50 14.69 ? 201  TRP A CD1 1 
ATOM   789  C  CD1 B TRP A 1 97  ? 11.168  -10.946 9.494   0.50 13.03 ? 201  TRP A CD1 1 
ATOM   790  C  CD2 A TRP A 1 97  ? 11.770  -10.454 10.511  0.50 14.62 ? 201  TRP A CD2 1 
ATOM   791  C  CD2 B TRP A 1 97  ? 12.897  -10.028 10.639  0.50 12.80 ? 201  TRP A CD2 1 
ATOM   792  N  NE1 A TRP A 1 97  ? 13.186  -9.608  12.067  0.50 14.74 ? 201  TRP A NE1 1 
ATOM   793  N  NE1 B TRP A 1 97  ? 10.747  -10.729 10.780  0.50 13.01 ? 201  TRP A NE1 1 
ATOM   794  C  CE2 A TRP A 1 97  ? 11.914  -10.032 11.909  0.50 14.70 ? 201  TRP A CE2 1 
ATOM   795  C  CE2 B TRP A 1 97  ? 11.738  -10.177 11.516  0.50 12.92 ? 201  TRP A CE2 1 
ATOM   796  C  CE3 A TRP A 1 97  ? 10.549  -10.942 10.082  0.50 14.80 ? 201  TRP A CE3 1 
ATOM   797  C  CE3 B TRP A 1 97  ? 14.059  -9.480  11.149  0.50 12.96 ? 201  TRP A CE3 1 
ATOM   798  C  CZ2 A TRP A 1 97  ? 10.863  -10.108 12.809  0.50 14.94 ? 201  TRP A CZ2 1 
ATOM   799  C  CZ2 B TRP A 1 97  ? 11.775  -9.800  12.839  0.50 13.08 ? 201  TRP A CZ2 1 
ATOM   800  C  CZ3 A TRP A 1 97  ? 9.502   -11.011 10.999  0.50 14.99 ? 201  TRP A CZ3 1 
ATOM   801  C  CZ3 B TRP A 1 97  ? 14.075  -9.097  12.484  0.50 12.95 ? 201  TRP A CZ3 1 
ATOM   802  C  CH2 A TRP A 1 97  ? 9.658   -10.604 12.329  0.50 15.17 ? 201  TRP A CH2 1 
ATOM   803  C  CH2 B TRP A 1 97  ? 12.963  -9.263  13.306  0.50 13.10 ? 201  TRP A CH2 1 
ATOM   804  N  N   . GLU A 1 98  ? 11.435  -7.737  7.490   1.00 13.86 ? 202  GLU A N   1 
ATOM   805  C  CA  . GLU A 1 98  ? 10.107  -7.237  7.131   1.00 13.55 ? 202  GLU A CA  1 
ATOM   806  C  C   . GLU A 1 98  ? 10.320  -6.313  5.934   1.00 13.36 ? 202  GLU A C   1 
ATOM   807  O  O   . GLU A 1 98  ? 10.637  -5.120  6.093   1.00 13.39 ? 202  GLU A O   1 
ATOM   808  C  CB  . GLU A 1 98  ? 9.465   -6.489  8.310   1.00 13.06 ? 202  GLU A CB  1 
ATOM   809  C  CG  . GLU A 1 98  ? 9.126   -7.383  9.508   1.00 13.51 ? 202  GLU A CG  1 
ATOM   810  C  CD  . GLU A 1 98  ? 8.265   -6.679  10.554  1.00 13.54 ? 202  GLU A CD  1 
ATOM   811  O  OE1 . GLU A 1 98  ? 8.609   -5.564  11.020  1.00 13.60 ? 202  GLU A OE1 1 
ATOM   812  O  OE2 . GLU A 1 98  ? 7.220   -7.260  10.918  1.00 14.03 ? 202  GLU A OE2 1 
ATOM   813  N  N   . ARG A 1 99  ? 10.196  -6.869  4.732   1.00 13.65 ? 203  ARG A N   1 
ATOM   814  C  CA  . ARG A 1 99  ? 10.630  -6.135  3.546   1.00 13.98 ? 203  ARG A CA  1 
ATOM   815  C  C   . ARG A 1 99  ? 9.490   -5.510  2.752   1.00 13.61 ? 203  ARG A C   1 
ATOM   816  O  O   . ARG A 1 99  ? 9.739   -4.791  1.786   1.00 13.75 ? 203  ARG A O   1 
ATOM   817  C  CB  . ARG A 1 99  ? 11.481  -7.040  2.645   1.00 15.45 ? 203  ARG A CB  1 
ATOM   818  C  CG  . ARG A 1 99  ? 12.778  -7.525  3.295   1.00 17.03 ? 203  ARG A CG  1 
ATOM   819  C  CD  . ARG A 1 99  ? 13.614  -8.374  2.329   1.00 17.62 ? 203  ARG A CD  1 
ATOM   820  N  NE  . ARG A 1 99  ? 12.767  -9.332  1.620   1.00 18.23 ? 203  ARG A NE  1 
ATOM   821  C  CZ  . ARG A 1 99  ? 12.373  -10.503 2.115   1.00 19.11 ? 203  ARG A CZ  1 
ATOM   822  N  NH1 . ARG A 1 99  ? 12.776  -10.901 3.321   1.00 19.06 ? 203  ARG A NH1 1 
ATOM   823  N  NH2 . ARG A 1 99  ? 11.576  -11.272 1.396   1.00 20.18 ? 203  ARG A NH2 1 
ATOM   824  N  N   . CYS A 1 100 ? 8.254   -5.802  3.164   1.00 13.02 ? 204  CYS A N   1 
ATOM   825  C  CA  . CYS A 1 100 ? 7.039   -5.273  2.551   1.00 13.01 ? 204  CYS A CA  1 
ATOM   826  C  C   . CYS A 1 100 ? 6.362   -4.338  3.543   1.00 12.57 ? 204  CYS A C   1 
ATOM   827  O  O   . CYS A 1 100 ? 6.771   -4.254  4.702   1.00 12.51 ? 204  CYS A O   1 
ATOM   828  C  CB  . CYS A 1 100 ? 6.109   -6.411  2.139   1.00 13.53 ? 204  CYS A CB  1 
ATOM   829  S  SG  . CYS A 1 100 ? 6.694   -7.303  0.673   1.00 14.79 ? 204  CYS A SG  1 
ATOM   830  N  N   . VAL A 1 101 ? 5.362   -3.605  3.068   1.00 12.19 ? 205  VAL A N   1 
ATOM   831  C  CA  . VAL A 1 101 ? 4.750   -2.532  3.857   1.00 12.15 ? 205  VAL A CA  1 
ATOM   832  C  C   . VAL A 1 101 ? 3.233   -2.597  3.775   1.00 11.76 ? 205  VAL A C   1 
ATOM   833  O  O   . VAL A 1 101 ? 2.661   -2.749  2.677   1.00 12.32 ? 205  VAL A O   1 
ATOM   834  C  CB  . VAL A 1 101 ? 5.228   -1.147  3.360   1.00 11.71 ? 205  VAL A CB  1 
ATOM   835  C  CG1 . VAL A 1 101 ? 4.613   -0.010  4.185   1.00 12.40 ? 205  VAL A CG1 1 
ATOM   836  C  CG2 . VAL A 1 101 ? 6.744   -1.035  3.384   1.00 12.43 ? 205  VAL A CG2 1 
ATOM   837  N  N   . ILE A 1 102 ? 2.591   -2.476  4.941   1.00 11.61 ? 206  ILE A N   1 
ATOM   838  C  CA  . ILE A 1 102 ? 1.149   -2.297  4.997   1.00 12.02 ? 206  ILE A CA  1 
ATOM   839  C  C   . ILE A 1 102 ? 0.767   -0.956  5.599   1.00 12.19 ? 206  ILE A C   1 
ATOM   840  O  O   . ILE A 1 102 ? 1.509   -0.376  6.394   1.00 11.78 ? 206  ILE A O   1 
ATOM   841  C  CB  . ILE A 1 102 ? 0.414   -3.410  5.806   1.00 12.13 ? 206  ILE A CB  1 
ATOM   842  C  CG1 . ILE A 1 102 ? 0.915   -3.494  7.258   1.00 12.80 ? 206  ILE A CG1 1 
ATOM   843  C  CG2 . ILE A 1 102 ? 0.486   -4.735  5.061   1.00 13.34 ? 206  ILE A CG2 1 
ATOM   844  C  CD1 . ILE A 1 102 ? 0.110   -4.442  8.137   1.00 12.89 ? 206  ILE A CD1 1 
ATOM   845  N  N   . ILE A 1 103 ? -0.406  -0.485  5.193   1.00 12.50 ? 207  ILE A N   1 
ATOM   846  C  CA  . ILE A 1 103 ? -1.143  0.526   5.938   1.00 13.23 ? 207  ILE A CA  1 
ATOM   847  C  C   . ILE A 1 103 ? -1.975  -0.226  6.975   1.00 13.46 ? 207  ILE A C   1 
ATOM   848  O  O   . ILE A 1 103 ? -2.733  -1.137  6.638   1.00 14.47 ? 207  ILE A O   1 
ATOM   849  C  CB  . ILE A 1 103 ? -2.074  1.337   5.011   1.00 13.72 ? 207  ILE A CB  1 
ATOM   850  C  CG1 . ILE A 1 103 ? -1.256  2.108   3.977   1.00 14.05 ? 207  ILE A CG1 1 
ATOM   851  C  CG2 . ILE A 1 103 ? -2.952  2.289   5.819   1.00 14.18 ? 207  ILE A CG2 1 
ATOM   852  C  CD1 . ILE A 1 103 ? -2.097  2.840   2.949   1.00 14.01 ? 207  ILE A CD1 1 
ATOM   853  N  N   . ASN A 1 104 ? -1.834  0.159   8.234   1.00 13.53 ? 208  ASN A N   1 
ATOM   854  C  CA  . ASN A 1 104 ? -2.730  -0.342  9.286   1.00 14.47 ? 208  ASN A CA  1 
ATOM   855  C  C   . ASN A 1 104 ? -3.064  0.740   10.304  1.00 15.01 ? 208  ASN A C   1 
ATOM   856  O  O   . ASN A 1 104 ? -2.464  1.830   10.313  1.00 13.95 ? 208  ASN A O   1 
ATOM   857  C  CB  . ASN A 1 104 ? -2.203  -1.651  9.937   1.00 14.78 ? 208  ASN A CB  1 
ATOM   858  C  CG  . ASN A 1 104 ? -0.921  -1.460  10.737  1.00 14.95 ? 208  ASN A CG  1 
ATOM   859  O  OD1 . ASN A 1 104 ? -0.367  -0.379  10.805  1.00 15.68 ? 208  ASN A OD1 1 
ATOM   860  N  ND2 . ASN A 1 104 ? -0.432  -2.545  11.350  1.00 15.35 ? 208  ASN A ND2 1 
ATOM   861  N  N   . HIS A 1 105 ? -4.053  0.443   11.141  1.00 15.95 ? 209  HIS A N   1 
ATOM   862  C  CA  . HIS A 1 105 ? -4.574  1.418   12.076  1.00 18.12 ? 209  HIS A CA  1 
ATOM   863  C  C   . HIS A 1 105 ? -4.223  1.091   13.498  1.00 19.12 ? 209  HIS A C   1 
ATOM   864  O  O   . HIS A 1 105 ? -4.304  -0.065  13.913  1.00 19.68 ? 209  HIS A O   1 
ATOM   865  C  CB  . HIS A 1 105 ? -6.078  1.513   11.915  1.00 18.84 ? 209  HIS A CB  1 
ATOM   866  C  CG  . HIS A 1 105 ? -6.682  2.674   12.644  1.00 19.55 ? 209  HIS A CG  1 
ATOM   867  N  ND1 . HIS A 1 105 ? -7.186  2.563   13.896  1.00 21.25 ? 209  HIS A ND1 1 
ATOM   868  C  CD2 . HIS A 1 105 ? -6.836  4.003   12.270  1.00 20.14 ? 209  HIS A CD2 1 
ATOM   869  C  CE1 . HIS A 1 105 ? -7.650  3.762   14.294  1.00 21.28 ? 209  HIS A CE1 1 
ATOM   870  N  NE2 . HIS A 1 105 ? -7.432  4.645   13.302  1.00 21.45 ? 209  HIS A NE2 1 
ATOM   871  N  N   . LYS A 1 106 ? -3.809  2.116   14.233  1.00 20.51 ? 210  LYS A N   1 
ATOM   872  C  CA  . LYS A 1 106 ? -3.433  1.994   15.645  1.00 22.68 ? 210  LYS A CA  1 
ATOM   873  C  C   . LYS A 1 106 ? -4.125  3.110   16.420  1.00 24.71 ? 210  LYS A C   1 
ATOM   874  O  O   . LYS A 1 106 ? -4.882  3.888   15.841  1.00 25.77 ? 210  LYS A O   1 
ATOM   875  C  CB  . LYS A 1 106 ? -1.903  2.045   15.813  1.00 22.70 ? 210  LYS A CB  1 
ATOM   876  C  CG  . LYS A 1 106 ? -1.189  0.859   15.181  1.00 22.02 ? 210  LYS A CG  1 
ATOM   877  C  CD  . LYS A 1 106 ? 0.334   0.975   15.142  1.00 21.88 ? 210  LYS A CD  1 
ATOM   878  C  CE  . LYS A 1 106 ? 0.977   0.561   16.455  1.00 22.81 ? 210  LYS A CE  1 
ATOM   879  N  NZ  . LYS A 1 106 ? 2.438   0.413   16.247  1.00 21.06 ? 210  LYS A NZ  1 
ATOM   880  N  N   . THR A 1 107 ? -3.881  3.180   17.728  1.00 28.49 ? 211  THR A N   1 
ATOM   881  C  CA  . THR A 1 107 ? -4.524  4.199   18.562  1.00 30.22 ? 211  THR A CA  1 
ATOM   882  C  C   . THR A 1 107 ? -4.140  5.614   18.120  1.00 30.02 ? 211  THR A C   1 
ATOM   883  O  O   . THR A 1 107 ? -4.921  6.555   18.260  1.00 31.49 ? 211  THR A O   1 
ATOM   884  C  CB  . THR A 1 107 ? -4.189  4.011   20.055  1.00 31.32 ? 211  THR A CB  1 
ATOM   885  O  OG1 . THR A 1 107 ? -2.776  4.144   20.252  1.00 34.62 ? 211  THR A OG1 1 
ATOM   886  C  CG2 . THR A 1 107 ? -4.634  2.633   20.532  1.00 32.18 ? 211  THR A CG2 1 
ATOM   887  N  N   . THR A 1 108 ? -2.935  5.741   17.571  1.00 28.63 ? 212  THR A N   1 
ATOM   888  C  CA  . THR A 1 108 ? -2.402  7.016   17.095  1.00 28.76 ? 212  THR A CA  1 
ATOM   889  C  C   . THR A 1 108 ? -2.856  7.343   15.669  1.00 27.29 ? 212  THR A C   1 
ATOM   890  O  O   . THR A 1 108 ? -2.510  8.401   15.132  1.00 29.21 ? 212  THR A O   1 
ATOM   891  C  CB  . THR A 1 108 ? -0.863  7.016   17.137  1.00 29.51 ? 212  THR A CB  1 
ATOM   892  O  OG1 . THR A 1 108 ? -0.378  5.808   16.536  1.00 32.21 ? 212  THR A OG1 1 
ATOM   893  C  CG2 . THR A 1 108 ? -0.363  7.097   18.574  1.00 30.00 ? 212  THR A CG2 1 
ATOM   894  N  N   . GLY A 1 109 ? -3.618  6.432   15.064  1.00 24.85 ? 213  GLY A N   1 
ATOM   895  C  CA  . GLY A 1 109 ? -4.172  6.629   13.725  1.00 22.08 ? 213  GLY A CA  1 
ATOM   896  C  C   . GLY A 1 109 ? -3.635  5.668   12.671  1.00 19.35 ? 213  GLY A C   1 
ATOM   897  O  O   . GLY A 1 109 ? -3.100  4.610   12.997  1.00 18.99 ? 213  GLY A O   1 
ATOM   898  N  N   . TRP A 1 110 ? -3.813  6.039   11.405  1.00 18.03 ? 214  TRP A N   1 
ATOM   899  C  CA  . TRP A 1 110 ? -3.296  5.253   10.282  1.00 15.83 ? 214  TRP A CA  1 
ATOM   900  C  C   . TRP A 1 110 ? -1.834  5.480   10.059  1.00 15.49 ? 214  TRP A C   1 
ATOM   901  O  O   . TRP A 1 110 ? -1.314  6.560   10.323  1.00 16.54 ? 214  TRP A O   1 
ATOM   902  C  CB  . TRP A 1 110 ? -4.044  5.618   9.009   1.00 15.97 ? 214  TRP A CB  1 
ATOM   903  C  CG  . TRP A 1 110 ? -5.447  5.105   8.983   1.00 16.37 ? 214  TRP A CG  1 
ATOM   904  C  CD1 . TRP A 1 110 ? -6.619  5.827   9.211   1.00 16.66 ? 214  TRP A CD1 1 
ATOM   905  C  CD2 . TRP A 1 110 ? -5.887  3.742   8.690   1.00 16.39 ? 214  TRP A CD2 1 
ATOM   906  N  NE1 . TRP A 1 110 ? -7.718  5.027   9.082   1.00 17.48 ? 214  TRP A NE1 1 
ATOM   907  C  CE2 . TRP A 1 110 ? -7.357  3.759   8.775   1.00 16.93 ? 214  TRP A CE2 1 
ATOM   908  C  CE3 . TRP A 1 110 ? -5.239  2.544   8.391   1.00 16.59 ? 214  TRP A CE3 1 
ATOM   909  C  CZ2 . TRP A 1 110 ? -8.118  2.619   8.558   1.00 17.05 ? 214  TRP A CZ2 1 
ATOM   910  C  CZ3 . TRP A 1 110 ? -6.017  1.401   8.169   1.00 16.62 ? 214  TRP A CZ3 1 
ATOM   911  C  CH2 . TRP A 1 110 ? -7.425  1.441   8.254   1.00 16.86 ? 214  TRP A CH2 1 
ATOM   912  N  N   . GLY A 1 111 ? -1.152  4.462   9.541   1.00 12.99 ? 215  GLY A N   1 
ATOM   913  C  CA  . GLY A 1 111 ? 0.260   4.616   9.215   1.00 13.06 ? 215  GLY A CA  1 
ATOM   914  C  C   . GLY A 1 111 ? 0.824   3.392   8.528   1.00 12.15 ? 215  GLY A C   1 
ATOM   915  O  O   . GLY A 1 111 ? 0.120   2.395   8.309   1.00 12.54 ? 215  GLY A O   1 
ATOM   916  N  N   . TRP A 1 112 ? 2.102   3.481   8.193   1.00 12.06 ? 216  TRP A N   1 
ATOM   917  C  CA  . TRP A 1 112 ? 2.804   2.389   7.519   1.00 11.73 ? 216  TRP A CA  1 
ATOM   918  C  C   . TRP A 1 112 ? 3.603   1.572   8.495   1.00 11.76 ? 216  TRP A C   1 
ATOM   919  O  O   . TRP A 1 112 ? 4.222   2.103   9.427   1.00 11.82 ? 216  TRP A O   1 
ATOM   920  C  CB  . TRP A 1 112 ? 3.784   2.927   6.494   1.00 11.48 ? 216  TRP A CB  1 
ATOM   921  C  CG  . TRP A 1 112 ? 3.214   3.761   5.377   1.00 11.48 ? 216  TRP A CG  1 
ATOM   922  C  CD1 . TRP A 1 112 ? 1.881   3.983   5.030   1.00 11.90 ? 216  TRP A CD1 1 
ATOM   923  C  CD2 . TRP A 1 112 ? 4.005   4.485   4.383   1.00 11.39 ? 216  TRP A CD2 1 
ATOM   924  N  NE1 . TRP A 1 112 ? 1.808   4.819   3.934   1.00 11.92 ? 216  TRP A NE1 1 
ATOM   925  C  CE2 . TRP A 1 112 ? 3.048   5.134   3.487   1.00 11.53 ? 216  TRP A CE2 1 
ATOM   926  C  CE3 . TRP A 1 112 ? 5.370   4.659   4.161   1.00 11.37 ? 216  TRP A CE3 1 
ATOM   927  C  CZ2 . TRP A 1 112 ? 3.467   5.939   2.421   1.00 11.49 ? 216  TRP A CZ2 1 
ATOM   928  C  CZ3 . TRP A 1 112 ? 5.772   5.464   3.090   1.00 11.14 ? 216  TRP A CZ3 1 
ATOM   929  C  CH2 . TRP A 1 112 ? 4.839   6.071   2.236   1.00 11.78 ? 216  TRP A CH2 1 
ATOM   930  N  N   . ASN A 1 113 ? 3.625   0.259   8.259   1.00 11.85 ? 217  ASN A N   1 
ATOM   931  C  CA  . ASN A 1 113 ? 4.435   -0.660  9.069   1.00 11.36 ? 217  ASN A CA  1 
ATOM   932  C  C   . ASN A 1 113 ? 5.099   -1.656  8.143   1.00 11.44 ? 217  ASN A C   1 
ATOM   933  O  O   . ASN A 1 113 ? 4.446   -2.210  7.268   1.00 11.43 ? 217  ASN A O   1 
ATOM   934  C  CB  . ASN A 1 113 ? 3.548   -1.387  10.085  1.00 11.92 ? 217  ASN A CB  1 
ATOM   935  C  CG  . ASN A 1 113 ? 4.284   -2.488  10.837  1.00 12.01 ? 217  ASN A CG  1 
ATOM   936  O  OD1 . ASN A 1 113 ? 5.470   -2.378  11.154  1.00 12.61 ? 217  ASN A OD1 1 
ATOM   937  N  ND2 . ASN A 1 113 ? 3.545   -3.556  11.152  1.00 13.19 ? 217  ASN A ND2 1 
ATOM   938  N  N   . ASP A 1 114 ? 6.401   -1.863  8.327   1.00 11.36 ? 218  ASP A N   1 
ATOM   939  C  CA  . ASP A 1 114 ? 7.058   -2.973  7.639   1.00 11.64 ? 218  ASP A CA  1 
ATOM   940  C  C   . ASP A 1 114 ? 6.642   -4.300  8.263   1.00 11.62 ? 218  ASP A C   1 
ATOM   941  O  O   . ASP A 1 114 ? 6.584   -4.443  9.510   1.00 12.26 ? 218  ASP A O   1 
ATOM   942  C  CB  . ASP A 1 114 ? 8.591   -2.820  7.579   1.00 11.69 ? 218  ASP A CB  1 
ATOM   943  C  CG  . ASP A 1 114 ? 9.258   -2.789  8.948   1.00 11.73 ? 218  ASP A CG  1 
ATOM   944  O  OD1 . ASP A 1 114 ? 8.612   -2.373  9.946   1.00 11.89 ? 218  ASP A OD1 1 
ATOM   945  O  OD2 . ASP A 1 114 ? 10.462  -3.152  8.991   1.00 11.96 ? 218  ASP A OD2 1 
ATOM   946  N  N   . ILE A 1 115 ? 6.324   -5.234  7.357   1.00 11.74 ? 219  ILE A N   1 
ATOM   947  C  CA  . ILE A 1 115 ? 5.918   -6.600  7.719   1.00 12.38 ? 219  ILE A CA  1 
ATOM   948  C  C   . ILE A 1 115 ? 6.538   -7.646  6.767   1.00 12.83 ? 219  ILE A C   1 
ATOM   949  O  O   . ILE A 1 115 ? 7.069   -7.309  5.706   1.00 12.96 ? 219  ILE A O   1 
ATOM   950  C  CB  . ILE A 1 115 ? 4.374   -6.774  7.727   1.00 12.30 ? 219  ILE A CB  1 
ATOM   951  C  CG1 . ILE A 1 115 ? 3.769   -6.719  6.315   1.00 12.57 ? 219  ILE A CG1 1 
ATOM   952  C  CG2 . ILE A 1 115 ? 3.715   -5.764  8.668   1.00 12.37 ? 219  ILE A CG2 1 
ATOM   953  C  CD1 . ILE A 1 115 ? 2.440   -7.440  6.239   1.00 12.81 ? 219  ILE A CD1 1 
ATOM   954  N  N   . PRO A 1 116 ? 6.461   -8.941  7.144   1.00 13.03 ? 220  PRO A N   1 
ATOM   955  C  CA  . PRO A 1 116 ? 6.937   -9.951  6.215   1.00 13.17 ? 220  PRO A CA  1 
ATOM   956  C  C   . PRO A 1 116 ? 6.041   -10.033 4.986   1.00 13.18 ? 220  PRO A C   1 
ATOM   957  O  O   . PRO A 1 116 ? 4.808   -10.012 5.097   1.00 13.43 ? 220  PRO A O   1 
ATOM   958  C  CB  . PRO A 1 116 ? 6.861   -11.241 7.049   1.00 12.96 ? 220  PRO A CB  1 
ATOM   959  C  CG  . PRO A 1 116 ? 6.895   -10.774 8.467   1.00 13.30 ? 220  PRO A CG  1 
ATOM   960  C  CD  . PRO A 1 116 ? 6.036   -9.546  8.416   1.00 13.33 ? 220  PRO A CD  1 
ATOM   961  N  N   . CYS A 1 117 ? 6.670   -10.100 3.819   1.00 13.64 ? 221  CYS A N   1 
ATOM   962  C  CA  . CYS A 1 117 ? 5.968   -10.199 2.548   0.75 13.89 ? 221  CYS A CA  1 
ATOM   963  C  C   . CYS A 1 117 ? 5.048   -11.416 2.471   1.00 14.87 ? 221  CYS A C   1 
ATOM   964  O  O   . CYS A 1 117 ? 4.028   -11.370 1.794   1.00 15.23 ? 221  CYS A O   1 
ATOM   965  C  CB  . CYS A 1 117 ? 6.974   -10.201 1.387   0.75 13.38 ? 221  CYS A CB  1 
ATOM   966  S  SG  . CYS A 1 117 ? 7.997   -8.706  1.341   0.75 12.84 ? 221  CYS A SG  1 
ATOM   967  N  N   . LYS A 1 118 ? 5.405   -12.479 3.195   1.00 16.53 ? 222  LYS A N   1 
ATOM   968  C  CA  . LYS A 1 118 ? 4.635   -13.715 3.133   1.00 18.11 ? 222  LYS A CA  1 
ATOM   969  C  C   . LYS A 1 118 ? 3.353   -13.660 3.963   1.00 18.03 ? 222  LYS A C   1 
ATOM   970  O  O   . LYS A 1 118 ? 2.477   -14.504 3.794   1.00 19.16 ? 222  LYS A O   1 
ATOM   971  C  CB  . LYS A 1 118 ? 5.495   -14.919 3.557   1.00 19.71 ? 222  LYS A CB  1 
ATOM   972  C  CG  . LYS A 1 118 ? 5.958   -14.886 5.004   1.00 21.87 ? 222  LYS A CG  1 
ATOM   973  C  CD  . LYS A 1 118 ? 6.540   -16.223 5.461   1.00 25.34 ? 222  LYS A CD  1 
ATOM   974  C  CE  . LYS A 1 118 ? 7.835   -16.564 4.739   1.00 27.14 ? 222  LYS A CE  1 
ATOM   975  N  NZ  . LYS A 1 118 ? 8.487   -17.750 5.359   1.00 30.08 ? 222  LYS A NZ  1 
ATOM   976  N  N   . ASP A 1 119 ? 3.226   -12.675 4.850   1.00 17.73 ? 223  ASP A N   1 
ATOM   977  C  CA  . ASP A 1 119 ? 2.044   -12.597 5.716   0.50 17.36 ? 223  ASP A CA  1 
ATOM   978  C  C   . ASP A 1 119 ? 0.852   -12.127 4.905   1.00 18.56 ? 223  ASP A C   1 
ATOM   979  O  O   . ASP A 1 119 ? 0.953   -11.158 4.159   1.00 19.46 ? 223  ASP A O   1 
ATOM   980  C  CB  . ASP A 1 119 ? 2.267   -11.665 6.912   1.00 18.08 ? 223  ASP A CB  1 
ATOM   981  C  CG  . ASP A 1 119 ? 3.143   -12.278 7.997   1.00 18.47 ? 223  ASP A CG  1 
ATOM   982  O  OD1 . ASP A 1 119 ? 3.701   -13.380 7.793   1.00 20.28 ? 223  ASP A OD1 1 
ATOM   983  O  OD2 . ASP A 1 119 ? 3.302   -11.634 9.055   1.00 18.91 ? 223  ASP A OD2 1 
ATOM   984  N  N   . GLU A 1 120 ? -0.277  -12.809 5.036   1.00 18.47 ? 224  GLU A N   1 
ATOM   985  C  CA  . GLU A 1 120 ? -1.418  -12.539 4.166   1.00 19.90 ? 224  GLU A CA  1 
ATOM   986  C  C   . GLU A 1 120 ? -2.256  -11.373 4.665   1.00 18.54 ? 224  GLU A C   1 
ATOM   987  O  O   . GLU A 1 120 ? -2.677  -11.346 5.821   1.00 18.35 ? 224  GLU A O   1 
ATOM   988  C  CB  . GLU A 1 120 ? -2.280  -13.795 3.996   1.00 22.34 ? 224  GLU A CB  1 
ATOM   989  C  CG  . GLU A 1 120 ? -1.580  -14.892 3.212   1.00 25.54 ? 224  GLU A CG  1 
ATOM   990  C  CD  . GLU A 1 120 ? -2.415  -16.151 3.071   1.00 28.53 ? 224  GLU A CD  1 
ATOM   991  O  OE1 . GLU A 1 120 ? -3.226  -16.448 3.976   1.00 30.97 ? 224  GLU A OE1 1 
ATOM   992  O  OE2 . GLU A 1 120 ? -2.246  -16.848 2.046   1.00 31.05 ? 224  GLU A OE2 1 
ATOM   993  N  N   . HIS A 1 121 ? -2.475  -10.401 3.778   1.00 17.75 ? 225  HIS A N   1 
ATOM   994  C  CA  . HIS A 1 121 ? -3.245  -9.209  4.110   1.00 17.42 ? 225  HIS A CA  1 
ATOM   995  C  C   . HIS A 1 121 ? -4.120  -8.787  2.979   1.00 16.18 ? 225  HIS A C   1 
ATOM   996  O  O   . HIS A 1 121 ? -4.039  -9.315  1.867   1.00 16.98 ? 225  HIS A O   1 
ATOM   997  C  CB  . HIS A 1 121 ? -2.303  -8.062  4.494   1.00 17.72 ? 225  HIS A CB  1 
ATOM   998  C  CG  . HIS A 1 121 ? -1.691  -8.235  5.852   1.00 17.86 ? 225  HIS A CG  1 
ATOM   999  N  ND1 . HIS A 1 121 ? -0.598  -9.001  6.063   1.00 18.31 ? 225  HIS A ND1 1 
ATOM   1000 C  CD2 . HIS A 1 121 ? -2.084  -7.757  7.091   1.00 19.00 ? 225  HIS A CD2 1 
ATOM   1001 C  CE1 . HIS A 1 121 ? -0.307  -8.996  7.373   1.00 18.27 ? 225  HIS A CE1 1 
ATOM   1002 N  NE2 . HIS A 1 121 ? -1.210  -8.238  7.998   1.00 19.08 ? 225  HIS A NE2 1 
ATOM   1003 N  N   . ASN A 1 122 ? -4.968  -7.806  3.262   1.00 16.62 ? 226  ASN A N   1 
ATOM   1004 C  CA  . ASN A 1 122 ? -5.694  -7.109  2.212   1.00 16.79 ? 226  ASN A CA  1 
ATOM   1005 C  C   . ASN A 1 122 ? -4.734  -6.184  1.465   1.00 16.15 ? 226  ASN A C   1 
ATOM   1006 O  O   . ASN A 1 122 ? -3.542  -6.168  1.758   1.00 15.54 ? 226  ASN A O   1 
ATOM   1007 C  CB  . ASN A 1 122 ? -6.875  -6.384  2.836   1.00 18.06 ? 226  ASN A CB  1 
ATOM   1008 C  CG  . ASN A 1 122 ? -7.834  -7.358  3.495   1.00 19.14 ? 226  ASN A CG  1 
ATOM   1009 O  OD1 . ASN A 1 122 ? -8.529  -8.111  2.808   1.00 21.41 ? 226  ASN A OD1 1 
ATOM   1010 N  ND2 . ASN A 1 122 ? -7.810  -7.410  4.815   1.00 20.67 ? 226  ASN A ND2 1 
ATOM   1011 N  N   . SER A 1 123 ? -5.223  -5.451  0.476   1.00 15.42 ? 227  SER A N   1 
ATOM   1012 C  CA  . SER A 1 123 ? -4.326  -4.628  -0.334  1.00 15.44 ? 227  SER A CA  1 
ATOM   1013 C  C   . SER A 1 123 ? -5.117  -3.543  -1.039  1.00 14.83 ? 227  SER A C   1 
ATOM   1014 O  O   . SER A 1 123 ? -6.353  -3.557  -1.023  1.00 14.75 ? 227  SER A O   1 
ATOM   1015 C  CB  . SER A 1 123 ? -3.546  -5.492  -1.341  1.00 16.67 ? 227  SER A CB  1 
ATOM   1016 O  OG  . SER A 1 123 ? -4.410  -6.227  -2.189  1.00 18.29 ? 227  SER A OG  1 
ATOM   1017 N  N   . VAL A 1 124 ? -4.392  -2.591  -1.625  1.00 14.54 ? 228  VAL A N   1 
ATOM   1018 C  CA  . VAL A 1 124 ? -4.992  -1.532  -2.444  1.00 14.85 ? 228  VAL A CA  1 
ATOM   1019 C  C   . VAL A 1 124 ? -4.327  -1.512  -3.819  1.00 14.52 ? 228  VAL A C   1 
ATOM   1020 O  O   . VAL A 1 124 ? -3.098  -1.433  -3.912  1.00 14.74 ? 228  VAL A O   1 
ATOM   1021 C  CB  . VAL A 1 124 ? -4.838  -0.144  -1.779  1.00 14.58 ? 228  VAL A CB  1 
ATOM   1022 C  CG1 . VAL A 1 124 ? -5.494  0.934   -2.643  1.00 15.61 ? 228  VAL A CG1 1 
ATOM   1023 C  CG2 . VAL A 1 124 ? -5.457  -0.136  -0.386  1.00 15.50 ? 228  VAL A CG2 1 
ATOM   1024 N  N   . CYS A 1 125 ? -5.134  -1.608  -4.877  1.00 14.89 ? 229  CYS A N   1 
ATOM   1025 C  CA  . CYS A 1 125 ? -4.646  -1.532  -6.252  0.50 14.83 ? 229  CYS A CA  1 
ATOM   1026 C  C   . CYS A 1 125 ? -4.912  -0.158  -6.813  1.00 15.84 ? 229  CYS A C   1 
ATOM   1027 O  O   . CYS A 1 125 ? -5.832  0.539   -6.381  1.00 16.26 ? 229  CYS A O   1 
ATOM   1028 C  CB  . CYS A 1 125 ? -5.336  -2.547  -7.168  0.50 14.60 ? 229  CYS A CB  1 
ATOM   1029 S  SG  . CYS A 1 125 ? -5.235  -4.271  -6.650  0.50 14.36 ? 229  CYS A SG  1 
ATOM   1030 N  N   . GLN A 1 126 ? -4.102  0.208   -7.795  1.00 16.61 ? 230  GLN A N   1 
ATOM   1031 C  CA  . GLN A 1 126 ? -4.173  1.524   -8.396  1.00 17.29 ? 230  GLN A CA  1 
ATOM   1032 C  C   . GLN A 1 126 ? -3.901  1.440   -9.887  1.00 17.55 ? 230  GLN A C   1 
ATOM   1033 O  O   . GLN A 1 126 ? -3.034  0.690   -10.324 1.00 18.01 ? 230  GLN A O   1 
ATOM   1034 C  CB  . GLN A 1 126 ? -3.160  2.420   -7.705  1.00 18.46 ? 230  GLN A CB  1 
ATOM   1035 C  CG  . GLN A 1 126 ? -2.918  3.755   -8.367  1.00 20.10 ? 230  GLN A CG  1 
ATOM   1036 C  CD  . GLN A 1 126 ? -1.769  4.471   -7.719  1.00 22.08 ? 230  GLN A CD  1 
ATOM   1037 O  OE1 . GLN A 1 126 ? -0.761  3.864   -7.403  1.00 21.13 ? 230  GLN A OE1 1 
ATOM   1038 N  NE2 . GLN A 1 126 ? -1.920  5.775   -7.510  1.00 23.35 ? 230  GLN A NE2 1 
ATOM   1039 N  N   . VAL A 1 127 ? -4.652  2.218   -10.664 1.00 16.95 ? 231  VAL A N   1 
ATOM   1040 C  CA  . VAL A 1 127 ? -4.422  2.319   -12.100 0.50 17.61 ? 231  VAL A CA  1 
ATOM   1041 C  C   . VAL A 1 127 ? -4.728  3.745   -12.551 1.00 18.09 ? 231  VAL A C   1 
ATOM   1042 O  O   . VAL A 1 127 ? -5.584  4.403   -11.970 1.00 18.60 ? 231  VAL A O   1 
ATOM   1043 C  CB  . VAL A 1 127 ? -5.270  1.279   -12.881 1.00 18.12 ? 231  VAL A CB  1 
ATOM   1044 C  CG1 . VAL A 1 127 ? -6.766  1.535   -12.722 1.00 19.30 ? 231  VAL A CG1 1 
ATOM   1045 C  CG2 . VAL A 1 127 ? -4.867  1.238   -14.354 1.00 19.22 ? 231  VAL A CG2 1 
ATOM   1046 N  N   . LYS A 1 128 ? -4.012  4.229   -13.562 1.00 18.33 ? 232  LYS A N   1 
ATOM   1047 C  CA  . LYS A 1 128 ? -4.341  5.526   -14.148 0.50 19.21 ? 232  LYS A CA  1 
ATOM   1048 C  C   . LYS A 1 128 ? -5.715  5.454   -14.817 1.00 20.48 ? 232  LYS A C   1 
ATOM   1049 O  O   . LYS A 1 128 ? -6.069  4.442   -15.419 1.00 20.74 ? 232  LYS A O   1 
ATOM   1050 C  CB  . LYS A 1 128 ? -3.267  5.956   -15.157 1.00 20.24 ? 232  LYS A CB  1 
ATOM   1051 C  CG  . LYS A 1 128 ? -3.491  7.348   -15.722 1.00 22.02 ? 232  LYS A CG  1 
ATOM   1052 C  CD  . LYS A 1 128 ? -2.495  7.703   -16.810 1.00 23.33 ? 232  LYS A CD  1 
ATOM   1053 C  CE  . LYS A 1 128 ? -2.810  9.084   -17.370 1.00 24.95 ? 232  LYS A CE  1 
ATOM   1054 N  NZ  . LYS A 1 128 ? -1.934  9.426   -18.524 1.00 26.33 ? 232  LYS A NZ  1 
ATOM   1055 N  N   . LYS A 1 129 ? -6.498  6.525   -14.706 1.00 20.21 ? 233  LYS A N   1 
ATOM   1056 C  CA  . LYS A 1 129 ? -7.756  6.605   -15.452 1.00 21.25 ? 233  LYS A CA  1 
ATOM   1057 C  C   . LYS A 1 129 ? -7.529  6.446   -16.958 1.00 23.47 ? 233  LYS A C   1 
ATOM   1058 O  O   . LYS A 1 129 ? -6.510  6.895   -17.493 1.00 25.22 ? 233  LYS A O   1 
ATOM   1059 C  CB  . LYS A 1 129 ? -8.440  7.942   -15.186 1.00 21.13 ? 233  LYS A CB  1 
ATOM   1060 C  CG  . LYS A 1 129 ? -9.010  8.094   -13.788 1.00 20.01 ? 233  LYS A CG  1 
ATOM   1061 C  CD  . LYS A 1 129 ? -9.781  9.397   -13.679 1.00 19.05 ? 233  LYS A CD  1 
ATOM   1062 C  CE  . LYS A 1 129 ? -10.428 9.579   -12.321 1.00 18.80 ? 233  LYS A CE  1 
ATOM   1063 N  NZ  . LYS A 1 129 ? -10.887 10.992  -12.182 1.00 17.76 ? 233  LYS A NZ  1 
HETATM 1064 C  C1  . MMA B 2 .   ? 5.583   -8.242  19.505  1.00 19.26 ? 1    MMA B C1  1 
HETATM 1065 C  C2  . MMA B 2 .   ? 5.858   -7.598  18.151  1.00 18.04 ? 1    MMA B C2  1 
HETATM 1066 C  C3  . MMA B 2 .   ? 4.829   -8.061  17.125  1.00 17.98 ? 1    MMA B C3  1 
HETATM 1067 C  C4  . MMA B 2 .   ? 4.755   -9.585  17.014  1.00 17.63 ? 1    MMA B C4  1 
HETATM 1068 C  C5  . MMA B 2 .   ? 4.616   -10.201 18.414  1.00 18.59 ? 1    MMA B C5  1 
HETATM 1069 C  C6  . MMA B 2 .   ? 4.771   -11.712 18.416  1.00 20.55 ? 1    MMA B C6  1 
HETATM 1070 C  C7  . MMA B 2 .   ? 4.095   -8.162  21.328  1.00 20.71 ? 1    MMA B C7  1 
HETATM 1071 O  O1  . MMA B 2 .   ? 4.323   -7.779  19.962  1.00 20.17 ? 1    MMA B O1  1 
HETATM 1072 O  O2  . MMA B 2 .   ? 7.192   -7.920  17.726  1.00 19.17 ? 1    MMA B O2  1 
HETATM 1073 O  O3  . MMA B 2 .   ? 5.201   -7.514  15.850  1.00 16.14 ? 1    MMA B O3  1 
HETATM 1074 O  O4  . MMA B 2 .   ? 3.604   -9.938  16.249  1.00 17.60 ? 1    MMA B O4  1 
HETATM 1075 O  O5  . MMA B 2 .   ? 5.571   -9.665  19.339  1.00 18.77 ? 1    MMA B O5  1 
HETATM 1076 O  O6  . MMA B 2 .   ? 4.105   -12.191 19.598  1.00 22.19 ? 1    MMA B O6  1 
HETATM 1077 C  C1  . MAN B 2 .   ? 4.205   -6.616  15.317  1.00 15.66 ? 2    MAN B C1  1 
HETATM 1078 C  C2  . MAN B 2 .   ? 4.427   -6.474  13.809  1.00 14.62 ? 2    MAN B C2  1 
HETATM 1079 C  C3  . MAN B 2 .   ? 5.694   -5.654  13.527  1.00 14.89 ? 2    MAN B C3  1 
HETATM 1080 C  C4  . MAN B 2 .   ? 5.613   -4.324  14.257  1.00 14.52 ? 2    MAN B C4  1 
HETATM 1081 C  C5  . MAN B 2 .   ? 5.387   -4.571  15.765  1.00 15.34 ? 2    MAN B C5  1 
HETATM 1082 C  C6  . MAN B 2 .   ? 5.247   -3.264  16.550  1.00 16.73 ? 2    MAN B C6  1 
HETATM 1083 O  O2  . MAN B 2 .   ? 3.310   -5.789  13.277  1.00 15.14 ? 2    MAN B O2  1 
HETATM 1084 O  O3  . MAN B 2 .   ? 5.927   -5.307  12.158  1.00 14.28 ? 2    MAN B O3  1 
HETATM 1085 O  O4  . MAN B 2 .   ? 6.807   -3.641  13.879  1.00 14.07 ? 2    MAN B O4  1 
HETATM 1086 O  O5  . MAN B 2 .   ? 4.210   -5.349  15.951  1.00 15.61 ? 2    MAN B O5  1 
HETATM 1087 O  O6  . MAN B 2 .   ? 5.184   -3.568  17.940  1.00 18.68 ? 2    MAN B O6  1 
HETATM 1088 C  C1  . NAG B 2 .   ? 2.213   -6.615  12.898  1.00 15.21 ? 3    NAG B C1  1 
HETATM 1089 C  C2  . NAG B 2 .   ? 0.970   -5.716  12.812  1.00 16.32 ? 3    NAG B C2  1 
HETATM 1090 C  C3  . NAG B 2 .   ? -0.248  -6.487  12.304  1.00 17.46 ? 3    NAG B C3  1 
HETATM 1091 C  C4  . NAG B 2 .   ? 0.101   -7.282  11.045  1.00 17.41 ? 3    NAG B C4  1 
HETATM 1092 C  C5  . NAG B 2 .   ? 1.382   -8.103  11.235  1.00 16.36 ? 3    NAG B C5  1 
HETATM 1093 C  C6  . NAG B 2 .   ? 1.858   -8.754  9.943   1.00 16.13 ? 3    NAG B C6  1 
HETATM 1094 C  C7  . NAG B 2 .   ? 1.142   -3.859  14.403  1.00 17.19 ? 3    NAG B C7  1 
HETATM 1095 C  C8  . NAG B 2 .   ? 0.952   -3.414  15.819  1.00 17.73 ? 3    NAG B C8  1 
HETATM 1096 N  N2  . NAG B 2 .   ? 0.795   -5.115  14.124  1.00 17.08 ? 3    NAG B N2  1 
HETATM 1097 O  O3  . NAG B 2 .   ? -1.278  -5.565  12.000  1.00 19.66 ? 3    NAG B O3  1 
HETATM 1098 O  O4  . NAG B 2 .   ? -0.962  -8.134  10.697  1.00 18.12 ? 3    NAG B O4  1 
HETATM 1099 O  O5  . NAG B 2 .   ? 2.433   -7.252  11.651  1.00 15.34 ? 3    NAG B O5  1 
HETATM 1100 O  O6  . NAG B 2 .   ? 1.241   -10.003 9.715   1.00 17.15 ? 3    NAG B O6  1 
HETATM 1101 O  O7  . NAG B 2 .   ? 1.611   -3.086  13.556  1.00 17.24 ? 3    NAG B O7  1 
HETATM 1102 C  C1  . MAN B 2 .   ? 4.320   -13.606 19.741  1.00 24.04 ? 4    MAN B C1  1 
HETATM 1103 C  C2  . MAN B 2 .   ? 3.298   -14.144 20.741  1.00 25.63 ? 4    MAN B C2  1 
HETATM 1104 C  C3  . MAN B 2 .   ? 3.611   -13.567 22.119  1.00 26.57 ? 4    MAN B C3  1 
HETATM 1105 C  C4  . MAN B 2 .   ? 5.063   -13.823 22.517  1.00 27.07 ? 4    MAN B C4  1 
HETATM 1106 C  C5  . MAN B 2 .   ? 6.032   -13.378 21.417  1.00 26.40 ? 4    MAN B C5  1 
HETATM 1107 C  C6  . MAN B 2 .   ? 7.452   -13.851 21.715  1.00 27.73 ? 4    MAN B C6  1 
HETATM 1108 O  O2  . MAN B 2 .   ? 3.351   -15.558 20.798  1.00 25.79 ? 4    MAN B O2  1 
HETATM 1109 O  O3  . MAN B 2 .   ? 2.759   -14.128 23.092  1.00 28.12 ? 4    MAN B O3  1 
HETATM 1110 O  O4  . MAN B 2 .   ? 5.323   -13.140 23.720  1.00 28.37 ? 4    MAN B O4  1 
HETATM 1111 O  O5  . MAN B 2 .   ? 5.636   -13.912 20.164  1.00 24.16 ? 4    MAN B O5  1 
HETATM 1112 O  O6  . MAN B 2 .   ? 8.359   -13.197 20.857  1.00 30.67 ? 4    MAN B O6  1 
HETATM 1113 C  C1  . NAG B 2 .   ? 2.639   -16.199 19.729  1.00 27.35 ? 5    NAG B C1  1 
HETATM 1114 C  C2  . NAG B 2 .   ? 3.162   -17.633 19.550  1.00 28.03 ? 5    NAG B C2  1 
HETATM 1115 C  C3  . NAG B 2 .   ? 2.381   -18.333 18.437  1.00 29.15 ? 5    NAG B C3  1 
HETATM 1116 C  C4  . NAG B 2 .   ? 0.871   -18.194 18.652  1.00 29.96 ? 5    NAG B C4  1 
HETATM 1117 C  C5  . NAG B 2 .   ? 0.488   -16.722 18.845  1.00 30.11 ? 5    NAG B C5  1 
HETATM 1118 C  C6  . NAG B 2 .   ? -1.000  -16.546 19.138  1.00 31.53 ? 5    NAG B C6  1 
HETATM 1119 C  C7  . NAG B 2 .   ? 5.546   -17.746 20.195  1.00 26.75 ? 5    NAG B C7  1 
HETATM 1120 C  C8  . NAG B 2 .   ? 6.966   -17.657 19.722  1.00 26.30 ? 5    NAG B C8  1 
HETATM 1121 N  N2  . NAG B 2 .   ? 4.593   -17.600 19.267  1.00 27.38 ? 5    NAG B N2  1 
HETATM 1122 O  O3  . NAG B 2 .   ? 2.714   -19.704 18.391  1.00 30.48 ? 5    NAG B O3  1 
HETATM 1123 O  O4  . NAG B 2 .   ? 0.204   -18.754 17.547  1.00 32.03 ? 5    NAG B O4  1 
HETATM 1124 O  O5  . NAG B 2 .   ? 1.232   -16.190 19.925  1.00 29.20 ? 5    NAG B O5  1 
HETATM 1125 O  O6  . NAG B 2 .   ? -1.370  -15.194 18.967  1.00 34.09 ? 5    NAG B O6  1 
HETATM 1126 O  O7  . NAG B 2 .   ? 5.323   -17.941 21.390  1.00 27.25 ? 5    NAG B O7  1 
HETATM 1127 C  C1  . NAG B 2 .   ? 3.887   -10.766 15.122  1.00 18.17 ? 6    NAG B C1  1 
HETATM 1128 C  C2  . NAG B 2 .   ? 2.609   -11.514 14.759  1.00 18.97 ? 6    NAG B C2  1 
HETATM 1129 C  C3  . NAG B 2 .   ? 2.854   -12.413 13.548  1.00 18.34 ? 6    NAG B C3  1 
HETATM 1130 C  C4  . NAG B 2 .   ? 3.514   -11.647 12.396  1.00 17.70 ? 6    NAG B C4  1 
HETATM 1131 C  C5  . NAG B 2 .   ? 4.710   -10.857 12.921  1.00 16.81 ? 6    NAG B C5  1 
HETATM 1132 C  C6  . NAG B 2 .   ? 5.333   -9.978  11.838  1.00 16.35 ? 6    NAG B C6  1 
HETATM 1133 C  C7  . NAG B 2 .   ? 1.173   -11.948 16.703  1.00 21.74 ? 6    NAG B C7  1 
HETATM 1134 C  C8  . NAG B 2 .   ? 0.861   -12.911 17.815  1.00 22.88 ? 6    NAG B C8  1 
HETATM 1135 N  N2  . NAG B 2 .   ? 2.163   -12.323 15.888  1.00 20.77 ? 6    NAG B N2  1 
HETATM 1136 O  O3  . NAG B 2 .   ? 1.615   -12.940 13.134  1.00 19.69 ? 6    NAG B O3  1 
HETATM 1137 O  O4  . NAG B 2 .   ? 3.928   -12.569 11.409  1.00 18.43 ? 6    NAG B O4  1 
HETATM 1138 O  O5  . NAG B 2 .   ? 4.344   -10.018 14.008  1.00 17.17 ? 6    NAG B O5  1 
HETATM 1139 O  O6  . NAG B 2 .   ? 6.598   -9.520  12.262  1.00 16.25 ? 6    NAG B O6  1 
HETATM 1140 O  O7  . NAG B 2 .   ? 0.538   -10.896 16.605  1.00 23.44 ? 6    NAG B O7  1 
HETATM 1141 CA CA  . CA  C 3 .   ? 7.457   -3.578  11.570  1.00 13.53 ? 1007 CA  A CA  1 
HETATM 1142 S  S   . SO4 D 4 .   ? 11.808  -14.547 3.288   1.00 20.86 ? 1008 SO4 A S   1 
HETATM 1143 O  O1  . SO4 D 4 .   ? 12.134  -13.945 1.964   1.00 19.72 ? 1008 SO4 A O1  1 
HETATM 1144 O  O2  . SO4 D 4 .   ? 12.621  -15.763 3.565   1.00 18.40 ? 1008 SO4 A O2  1 
HETATM 1145 O  O3  . SO4 D 4 .   ? 12.010  -13.540 4.356   1.00 20.98 ? 1008 SO4 A O3  1 
HETATM 1146 O  O4  . SO4 D 4 .   ? 10.378  -14.940 3.264   1.00 21.69 ? 1008 SO4 A O4  1 
HETATM 1147 S  S   . SO4 E 4 .   ? -5.057  9.605   10.826  1.00 42.77 ? 1009 SO4 A S   1 
HETATM 1148 O  O1  . SO4 E 4 .   ? -5.576  9.701   9.442   1.00 41.58 ? 1009 SO4 A O1  1 
HETATM 1149 O  O2  . SO4 E 4 .   ? -5.342  8.250   11.348  1.00 41.62 ? 1009 SO4 A O2  1 
HETATM 1150 O  O3  . SO4 E 4 .   ? -5.717  10.612  11.690  1.00 44.27 ? 1009 SO4 A O3  1 
HETATM 1151 O  O4  . SO4 E 4 .   ? -3.591  9.819   10.831  1.00 44.85 ? 1009 SO4 A O4  1 
HETATM 1152 C  C1  . EDO F 5 .   ? 5.477   -15.639 16.157  1.00 31.86 ? 1010 EDO A C1  1 
HETATM 1153 O  O1  . EDO F 5 .   ? 5.981   -15.227 17.317  1.00 35.39 ? 1010 EDO A O1  1 
HETATM 1154 C  C2  . EDO F 5 .   ? 4.227   -15.377 15.800  1.00 30.48 ? 1010 EDO A C2  1 
HETATM 1155 O  O2  . EDO F 5 .   ? 3.406   -14.682 16.580  1.00 29.25 ? 1010 EDO A O2  1 
HETATM 1156 O  O   . HOH G 6 .   ? 4.867   -3.798  0.425   1.00 16.97 ? 1101 HOH A O   1 
HETATM 1157 O  O   . HOH G 6 .   ? 15.970  -6.224  1.653   1.00 18.48 ? 1102 HOH A O   1 
HETATM 1158 O  O   . HOH G 6 .   ? 16.460  -4.972  5.181   1.00 22.82 ? 1103 HOH A O   1 
HETATM 1159 O  O   . HOH G 6 .   ? 18.301  -3.660  6.973   1.00 27.48 ? 1104 HOH A O   1 
HETATM 1160 O  O   . HOH G 6 .   ? 19.277  -6.057  3.239   1.00 25.98 ? 1105 HOH A O   1 
HETATM 1161 O  O   . HOH G 6 .   ? 14.377  -0.651  10.492  1.00 22.13 ? 1106 HOH A O   1 
HETATM 1162 O  O   . HOH G 6 .   ? 13.772  3.309   6.883   1.00 20.44 ? 1107 HOH A O   1 
HETATM 1163 O  O   . HOH G 6 .   ? 14.982  2.284   9.295   1.00 27.90 ? 1108 HOH A O   1 
HETATM 1164 O  O   . HOH G 6 .   ? 19.120  3.014   3.804   1.00 27.79 ? 1109 HOH A O   1 
HETATM 1165 O  O   . HOH G 6 .   ? 15.891  4.073   5.222   1.00 25.40 ? 1110 HOH A O   1 
HETATM 1166 O  O   . HOH G 6 .   ? 14.968  4.593   1.658   1.00 23.55 ? 1111 HOH A O   1 
HETATM 1167 O  O   . HOH G 6 .   ? 17.613  5.862   0.092   1.00 34.96 ? 1112 HOH A O   1 
HETATM 1168 O  O   . HOH G 6 .   ? 11.416  4.107   -5.834  1.00 19.43 ? 1113 HOH A O   1 
HETATM 1169 O  O   . HOH G 6 .   ? 13.751  5.758   -5.107  1.00 25.51 ? 1114 HOH A O   1 
HETATM 1170 O  O   . HOH G 6 .   ? 8.522   10.951  -5.964  1.00 30.59 ? 1115 HOH A O   1 
HETATM 1171 O  O   . HOH G 6 .   ? 6.020   12.578  -4.184  1.00 26.03 ? 1116 HOH A O   1 
HETATM 1172 O  O   . HOH G 6 .   ? 13.563  12.006  -0.989  1.00 24.64 ? 1117 HOH A O   1 
HETATM 1173 O  O   . HOH G 6 .   ? 5.808   16.186  -0.148  1.00 29.91 ? 1118 HOH A O   1 
HETATM 1174 O  O   . HOH G 6 .   ? -4.228  10.461  -8.275  1.00 27.44 ? 1119 HOH A O   1 
HETATM 1175 O  O   . HOH G 6 .   ? -1.558  2.925   -14.452 1.00 25.10 ? 1120 HOH A O   1 
HETATM 1176 O  O   . HOH G 6 .   ? -1.196  0.083   -14.287 1.00 30.87 ? 1121 HOH A O   1 
HETATM 1177 O  O   . HOH G 6 .   ? 2.954   3.086   -14.140 1.00 33.67 ? 1122 HOH A O   1 
HETATM 1178 O  O   . HOH G 6 .   ? 1.108   6.893   -7.674  1.00 20.94 ? 1123 HOH A O   1 
HETATM 1179 O  O   . HOH G 6 .   ? 3.453   6.917   -9.191  1.00 24.23 ? 1124 HOH A O   1 
HETATM 1180 O  O   . HOH G 6 .   ? -1.648  11.119  6.724   1.00 18.79 ? 1125 HOH A O   1 
HETATM 1181 O  O   . HOH G 6 .   ? -1.927  8.301   7.555   1.00 19.32 ? 1126 HOH A O   1 
HETATM 1182 O  O   . HOH G 6 .   ? -4.638  9.003   6.985   1.00 18.01 ? 1127 HOH A O   1 
HETATM 1183 O  O   . HOH G 6 .   ? -9.125  10.183  5.583   1.00 16.00 ? 1128 HOH A O   1 
HETATM 1184 O  O   . HOH G 6 .   ? -8.693  8.150   7.320   1.00 20.28 ? 1129 HOH A O   1 
HETATM 1185 O  O   . HOH G 6 .   ? 7.546   -8.680  14.724  1.00 16.57 ? 1130 HOH A O   1 
HETATM 1186 O  O   . HOH G 6 .   ? 8.713   -5.966  16.758  1.00 27.98 ? 1131 HOH A O   1 
HETATM 1187 O  O   . HOH G 6 .   ? 5.676   0.486   16.277  1.00 19.21 ? 1132 HOH A O   1 
HETATM 1188 O  O   . HOH G 6 .   ? 3.281   3.023   16.572  1.00 18.39 ? 1133 HOH A O   1 
HETATM 1189 O  O   . HOH G 6 .   ? 3.361   -0.942  13.854  1.00 18.10 ? 1134 HOH A O   1 
HETATM 1190 O  O   . HOH G 6 .   ? 1.772   4.961   15.392  1.00 25.38 ? 1135 HOH A O   1 
HETATM 1191 O  O   . HOH G 6 .   ? -3.064  -5.849  9.793   1.00 24.34 ? 1136 HOH A O   1 
HETATM 1192 O  O   . HOH G 6 .   ? -5.624  -1.868  10.814  1.00 19.62 ? 1137 HOH A O   1 
HETATM 1193 O  O   . HOH G 6 .   ? -5.702  -7.652  6.874   1.00 23.61 ? 1138 HOH A O   1 
HETATM 1194 O  O   . HOH G 6 .   ? -10.233 -10.329 3.569   1.00 30.67 ? 1139 HOH A O   1 
HETATM 1195 O  O   . HOH G 6 .   ? -4.359  -8.740  -0.837  1.00 18.54 ? 1140 HOH A O   1 
HETATM 1196 O  O   . HOH G 6 .   ? -6.131  -10.830 -1.445  1.00 25.34 ? 1141 HOH A O   1 
HETATM 1197 O  O   . HOH G 6 .   ? -12.792 -0.532  -4.048  1.00 26.47 ? 1142 HOH A O   1 
HETATM 1198 O  O   . HOH G 6 .   ? 10.475  -1.824  -5.441  1.00 23.74 ? 1143 HOH A O   1 
HETATM 1199 O  O   . HOH G 6 .   ? 16.494  -6.093  11.922  1.00 27.27 ? 1144 HOH A O   1 
HETATM 1200 O  O   . HOH G 6 .   ? 7.340   12.693  4.960   1.00 16.72 ? 1145 HOH A O   1 
HETATM 1201 O  O   . HOH G 6 .   ? 10.712  9.751   5.176   1.00 25.85 ? 1146 HOH A O   1 
HETATM 1202 O  O   . HOH G 6 .   ? 9.646   -9.817  4.059   1.00 16.92 ? 1147 HOH A O   1 
HETATM 1203 O  O   . HOH G 6 .   ? 8.428   -12.793 3.883   1.00 21.38 ? 1148 HOH A O   1 
HETATM 1204 O  O   . HOH G 6 .   ? 10.277  -12.401 6.226   1.00 20.92 ? 1149 HOH A O   1 
HETATM 1205 O  O   . HOH G 6 .   ? 9.190   -14.152 8.183   1.00 28.20 ? 1150 HOH A O   1 
HETATM 1206 O  O   . HOH G 6 .   ? 6.234   -14.354 8.692   1.00 26.64 ? 1151 HOH A O   1 
HETATM 1207 O  O   . HOH G 6 .   ? 5.256   -12.001 -1.148  1.00 24.51 ? 1152 HOH A O   1 
HETATM 1208 O  O   . HOH G 6 .   ? 4.144   -10.972 -7.879  1.00 31.56 ? 1153 HOH A O   1 
HETATM 1209 O  O   . HOH G 6 .   ? -0.946  3.864   -11.679 1.00 25.54 ? 1154 HOH A O   1 
HETATM 1210 O  O   . HOH G 6 .   ? 2.941   -4.930  19.017  1.00 25.53 ? 1155 HOH A O   1 
HETATM 1211 O  O   . HOH G 6 .   ? -0.354  -6.697  16.112  1.00 29.38 ? 1156 HOH A O   1 
HETATM 1212 O  O   . HOH G 6 .   ? -7.316  0.432   15.718  1.00 32.35 ? 1157 HOH A O   1 
HETATM 1213 O  O   . HOH G 6 .   ? -13.383 0.999   9.723   1.00 28.20 ? 1158 HOH A O   1 
HETATM 1214 O  O   . HOH G 6 .   ? -12.968 -0.760  3.432   1.00 26.03 ? 1159 HOH A O   1 
HETATM 1215 O  O   . HOH G 6 .   ? -12.013 -7.368  -2.913  1.00 30.88 ? 1160 HOH A O   1 
HETATM 1216 O  O   . HOH G 6 .   ? -7.512  -9.917  -9.702  1.00 32.18 ? 1161 HOH A O   1 
HETATM 1217 O  O   . HOH G 6 .   ? 10.743  6.106   10.000  1.00 29.29 ? 1162 HOH A O   1 
HETATM 1218 O  O   . HOH G 6 .   ? 1.305   7.803   10.116  1.00 24.44 ? 1163 HOH A O   1 
HETATM 1219 O  O   . HOH G 6 .   ? -0.167  12.639  8.719   1.00 26.00 ? 1164 HOH A O   1 
HETATM 1220 O  O   . HOH G 6 .   ? 12.242  2.070   -7.646  1.00 30.90 ? 1165 HOH A O   1 
HETATM 1221 O  O   . HOH G 6 .   ? 9.069   5.093   -13.217 1.00 31.85 ? 1166 HOH A O   1 
HETATM 1222 O  O   . HOH G 6 .   ? 10.321  7.485   -12.441 1.00 34.88 ? 1167 HOH A O   1 
HETATM 1223 O  O   . HOH G 6 .   ? -13.795 -3.010  -2.786  1.00 29.01 ? 1168 HOH A O   1 
HETATM 1224 O  O   . HOH G 6 .   ? -1.796  7.003   -4.930  1.00 26.13 ? 1169 HOH A O   1 
HETATM 1225 O  O   . HOH G 6 .   ? 7.211   8.760   -2.782  1.00 24.13 ? 1170 HOH A O   1 
HETATM 1226 O  O   . HOH G 6 .   ? 5.654   9.609   -1.131  1.00 26.60 ? 1171 HOH A O   1 
HETATM 1227 O  O   . HOH G 6 .   ? 2.205   4.088   -11.681 1.00 27.32 ? 1172 HOH A O   1 
HETATM 1228 O  O   . HOH G 6 .   ? -4.970  3.167   -17.601 1.00 32.75 ? 1173 HOH A O   1 
HETATM 1229 O  O   . HOH G 6 .   ? 16.167  -3.096  11.091  1.00 34.76 ? 1174 HOH A O   1 
HETATM 1230 O  O   . HOH G 6 .   ? 12.906  3.324   11.955  1.00 31.79 ? 1175 HOH A O   1 
HETATM 1231 O  O   . HOH G 6 .   ? -7.762  7.371   13.125  1.00 29.69 ? 1176 HOH A O   1 
HETATM 1232 O  O   . HOH G 6 .   ? -8.912  8.316   10.010  1.00 31.29 ? 1177 HOH A O   1 
HETATM 1233 O  O   . HOH G 6 .   ? -13.706 9.718   -12.460 1.00 28.49 ? 1178 HOH A O   1 
HETATM 1234 O  O   . HOH G 6 .   ? -16.130 6.637   -10.888 1.00 31.46 ? 1179 HOH A O   1 
HETATM 1235 O  O   . HOH G 6 .   ? -12.930 11.931  -10.374 1.00 19.42 ? 1180 HOH A O   1 
HETATM 1236 O  O   . HOH G 6 .   ? -2.475  -2.554  14.210  1.00 43.43 ? 1181 HOH A O   1 
HETATM 1237 O  O   . HOH G 6 .   ? 6.055   -14.419 -0.020  1.00 38.94 ? 1182 HOH A O   1 
HETATM 1238 O  O   . HOH G 6 .   ? 2.612   -16.617 2.003   1.00 32.05 ? 1183 HOH A O   1 
HETATM 1239 O  O   . HOH G 6 .   ? -14.060 7.102   1.388   0.50 24.11 ? 1184 HOH A O   1 
HETATM 1240 O  O   . HOH G 6 .   ? 3.619   -4.580  21.826  1.00 38.17 ? 1185 HOH A O   1 
HETATM 1241 O  O   . HOH G 6 .   ? 11.810  6.707   4.852   1.00 30.43 ? 1186 HOH A O   1 
HETATM 1242 O  O   . HOH G 6 .   ? 11.286  4.595   14.038  1.00 32.55 ? 1187 HOH A O   1 
HETATM 1243 O  O   . HOH G 6 .   ? 12.134  5.504   7.404   1.00 36.79 ? 1188 HOH A O   1 
# 
